data_7S1B
#
_entry.id   7S1B
#
_cell.length_a   89.326
_cell.length_b   107.703
_cell.length_c   110.650
_cell.angle_alpha   90.000
_cell.angle_beta   93.110
_cell.angle_gamma   90.000
#
_symmetry.space_group_name_H-M   'P 1 21 1'
#
loop_
_entity.id
_entity.type
_entity.pdbx_description
1 polymer 'Envelope glycoprotein H'
2 polymer 'Envelope glycoprotein L'
3 polymer '770F7 Fab heavy chain'
4 polymer '770F7 Fab light chain'
5 polymer '769C2 Fab heavy chain'
6 polymer '769C2 Fab light chain'
7 polymer 'Soluble gp42'
8 non-polymer 2-acetamido-2-deoxy-beta-D-glucopyranose
#
loop_
_entity_poly.entity_id
_entity_poly.type
_entity_poly.pdbx_seq_one_letter_code
_entity_poly.pdbx_strand_id
1 'polypeptide(L)'
;ASLSEVKLHLDIEGHASHYTIPWTELMAKVPGLSPEALWREANVTEDLASMLNRYKLIYKTSGTLGIALAEPVDIPAVSE
GSMQVDASKVHPGVISGLNSPACMLSAPLEKQLFYYIGTMLPNTRPHSYVFYQLRC(HIP)LSYVALSINGDKFQYTGAM
TSKFLMGTYKRVTEKGDEHVLSLVFGKTKDLPDLRGPFSYPSLTSAQSGDYSLVIVTTFVHYANFHNYFVPNLKDMFSRA
VTMTAASYARYVLQKLVLLEMKGGCREPELDTETLTTMFEVSVAFFKVGHAVGETGNGCVDLRWLAKSFFELTVLKDIIG
ICYGATVKGMQSYGLERLAAMLMATVKMEELGHLTTEKQEYALRLATVGYPKAGVYSGLIGGATSVLLSAYNRHPLFQPL
HTVMRETLFIGSHVVLRELRLNVTTQGPNLALYQLLSTALCSALEIGEVLRGLALGTESGLFSPCYLSLRFDLTRDKLLS
MAPQEATLDQAAVSNAVDGFLGRLSLEREDRDAWHLPAYKCVDRLDKVLMIIPLINVTFIISSDREVRGSALYEASTTYL
SSSLFLSPVIMNKCSQGAVAGEPRQIPKIQNFTRTQKSCIFCGFALLSYDEKEGLETTTYITSQEVQNSILSSNYFDFDN
LHVHYLLLTTNGTVMEIAGLY
;
A
2 'polypeptide(L)'
;WAYPCCHVTQLAAQHLLALENISDIYLVSNQTCDGFSLASLNSPKNGSNQLVISRCANGLNVVSFFISILKRSSSALTGH
LRELLTTLETLYGSFSVEDLFGANLNRYAWHRGG
;
B
3 'polypeptide(L)'
;QVQFQQWGAGLLKPSETLSLTCGVYGGSLSGYYWSWIRQTPGKGLEWIGEINHTGTTNYNPSLKSRVTMSVDTSKNQFSL
KMSSLTAADTALYYCAREGAPRWALKRPSNWFDPWGQGTLVTVSSASTKGPSVFPLAPSSASTSGGTAALGCLVKDYFPE
PVTVSWNSGALTSGVHTFPAVLQSSGLYSLSSVVTVPSSSLGTQTYICNVNHKPSNTKVDKKVEPKSCDK
;
H
4 'polypeptide(L)'
;EIVLTQSPVSLSLSPGERATLSCRASQSLSSTYLAWYQQIPGQAPRLLIYGASSRAAGIPDRFSGGGSGTDFTLTISRLE
PEDFAVYYCQQYGSSPRSFGQGTKLEIKRTVAAPSVFIFPPSDEQLKSGTASVVCLLNNFYPREAKVQWKVDNALQSGNS
QESVTEQDSKDSTYSLSSTLTLSKADYEKHKVYACEVTHQGLSSPVTKSFNRGEC
;
L
5 'polypeptide(L)'
;EVQLVESGGGLVKPGGSLRLSCAASGFTFSTYAMDWVRQAPGKGLEWVSLISSRSSNIYYSDSVKGNFTISRDNAKNSLF
LQMNSLRAEDTAVYYCAREAGGFHSHFDMWGQGTLVTVSSASTKGPSVFPLAPSSKSTSGGTAALGCLVKDYFPEPVTVS
WNSGALTSGVHTFPAVLQSSGLYSLSSVVTVPSSSLGTQTYICNVNHKPSNTKVDKKVEPKSCDK
;
X
6 'polypeptide(L)'
;QSVLTQPASVSGSLGQSVTISCTGTSSDVGGYDYVSWYQQHPGKNPKLMIFEVNNRPSGVSTRFSGSKSGNTASLTISGL
QAEDEADYYCNSYSTTTTWVFGGGTSLTVLGQPKAAPSVTLFPPSSEELQANKATLVCLISDFYPGAVTVAWKADSSPVK
AGVETTTPSKQSNNKYAASSYLSLTPEQWKSHRSYSCQVTHEGSTVEKTVAPTEC
;
Y
7 'polypeptide(L)' KPNVEVWPVDPPPPVNFNKTAEQEYGDKEVKLP C
#
# COMPACT_ATOMS: atom_id res chain seq x y z
N ALA A 1 -16.11 -26.04 32.56
CA ALA A 1 -15.64 -25.70 31.22
C ALA A 1 -16.79 -25.18 30.36
N SER A 2 -16.55 -25.07 29.05
CA SER A 2 -17.57 -24.71 28.07
C SER A 2 -18.15 -23.32 28.37
N LEU A 3 -17.32 -22.30 28.14
CA LEU A 3 -17.65 -20.91 28.42
C LEU A 3 -19.08 -20.56 28.02
N SER A 4 -19.87 -20.06 28.96
CA SER A 4 -21.29 -19.84 28.72
C SER A 4 -21.72 -18.39 28.86
N GLU A 5 -21.43 -17.76 30.01
CA GLU A 5 -22.08 -16.51 30.36
C GLU A 5 -21.37 -15.91 31.57
N VAL A 6 -21.40 -14.58 31.65
CA VAL A 6 -20.85 -13.84 32.79
C VAL A 6 -21.82 -12.73 33.15
N LYS A 7 -22.02 -12.51 34.45
CA LYS A 7 -22.92 -11.48 34.95
C LYS A 7 -22.12 -10.31 35.51
N LEU A 8 -22.46 -9.10 35.07
CA LEU A 8 -21.80 -7.87 35.52
C LEU A 8 -22.75 -7.13 36.46
N HIS A 9 -22.21 -6.67 37.59
CA HIS A 9 -22.99 -5.95 38.59
C HIS A 9 -22.36 -4.59 38.83
N LEU A 10 -23.20 -3.55 38.87
CA LEU A 10 -22.74 -2.18 39.05
C LEU A 10 -23.53 -1.53 40.17
N ASP A 11 -22.83 -0.91 41.11
CA ASP A 11 -23.45 -0.16 42.20
C ASP A 11 -23.33 1.34 41.99
N ILE A 12 -23.24 1.79 40.74
CA ILE A 12 -22.92 3.18 40.46
C ILE A 12 -24.14 4.05 40.74
N GLU A 13 -23.91 5.16 41.46
CA GLU A 13 -24.91 6.22 41.64
C GLU A 13 -26.22 5.69 42.21
N GLY A 14 -26.13 4.84 43.23
CA GLY A 14 -27.34 4.36 43.86
C GLY A 14 -27.89 3.08 43.26
N HIS A 15 -28.84 3.22 42.33
CA HIS A 15 -29.52 2.09 41.71
C HIS A 15 -28.53 1.04 41.23
N ALA A 16 -28.85 -0.22 41.49
CA ALA A 16 -27.97 -1.34 41.17
C ALA A 16 -28.27 -1.83 39.76
N SER A 17 -27.30 -1.67 38.87
CA SER A 17 -27.41 -2.18 37.51
C SER A 17 -26.92 -3.62 37.45
N HIS A 18 -27.64 -4.45 36.69
CA HIS A 18 -27.29 -5.86 36.56
C HIS A 18 -27.41 -6.26 35.10
N TYR A 19 -26.31 -6.73 34.52
CA TYR A 19 -26.26 -7.10 33.12
C TYR A 19 -25.74 -8.53 32.98
N THR A 20 -26.13 -9.19 31.89
CA THR A 20 -25.76 -10.57 31.59
C THR A 20 -25.20 -10.63 30.17
N ILE A 21 -23.90 -10.87 30.05
CA ILE A 21 -23.26 -11.00 28.74
C ILE A 21 -23.09 -12.49 28.45
N PRO A 22 -23.84 -13.06 27.50
CA PRO A 22 -23.69 -14.49 27.20
C PRO A 22 -22.56 -14.70 26.21
N TRP A 23 -21.52 -15.40 26.65
CA TRP A 23 -20.37 -15.61 25.77
C TRP A 23 -20.74 -16.50 24.60
N THR A 24 -21.41 -17.62 24.86
CA THR A 24 -21.67 -18.60 23.82
C THR A 24 -22.59 -18.07 22.72
N GLU A 25 -23.43 -17.06 23.02
CA GLU A 25 -24.30 -16.51 22.00
C GLU A 25 -23.53 -15.61 21.04
N LEU A 26 -22.92 -14.54 21.56
CA LEU A 26 -22.21 -13.59 20.72
C LEU A 26 -20.87 -14.13 20.21
N MET A 27 -20.44 -15.29 20.69
CA MET A 27 -19.22 -15.91 20.18
C MET A 27 -19.47 -16.76 18.95
N ALA A 28 -20.69 -17.28 18.79
CA ALA A 28 -21.02 -18.10 17.63
C ALA A 28 -21.46 -17.29 16.43
N LYS A 29 -21.88 -16.03 16.65
CA LYS A 29 -22.25 -15.15 15.55
C LYS A 29 -21.16 -14.16 15.19
N VAL A 30 -20.12 -14.04 16.00
CA VAL A 30 -18.94 -13.25 15.67
C VAL A 30 -17.74 -14.17 15.69
N PRO A 31 -17.45 -14.89 14.60
CA PRO A 31 -16.38 -15.89 14.63
C PRO A 31 -14.98 -15.32 14.82
N GLY A 32 -14.75 -14.06 14.45
CA GLY A 32 -13.44 -13.46 14.57
C GLY A 32 -13.15 -12.82 15.91
N LEU A 33 -13.81 -13.29 16.96
CA LEU A 33 -13.67 -12.76 18.30
C LEU A 33 -13.18 -13.85 19.23
N SER A 34 -12.20 -13.52 20.07
CA SER A 34 -11.69 -14.44 21.09
C SER A 34 -11.71 -13.76 22.45
N PRO A 35 -12.71 -14.04 23.28
CA PRO A 35 -12.77 -13.36 24.59
C PRO A 35 -11.60 -13.71 25.49
N GLU A 36 -11.16 -14.96 25.50
CA GLU A 36 -10.05 -15.36 26.37
C GLU A 36 -8.73 -14.74 25.92
N ALA A 37 -8.58 -14.46 24.63
CA ALA A 37 -7.37 -13.78 24.17
C ALA A 37 -7.31 -12.37 24.73
N LEU A 38 -8.43 -11.64 24.67
CA LEU A 38 -8.47 -10.31 25.26
C LEU A 38 -8.36 -10.35 26.78
N TRP A 39 -8.89 -11.40 27.41
CA TRP A 39 -8.74 -11.54 28.85
C TRP A 39 -7.27 -11.73 29.22
N ARG A 40 -6.53 -12.51 28.42
CA ARG A 40 -5.10 -12.66 28.65
C ARG A 40 -4.38 -11.33 28.46
N GLU A 41 -4.69 -10.63 27.36
CA GLU A 41 -4.07 -9.34 27.11
C GLU A 41 -4.40 -8.34 28.20
N ALA A 42 -5.57 -8.47 28.85
CA ALA A 42 -6.03 -7.45 29.79
C ALA A 42 -5.10 -7.35 30.99
N ASN A 43 -4.53 -8.49 31.43
CA ASN A 43 -3.75 -8.57 32.66
C ASN A 43 -4.58 -8.13 33.86
N VAL A 44 -5.81 -8.64 33.90
CA VAL A 44 -6.85 -8.26 34.84
C VAL A 44 -6.32 -8.13 36.28
N THR A 45 -5.43 -9.03 36.67
CA THR A 45 -4.90 -9.04 38.04
C THR A 45 -3.61 -8.23 38.18
N GLU A 46 -3.45 -7.16 37.40
CA GLU A 46 -2.30 -6.30 37.53
C GLU A 46 -2.54 -5.30 38.65
N ASP A 47 -1.55 -5.18 39.54
CA ASP A 47 -1.65 -4.27 40.66
C ASP A 47 -1.55 -2.83 40.19
N LEU A 48 -2.03 -1.93 41.05
CA LEU A 48 -2.11 -0.52 40.66
C LEU A 48 -0.73 0.10 40.54
N ALA A 49 0.22 -0.34 41.38
CA ALA A 49 1.59 0.13 41.29
C ALA A 49 2.25 -0.27 39.96
N SER A 50 2.06 -1.52 39.53
CA SER A 50 2.64 -1.97 38.27
C SER A 50 1.95 -1.32 37.07
N MET A 51 0.62 -1.23 37.10
CA MET A 51 -0.09 -0.52 36.05
C MET A 51 0.38 0.94 35.96
N LEU A 52 0.65 1.55 37.11
CA LEU A 52 1.10 2.94 37.11
C LEU A 52 2.46 3.07 36.42
N ASN A 53 3.36 2.10 36.62
CA ASN A 53 4.68 2.18 36.02
C ASN A 53 4.62 1.92 34.52
N ARG A 54 3.73 1.03 34.08
CA ARG A 54 3.49 0.87 32.65
C ARG A 54 2.89 2.13 32.05
N TYR A 55 2.02 2.81 32.82
CA TYR A 55 1.36 4.01 32.32
C TYR A 55 2.34 5.16 32.13
N LYS A 56 3.28 5.33 33.06
CA LYS A 56 4.26 6.40 32.93
C LYS A 56 5.32 6.09 31.88
N LEU A 57 5.42 4.83 31.43
CA LEU A 57 6.41 4.51 30.41
C LEU A 57 6.08 5.19 29.09
N ILE A 58 4.80 5.44 28.83
CA ILE A 58 4.34 5.92 27.54
C ILE A 58 4.33 7.44 27.54
N TYR A 59 4.85 8.04 26.48
CA TYR A 59 4.84 9.49 26.33
C TYR A 59 3.43 10.00 26.10
N LYS A 60 3.13 11.14 26.71
CA LYS A 60 1.81 11.75 26.62
C LYS A 60 1.94 13.18 26.16
N THR A 61 1.08 13.59 25.23
CA THR A 61 1.09 14.95 24.72
C THR A 61 0.67 15.91 25.82
N SER A 62 1.53 16.90 26.11
CA SER A 62 1.24 17.82 27.20
C SER A 62 0.07 18.73 26.86
N GLY A 63 -0.01 19.21 25.62
CA GLY A 63 -1.08 20.11 25.24
C GLY A 63 -1.74 19.75 23.93
N THR A 64 -3.07 19.63 23.95
CA THR A 64 -3.85 19.33 22.75
C THR A 64 -4.45 20.63 22.23
N LEU A 65 -4.11 20.99 21.00
CA LEU A 65 -4.65 22.19 20.39
C LEU A 65 -5.94 21.86 19.65
N GLY A 66 -7.00 22.60 19.95
CA GLY A 66 -8.26 22.39 19.29
C GLY A 66 -8.42 23.26 18.06
N ILE A 67 -8.35 22.66 16.88
CA ILE A 67 -8.50 23.37 15.61
C ILE A 67 -9.77 22.88 14.93
N ALA A 68 -10.59 23.82 14.44
CA ALA A 68 -11.82 23.50 13.74
C ALA A 68 -11.52 23.40 12.25
N LEU A 69 -11.65 22.21 11.70
CA LEU A 69 -11.39 21.97 10.29
C LEU A 69 -12.69 21.61 9.58
N ALA A 70 -12.77 21.97 8.30
CA ALA A 70 -13.95 21.76 7.48
C ALA A 70 -13.61 20.69 6.45
N GLU A 71 -14.08 19.47 6.70
CA GLU A 71 -13.86 18.39 5.75
C GLU A 71 -14.71 18.62 4.50
N PRO A 72 -14.18 18.32 3.31
CA PRO A 72 -14.89 18.66 2.07
C PRO A 72 -15.86 17.59 1.62
N VAL A 73 -16.54 17.83 0.49
CA VAL A 73 -17.44 16.87 -0.12
C VAL A 73 -16.66 16.18 -1.25
N ASP A 74 -16.19 14.97 -0.99
CA ASP A 74 -15.39 14.27 -1.98
C ASP A 74 -16.27 13.57 -3.01
N ILE A 75 -17.04 12.58 -2.58
CA ILE A 75 -17.85 11.77 -3.48
C ILE A 75 -19.15 12.50 -3.79
N PRO A 76 -19.41 12.80 -5.05
CA PRO A 76 -20.66 13.51 -5.39
C PRO A 76 -21.86 12.59 -5.30
N ALA A 77 -23.04 13.21 -5.34
CA ALA A 77 -24.27 12.44 -5.39
C ALA A 77 -24.33 11.60 -6.66
N VAL A 78 -25.01 10.47 -6.59
CA VAL A 78 -25.10 9.58 -7.75
C VAL A 78 -25.76 10.32 -8.90
N SER A 79 -25.10 10.30 -10.05
CA SER A 79 -25.66 10.96 -11.23
C SER A 79 -26.92 10.22 -11.68
N GLU A 80 -27.97 10.99 -12.01
CA GLU A 80 -29.24 10.40 -12.39
C GLU A 80 -29.08 9.56 -13.65
N GLY A 81 -29.47 8.29 -13.56
CA GLY A 81 -29.34 7.35 -14.65
C GLY A 81 -28.08 6.51 -14.63
N SER A 82 -27.25 6.63 -13.60
CA SER A 82 -26.00 5.90 -13.55
C SER A 82 -26.27 4.41 -13.34
N MET A 83 -25.71 3.59 -14.23
CA MET A 83 -25.79 2.15 -14.03
C MET A 83 -24.90 1.75 -12.86
N GLN A 84 -25.47 1.00 -11.91
CA GLN A 84 -24.72 0.55 -10.75
C GLN A 84 -24.00 -0.74 -11.08
N VAL A 85 -22.72 -0.81 -10.71
CA VAL A 85 -21.86 -1.94 -11.03
C VAL A 85 -21.37 -2.59 -9.74
N ASP A 86 -21.59 -3.89 -9.62
CA ASP A 86 -20.99 -4.65 -8.54
C ASP A 86 -19.55 -5.00 -8.91
N ALA A 87 -18.62 -4.65 -8.02
CA ALA A 87 -17.22 -4.91 -8.31
C ALA A 87 -16.95 -6.39 -8.52
N SER A 88 -17.73 -7.25 -7.89
CA SER A 88 -17.56 -8.69 -8.05
C SER A 88 -18.23 -9.24 -9.30
N LYS A 89 -19.24 -8.56 -9.82
CA LYS A 89 -19.99 -8.99 -11.00
C LYS A 89 -19.84 -7.93 -12.08
N VAL A 90 -18.79 -8.03 -12.89
CA VAL A 90 -18.52 -7.12 -13.99
C VAL A 90 -18.36 -7.96 -15.26
N HIS A 91 -19.28 -7.80 -16.19
CA HIS A 91 -19.34 -8.56 -17.44
C HIS A 91 -19.30 -7.59 -18.62
N PRO A 92 -18.98 -8.08 -19.83
CA PRO A 92 -18.92 -7.16 -20.98
C PRO A 92 -20.24 -6.45 -21.29
N GLY A 93 -21.37 -6.96 -20.80
CA GLY A 93 -22.64 -6.28 -20.99
C GLY A 93 -22.82 -5.02 -20.15
N VAL A 94 -21.87 -4.76 -19.24
CA VAL A 94 -21.87 -3.55 -18.42
C VAL A 94 -21.53 -2.36 -19.31
N ILE A 95 -21.53 -1.16 -18.73
CA ILE A 95 -21.67 0.14 -19.39
C ILE A 95 -20.99 0.22 -20.75
N SER A 96 -21.71 0.80 -21.72
CA SER A 96 -21.26 0.79 -23.11
C SER A 96 -20.04 1.68 -23.32
N GLY A 97 -20.16 2.97 -23.06
CA GLY A 97 -19.08 3.89 -23.38
C GLY A 97 -18.76 4.90 -22.30
N LEU A 98 -17.85 5.82 -22.62
CA LEU A 98 -17.41 6.84 -21.67
C LEU A 98 -18.44 7.94 -21.45
N ASN A 99 -19.52 7.96 -22.23
CA ASN A 99 -20.55 8.97 -22.05
C ASN A 99 -21.71 8.50 -21.19
N SER A 100 -21.99 7.20 -21.15
CA SER A 100 -23.08 6.70 -20.34
C SER A 100 -22.71 6.75 -18.86
N PRO A 101 -23.56 7.33 -18.01
CA PRO A 101 -23.22 7.45 -16.58
C PRO A 101 -23.09 6.08 -15.93
N ALA A 102 -22.25 6.02 -14.90
CA ALA A 102 -21.96 4.77 -14.21
C ALA A 102 -21.46 5.06 -12.81
N CYS A 103 -21.68 4.10 -11.91
CA CYS A 103 -21.16 4.19 -10.55
C CYS A 103 -20.98 2.77 -10.01
N MET A 104 -19.97 2.60 -9.17
CA MET A 104 -19.66 1.32 -8.57
C MET A 104 -20.17 1.29 -7.15
N LEU A 105 -20.83 0.19 -6.78
CA LEU A 105 -21.36 0.05 -5.44
C LEU A 105 -20.22 0.05 -4.42
N SER A 106 -20.49 0.65 -3.26
CA SER A 106 -19.43 0.87 -2.28
C SER A 106 -19.06 -0.40 -1.52
N ALA A 107 -20.04 -1.23 -1.18
CA ALA A 107 -19.75 -2.40 -0.35
C ALA A 107 -18.87 -3.42 -1.07
N PRO A 108 -19.16 -3.85 -2.31
CA PRO A 108 -18.24 -4.78 -2.97
C PRO A 108 -16.92 -4.13 -3.35
N LEU A 109 -16.92 -2.83 -3.61
CA LEU A 109 -15.66 -2.12 -3.82
C LEU A 109 -14.79 -2.19 -2.58
N GLU A 110 -15.37 -1.98 -1.39
CA GLU A 110 -14.59 -2.07 -0.16
C GLU A 110 -14.12 -3.50 0.10
N LYS A 111 -14.95 -4.49 -0.23
CA LYS A 111 -14.55 -5.88 -0.04
C LYS A 111 -13.35 -6.24 -0.90
N GLN A 112 -13.22 -5.60 -2.07
CA GLN A 112 -12.10 -5.87 -2.96
C GLN A 112 -10.88 -5.01 -2.62
N LEU A 113 -11.09 -3.76 -2.22
CA LEU A 113 -9.98 -2.90 -1.84
C LEU A 113 -9.28 -3.45 -0.61
N PHE A 114 -10.03 -3.63 0.48
CA PHE A 114 -9.50 -4.24 1.70
C PHE A 114 -9.79 -5.76 1.68
N TYR A 115 -9.23 -6.42 0.67
CA TYR A 115 -9.41 -7.86 0.55
C TYR A 115 -8.57 -8.61 1.58
N TYR A 116 -7.29 -8.26 1.69
CA TYR A 116 -6.42 -8.95 2.64
C TYR A 116 -6.83 -8.64 4.07
N ILE A 117 -6.48 -9.56 4.98
CA ILE A 117 -6.75 -9.40 6.40
C ILE A 117 -5.47 -9.73 7.15
N GLY A 118 -5.23 -9.01 8.24
CA GLY A 118 -4.00 -9.20 8.98
C GLY A 118 -4.05 -8.48 10.32
N THR A 119 -2.96 -8.61 11.07
CA THR A 119 -2.86 -7.98 12.39
C THR A 119 -2.37 -6.54 12.22
N MET A 120 -3.16 -5.59 12.70
CA MET A 120 -2.82 -4.18 12.59
C MET A 120 -2.09 -3.66 13.82
N LEU A 121 -2.54 -4.04 15.02
CA LEU A 121 -1.87 -3.65 16.25
C LEU A 121 -1.07 -4.84 16.77
N PRO A 122 0.23 -4.91 16.53
CA PRO A 122 0.99 -6.11 16.88
C PRO A 122 1.23 -6.21 18.38
N ASN A 123 1.67 -7.39 18.79
CA ASN A 123 2.06 -7.65 20.17
C ASN A 123 3.44 -7.11 20.51
N THR A 124 4.04 -6.32 19.63
CA THR A 124 5.36 -5.74 19.89
C THR A 124 5.29 -4.79 21.09
N ARG A 125 6.47 -4.43 21.59
CA ARG A 125 6.62 -3.73 22.86
C ARG A 125 5.80 -2.45 22.95
N PRO A 126 5.97 -1.46 22.06
CA PRO A 126 5.29 -0.17 22.31
C PRO A 126 3.77 -0.26 22.20
N HIS A 127 3.26 -1.05 21.27
CA HIS A 127 1.81 -1.10 21.09
C HIS A 127 1.13 -1.95 22.14
N SER A 128 1.81 -2.97 22.65
CA SER A 128 1.18 -3.87 23.61
C SER A 128 0.87 -3.18 24.94
N TYR A 129 1.53 -2.06 25.24
CA TYR A 129 1.22 -1.36 26.48
C TYR A 129 -0.13 -0.67 26.41
N VAL A 130 -0.48 -0.14 25.24
CA VAL A 130 -1.61 0.76 25.11
C VAL A 130 -2.79 0.14 24.38
N PHE A 131 -2.57 -0.75 23.42
CA PHE A 131 -3.63 -1.27 22.57
C PHE A 131 -3.87 -2.75 22.84
N TYR A 132 -5.11 -3.19 22.60
CA TYR A 132 -5.42 -4.60 22.47
C TYR A 132 -5.14 -5.06 21.05
N GLN A 133 -4.64 -6.30 20.90
CA GLN A 133 -4.25 -6.80 19.59
C GLN A 133 -5.45 -6.80 18.66
N LEU A 134 -5.34 -6.06 17.56
CA LEU A 134 -6.42 -5.92 16.59
C LEU A 134 -6.04 -6.59 15.28
N ARG A 135 -7.00 -7.28 14.68
CA ARG A 135 -6.79 -7.97 13.41
C ARG A 135 -7.98 -7.71 12.51
N CYS A 136 -7.75 -7.00 11.39
CA CYS A 136 -8.84 -6.56 10.51
C CYS A 136 -8.50 -6.72 9.03
N LEU A 138 -7.22 -5.23 6.01
CA LEU A 138 -6.35 -4.05 5.91
C LEU A 138 -5.65 -3.91 4.57
N SER A 139 -4.86 -2.85 4.46
CA SER A 139 -4.04 -2.59 3.28
C SER A 139 -2.89 -1.69 3.72
N TYR A 140 -1.66 -2.10 3.43
CA TYR A 140 -0.51 -1.43 4.02
C TYR A 140 0.41 -0.89 2.93
N VAL A 141 1.22 0.10 3.35
CA VAL A 141 2.28 0.68 2.55
C VAL A 141 3.56 0.57 3.37
N ALA A 142 4.47 -0.31 2.96
CA ALA A 142 5.70 -0.54 3.71
C ALA A 142 6.91 -0.10 2.89
N LEU A 143 7.89 0.48 3.57
CA LEU A 143 9.13 0.90 2.91
C LEU A 143 10.26 0.88 3.94
N SER A 144 11.48 0.78 3.43
CA SER A 144 12.65 0.72 4.29
C SER A 144 13.83 1.38 3.58
N ILE A 145 14.62 2.14 4.34
CA ILE A 145 15.78 2.84 3.81
C ILE A 145 16.97 2.59 4.73
N ASN A 146 18.15 2.95 4.24
CA ASN A 146 19.41 2.75 4.96
C ASN A 146 19.67 1.28 5.28
N GLY A 147 19.20 0.40 4.40
CA GLY A 147 19.43 -1.03 4.55
C GLY A 147 18.82 -1.60 5.81
N ASP A 148 17.49 -1.57 5.89
CA ASP A 148 16.71 -2.08 7.01
C ASP A 148 17.02 -1.37 8.33
N LYS A 149 17.84 -0.31 8.30
CA LYS A 149 18.10 0.46 9.51
C LYS A 149 16.99 1.45 9.81
N PHE A 150 16.16 1.79 8.82
CA PHE A 150 14.97 2.60 9.01
C PHE A 150 13.82 1.95 8.25
N GLN A 151 12.68 1.79 8.90
CA GLN A 151 11.53 1.15 8.31
C GLN A 151 10.27 1.93 8.65
N TYR A 152 9.34 1.99 7.70
CA TYR A 152 8.04 2.62 7.92
C TYR A 152 6.95 1.68 7.45
N THR A 153 5.94 1.48 8.30
CA THR A 153 4.79 0.67 7.95
C THR A 153 3.55 1.56 7.89
N GLY A 154 2.76 1.40 6.84
CA GLY A 154 1.59 2.22 6.61
C GLY A 154 0.29 1.45 6.63
N ALA A 155 0.12 0.57 7.62
CA ALA A 155 -1.11 -0.21 7.73
C ALA A 155 -2.31 0.70 7.90
N MET A 156 -3.43 0.32 7.29
CA MET A 156 -4.63 1.14 7.34
C MET A 156 -5.86 0.27 7.14
N THR A 157 -7.01 0.78 7.61
CA THR A 157 -8.29 0.14 7.35
C THR A 157 -9.24 1.14 6.72
N SER A 158 -10.51 0.79 6.62
CA SER A 158 -11.50 1.73 6.10
C SER A 158 -11.93 2.76 7.14
N LYS A 159 -11.41 2.69 8.37
CA LYS A 159 -11.86 3.57 9.45
C LYS A 159 -10.74 4.39 10.07
N PHE A 160 -9.54 3.83 10.20
CA PHE A 160 -8.41 4.57 10.74
C PHE A 160 -7.12 4.09 10.08
N LEU A 161 -6.04 4.84 10.33
CA LEU A 161 -4.72 4.60 9.76
C LEU A 161 -3.66 4.67 10.85
N MET A 162 -2.69 3.76 10.80
CA MET A 162 -1.58 3.80 11.74
C MET A 162 -0.26 3.69 10.97
N GLY A 163 0.54 4.75 11.06
CA GLY A 163 1.89 4.74 10.51
C GLY A 163 2.89 4.54 11.63
N THR A 164 3.75 3.55 11.45
CA THR A 164 4.72 3.16 12.47
C THR A 164 6.12 3.32 11.91
N TYR A 165 6.93 4.11 12.60
CA TYR A 165 8.35 4.28 12.29
C TYR A 165 9.17 3.37 13.21
N LYS A 166 10.17 2.71 12.64
CA LYS A 166 11.09 1.87 13.40
C LYS A 166 12.51 2.17 12.94
N ARG A 167 13.39 2.46 13.90
CA ARG A 167 14.78 2.76 13.60
C ARG A 167 15.70 1.87 14.43
N VAL A 168 16.68 1.27 13.77
CA VAL A 168 17.70 0.44 14.40
C VAL A 168 19.02 1.21 14.40
N THR A 169 19.68 1.27 15.55
CA THR A 169 20.90 2.06 15.72
C THR A 169 22.16 1.26 15.39
N GLU A 170 22.03 0.12 14.72
CA GLU A 170 23.10 -0.80 14.35
C GLU A 170 23.71 -1.48 15.57
N LYS A 171 23.28 -1.11 16.78
CA LYS A 171 23.79 -1.69 18.00
C LYS A 171 22.71 -2.32 18.87
N GLY A 172 21.45 -1.92 18.68
CA GLY A 172 20.32 -2.40 19.43
C GLY A 172 19.39 -1.27 19.77
N ASP A 173 18.47 -1.54 20.71
CA ASP A 173 17.53 -0.55 21.24
C ASP A 173 16.69 0.05 20.11
N GLU A 174 15.88 -0.81 19.50
CA GLU A 174 14.95 -0.38 18.47
C GLU A 174 14.06 0.75 18.99
N HIS A 175 13.92 1.80 18.18
CA HIS A 175 13.05 2.92 18.50
C HIS A 175 11.82 2.88 17.62
N VAL A 176 10.64 2.97 18.25
CA VAL A 176 9.37 2.88 17.55
C VAL A 176 8.53 4.09 17.89
N LEU A 177 7.86 4.65 16.87
CA LEU A 177 6.99 5.81 17.03
C LEU A 177 5.80 5.62 16.09
N SER A 178 4.59 5.61 16.65
CA SER A 178 3.37 5.37 15.87
C SER A 178 2.49 6.61 15.89
N LEU A 179 1.85 6.87 14.74
CA LEU A 179 0.87 7.93 14.60
C LEU A 179 -0.42 7.33 14.06
N VAL A 180 -1.54 7.67 14.71
CA VAL A 180 -2.85 7.12 14.37
C VAL A 180 -3.76 8.28 13.96
N PHE A 181 -4.24 8.23 12.73
CA PHE A 181 -5.16 9.23 12.19
C PHE A 181 -6.52 8.60 11.94
N GLY A 182 -7.57 9.37 12.14
CA GLY A 182 -8.89 8.92 11.80
C GLY A 182 -9.94 9.50 12.73
N LYS A 183 -11.18 9.08 12.48
CA LYS A 183 -12.31 9.55 13.27
C LYS A 183 -12.12 9.19 14.74
N THR A 184 -12.36 10.17 15.61
CA THR A 184 -12.20 9.95 17.04
C THR A 184 -13.11 8.82 17.53
N LYS A 185 -14.27 8.65 16.90
CA LYS A 185 -15.16 7.55 17.26
C LYS A 185 -14.70 6.22 16.69
N ASP A 186 -13.90 6.23 15.61
CA ASP A 186 -13.45 5.02 14.97
C ASP A 186 -12.09 4.55 15.46
N LEU A 187 -11.47 5.27 16.39
CA LEU A 187 -10.15 4.90 16.86
C LEU A 187 -10.21 3.53 17.55
N PRO A 188 -9.12 2.76 17.51
CA PRO A 188 -9.12 1.44 18.13
C PRO A 188 -9.26 1.52 19.63
N ASP A 189 -9.59 0.38 20.23
CA ASP A 189 -9.87 0.32 21.66
C ASP A 189 -8.58 0.31 22.46
N LEU A 190 -8.52 1.14 23.50
CA LEU A 190 -7.35 1.26 24.34
C LEU A 190 -7.34 0.20 25.44
N ARG A 191 -6.16 -0.01 26.01
CA ARG A 191 -5.92 -1.06 26.99
C ARG A 191 -5.60 -0.45 28.34
N GLY A 192 -6.13 -1.05 29.39
CA GLY A 192 -5.79 -0.67 30.74
C GLY A 192 -6.25 0.74 31.08
N PRO A 193 -5.37 1.51 31.70
CA PRO A 193 -5.74 2.85 32.19
C PRO A 193 -5.56 3.98 31.20
N PHE A 194 -5.12 3.71 29.98
CA PHE A 194 -4.83 4.77 29.03
C PHE A 194 -6.10 5.46 28.57
N SER A 195 -6.00 6.76 28.32
CA SER A 195 -7.10 7.56 27.81
C SER A 195 -6.65 8.26 26.54
N TYR A 196 -7.56 8.42 25.60
CA TYR A 196 -7.23 9.03 24.31
C TYR A 196 -6.89 10.51 24.41
N PRO A 197 -7.61 11.32 25.19
CA PRO A 197 -7.26 12.76 25.27
C PRO A 197 -5.81 13.03 25.60
N SER A 198 -5.23 12.30 26.55
CA SER A 198 -3.85 12.54 26.94
C SER A 198 -2.84 12.04 25.90
N LEU A 199 -3.31 11.55 24.75
CA LEU A 199 -2.43 11.02 23.72
C LEU A 199 -2.62 11.66 22.34
N THR A 200 -3.66 12.47 22.15
CA THR A 200 -3.89 13.10 20.85
C THR A 200 -3.03 14.36 20.74
N SER A 201 -2.29 14.48 19.65
CA SER A 201 -1.52 15.69 19.39
C SER A 201 -2.43 16.79 18.84
N ALA A 202 -3.04 16.52 17.69
CA ALA A 202 -4.01 17.42 17.09
C ALA A 202 -5.38 16.75 17.12
N GLN A 203 -6.42 17.57 17.17
CA GLN A 203 -7.78 17.07 17.23
C GLN A 203 -8.71 18.05 16.53
N SER A 204 -9.70 17.51 15.83
CA SER A 204 -10.75 18.28 15.19
C SER A 204 -12.09 17.91 15.83
N GLY A 205 -13.18 18.40 15.23
CA GLY A 205 -14.50 18.07 15.75
C GLY A 205 -14.85 16.61 15.59
N ASP A 206 -14.31 15.96 14.55
CA ASP A 206 -14.58 14.55 14.31
C ASP A 206 -13.32 13.71 14.08
N TYR A 207 -12.16 14.33 13.88
CA TYR A 207 -10.94 13.62 13.56
C TYR A 207 -9.89 13.83 14.66
N SER A 208 -8.94 12.91 14.73
CA SER A 208 -7.90 12.96 15.74
C SER A 208 -6.59 12.42 15.17
N LEU A 209 -5.49 12.95 15.69
CA LEU A 209 -4.15 12.49 15.35
C LEU A 209 -3.45 12.12 16.66
N VAL A 210 -3.36 10.82 16.94
CA VAL A 210 -2.81 10.31 18.18
C VAL A 210 -1.36 9.90 17.96
N ILE A 211 -0.53 10.05 18.99
CA ILE A 211 0.87 9.64 18.94
C ILE A 211 1.12 8.61 20.03
N VAL A 212 1.72 7.48 19.66
CA VAL A 212 1.95 6.37 20.58
C VAL A 212 3.44 6.06 20.58
N THR A 213 4.08 6.31 21.72
CA THR A 213 5.52 6.13 21.87
C THR A 213 5.86 6.20 23.35
N THR A 214 7.08 5.81 23.68
CA THR A 214 7.61 5.94 25.02
C THR A 214 8.45 7.20 25.14
N PHE A 215 8.61 7.69 26.37
CA PHE A 215 9.36 8.92 26.58
C PHE A 215 10.77 8.82 26.03
N VAL A 216 11.42 7.66 26.21
CA VAL A 216 12.78 7.49 25.71
C VAL A 216 12.78 7.50 24.18
N HIS A 217 11.82 6.80 23.57
CA HIS A 217 11.73 6.79 22.12
C HIS A 217 11.36 8.18 21.59
N TYR A 218 10.52 8.91 22.32
CA TYR A 218 10.14 10.24 21.90
C TYR A 218 11.33 11.19 21.92
N ALA A 219 12.09 11.19 23.02
CA ALA A 219 13.26 12.05 23.11
C ALA A 219 14.32 11.68 22.09
N ASN A 220 14.42 10.39 21.75
CA ASN A 220 15.37 9.97 20.74
C ASN A 220 14.92 10.39 19.34
N PHE A 221 13.62 10.25 19.06
CA PHE A 221 13.12 10.66 17.75
C PHE A 221 13.20 12.17 17.56
N HIS A 222 13.12 12.94 18.65
CA HIS A 222 13.04 14.39 18.54
C HIS A 222 14.30 15.01 18.01
N ASN A 223 15.44 14.32 18.09
CA ASN A 223 16.70 14.88 17.62
C ASN A 223 16.75 14.99 16.10
N TYR A 224 15.94 14.22 15.38
CA TYR A 224 16.00 14.22 13.93
C TYR A 224 14.63 14.21 13.28
N PHE A 225 13.56 14.35 14.05
CA PHE A 225 12.20 14.28 13.50
C PHE A 225 11.31 15.18 14.35
N VAL A 226 11.14 16.41 13.88
CA VAL A 226 10.26 17.37 14.55
C VAL A 226 9.21 17.83 13.54
N PRO A 227 8.17 17.03 13.30
CA PRO A 227 7.18 17.40 12.28
C PRO A 227 6.17 18.39 12.81
N ASN A 228 5.59 19.15 11.88
CA ASN A 228 4.53 20.10 12.23
C ASN A 228 3.20 19.38 12.08
N LEU A 229 2.75 18.76 13.17
CA LEU A 229 1.53 17.96 13.14
C LEU A 229 0.28 18.78 12.90
N LYS A 230 0.30 20.07 13.21
CA LYS A 230 -0.88 20.90 13.02
C LYS A 230 -1.23 20.99 11.54
N ASP A 231 -0.29 21.47 10.72
CA ASP A 231 -0.55 21.60 9.28
C ASP A 231 -0.72 20.24 8.62
N MET A 232 -0.03 19.21 9.13
CA MET A 232 -0.17 17.87 8.60
C MET A 232 -1.59 17.34 8.78
N PHE A 233 -2.09 17.41 10.01
CA PHE A 233 -3.47 17.01 10.28
C PHE A 233 -4.46 17.89 9.52
N SER A 234 -4.14 19.18 9.40
CA SER A 234 -5.04 20.11 8.71
C SER A 234 -5.21 19.72 7.25
N ARG A 235 -4.10 19.40 6.56
CA ARG A 235 -4.21 18.96 5.17
C ARG A 235 -4.92 17.60 5.09
N ALA A 236 -4.65 16.72 6.05
CA ALA A 236 -5.26 15.39 6.03
C ALA A 236 -6.77 15.46 6.18
N VAL A 237 -7.28 16.47 6.87
CA VAL A 237 -8.71 16.59 7.12
C VAL A 237 -9.39 17.44 6.06
N THR A 238 -8.80 18.59 5.72
CA THR A 238 -9.50 19.55 4.89
C THR A 238 -9.41 19.23 3.39
N MET A 239 -8.32 18.61 2.94
CA MET A 239 -8.14 18.38 1.51
C MET A 239 -9.00 17.22 1.04
N THR A 240 -9.38 17.28 -0.23
CA THR A 240 -10.07 16.17 -0.86
C THR A 240 -9.09 15.01 -1.09
N ALA A 241 -9.64 13.86 -1.49
CA ALA A 241 -8.81 12.68 -1.67
C ALA A 241 -7.81 12.87 -2.80
N ALA A 242 -8.30 13.28 -3.98
CA ALA A 242 -7.42 13.42 -5.14
C ALA A 242 -6.45 14.58 -4.96
N SER A 243 -6.91 15.69 -4.36
CA SER A 243 -6.01 16.81 -4.13
C SER A 243 -4.89 16.41 -3.18
N TYR A 244 -5.21 15.69 -2.10
CA TYR A 244 -4.18 15.26 -1.17
C TYR A 244 -3.19 14.31 -1.86
N ALA A 245 -3.71 13.36 -2.65
CA ALA A 245 -2.84 12.47 -3.40
C ALA A 245 -1.91 13.25 -4.33
N ARG A 246 -2.47 14.22 -5.07
CA ARG A 246 -1.63 15.02 -5.96
C ARG A 246 -0.61 15.85 -5.17
N TYR A 247 -0.99 16.32 -3.98
CA TYR A 247 -0.05 17.08 -3.16
C TYR A 247 1.16 16.22 -2.79
N VAL A 248 0.89 15.02 -2.26
CA VAL A 248 1.98 14.11 -1.90
C VAL A 248 2.78 13.72 -3.13
N LEU A 249 2.09 13.55 -4.28
CA LEU A 249 2.78 13.20 -5.51
C LEU A 249 3.74 14.30 -5.94
N GLN A 250 3.31 15.57 -5.84
CA GLN A 250 4.19 16.67 -6.21
C GLN A 250 5.40 16.75 -5.28
N LYS A 251 5.19 16.50 -3.98
CA LYS A 251 6.32 16.48 -3.05
C LYS A 251 7.33 15.42 -3.45
N LEU A 252 6.86 14.21 -3.75
CA LEU A 252 7.79 13.15 -4.10
C LEU A 252 8.44 13.40 -5.45
N VAL A 253 7.72 14.04 -6.38
CA VAL A 253 8.30 14.32 -7.70
C VAL A 253 9.43 15.33 -7.57
N LEU A 254 9.24 16.38 -6.78
CA LEU A 254 10.33 17.33 -6.53
C LEU A 254 11.45 16.66 -5.75
N LEU A 255 11.13 15.63 -4.97
CA LEU A 255 12.18 14.91 -4.25
C LEU A 255 12.94 13.98 -5.18
N GLU A 256 12.22 13.27 -6.05
CA GLU A 256 12.88 12.37 -7.02
C GLU A 256 13.84 13.15 -7.92
N MET A 257 13.38 14.27 -8.47
CA MET A 257 14.29 15.15 -9.18
C MET A 257 15.18 15.90 -8.18
N LYS A 258 16.20 16.56 -8.71
CA LYS A 258 17.19 17.27 -7.90
C LYS A 258 17.97 16.33 -6.99
N GLY A 259 17.94 15.03 -7.29
CA GLY A 259 18.71 14.03 -6.58
C GLY A 259 18.46 14.02 -5.08
N GLY A 260 17.23 13.74 -4.69
CA GLY A 260 16.88 13.79 -3.28
C GLY A 260 16.72 12.43 -2.64
N CYS A 261 16.28 11.44 -3.41
CA CYS A 261 15.97 10.13 -2.85
C CYS A 261 16.95 9.06 -3.30
N ARG A 262 18.08 9.44 -3.92
CA ARG A 262 19.12 8.45 -4.18
C ARG A 262 19.89 8.11 -2.92
N GLU A 263 19.99 9.07 -1.98
CA GLU A 263 20.57 8.84 -0.66
C GLU A 263 19.65 9.50 0.35
N PRO A 264 18.51 8.86 0.66
CA PRO A 264 17.51 9.51 1.51
C PRO A 264 18.01 9.68 2.94
N GLU A 265 17.90 10.91 3.45
CA GLU A 265 18.31 11.24 4.81
C GLU A 265 17.13 11.13 5.76
N LEU A 266 17.44 10.89 7.04
CA LEU A 266 16.42 10.83 8.09
C LEU A 266 15.99 12.24 8.50
N ASP A 267 15.51 12.98 7.51
CA ASP A 267 15.07 14.36 7.68
C ASP A 267 13.61 14.41 8.12
N THR A 268 13.22 15.54 8.70
CA THR A 268 11.83 15.69 9.15
C THR A 268 10.87 15.68 7.97
N GLU A 269 11.21 16.37 6.88
CA GLU A 269 10.34 16.35 5.72
C GLU A 269 10.23 14.96 5.11
N THR A 270 11.29 14.18 5.19
CA THR A 270 11.27 12.84 4.60
C THR A 270 10.24 11.95 5.31
N LEU A 271 10.35 11.84 6.64
CA LEU A 271 9.40 11.03 7.39
C LEU A 271 7.99 11.60 7.26
N THR A 272 7.87 12.92 7.21
CA THR A 272 6.56 13.54 7.02
C THR A 272 5.92 13.07 5.72
N THR A 273 6.70 13.06 4.63
CA THR A 273 6.18 12.58 3.35
C THR A 273 5.85 11.10 3.41
N MET A 274 6.64 10.32 4.17
CA MET A 274 6.31 8.91 4.34
C MET A 274 4.93 8.74 4.96
N PHE A 275 4.63 9.52 6.00
CA PHE A 275 3.32 9.42 6.61
C PHE A 275 2.23 9.93 5.68
N GLU A 276 2.52 10.99 4.92
CA GLU A 276 1.53 11.57 4.02
C GLU A 276 1.18 10.63 2.89
N VAL A 277 2.11 9.75 2.47
CA VAL A 277 1.77 8.74 1.48
C VAL A 277 0.70 7.80 2.02
N SER A 278 0.84 7.38 3.28
CA SER A 278 -0.18 6.54 3.89
C SER A 278 -1.51 7.26 3.99
N VAL A 279 -1.48 8.53 4.40
CA VAL A 279 -2.71 9.30 4.50
C VAL A 279 -3.36 9.41 3.13
N ALA A 280 -2.56 9.60 2.08
CA ALA A 280 -3.13 9.70 0.74
C ALA A 280 -3.85 8.43 0.37
N PHE A 281 -3.23 7.28 0.61
CA PHE A 281 -3.88 6.01 0.32
C PHE A 281 -5.06 5.74 1.24
N PHE A 282 -5.06 6.35 2.44
CA PHE A 282 -6.13 6.09 3.40
C PHE A 282 -7.37 6.93 3.14
N LYS A 283 -7.20 8.16 2.63
CA LYS A 283 -8.35 9.04 2.42
C LYS A 283 -9.30 8.51 1.36
N VAL A 284 -8.77 7.82 0.34
CA VAL A 284 -9.64 7.25 -0.68
C VAL A 284 -10.48 6.11 -0.10
N GLY A 285 -9.83 5.18 0.59
CA GLY A 285 -10.58 4.09 1.21
C GLY A 285 -11.58 4.57 2.24
N HIS A 286 -11.20 5.60 3.00
CA HIS A 286 -12.11 6.15 4.01
C HIS A 286 -13.32 6.81 3.37
N ALA A 287 -13.12 7.51 2.25
CA ALA A 287 -14.23 8.15 1.57
C ALA A 287 -15.19 7.13 0.97
N VAL A 288 -14.66 6.00 0.48
CA VAL A 288 -15.52 4.94 -0.01
C VAL A 288 -16.26 4.30 1.15
N GLY A 289 -15.60 4.18 2.30
CA GLY A 289 -16.23 3.52 3.44
C GLY A 289 -17.32 4.34 4.09
N GLU A 290 -17.15 5.67 4.11
CA GLU A 290 -18.16 6.55 4.69
C GLU A 290 -19.44 6.62 3.87
N THR A 291 -19.52 5.89 2.76
CA THR A 291 -20.73 5.88 1.94
C THR A 291 -21.23 4.45 1.79
N GLY A 292 -21.24 3.70 2.90
CA GLY A 292 -21.57 2.28 2.88
C GLY A 292 -22.88 1.94 2.20
N ASN A 293 -22.86 0.87 1.40
CA ASN A 293 -24.01 0.38 0.63
C ASN A 293 -24.52 1.42 -0.39
N GLY A 294 -23.79 2.50 -0.61
CA GLY A 294 -24.05 3.40 -1.71
C GLY A 294 -23.22 3.06 -2.92
N CYS A 295 -23.12 4.02 -3.84
CA CYS A 295 -22.25 3.84 -4.99
C CYS A 295 -21.49 5.13 -5.28
N VAL A 296 -20.29 4.97 -5.81
CA VAL A 296 -19.39 6.08 -6.11
C VAL A 296 -19.36 6.27 -7.62
N ASP A 297 -19.52 7.52 -8.07
CA ASP A 297 -19.48 7.81 -9.51
C ASP A 297 -18.14 7.37 -10.09
N LEU A 298 -18.17 6.91 -11.35
CA LEU A 298 -16.98 6.33 -11.95
C LEU A 298 -15.90 7.37 -12.22
N ARG A 299 -16.30 8.61 -12.51
CA ARG A 299 -15.30 9.65 -12.77
C ARG A 299 -14.48 9.97 -11.53
N TRP A 300 -15.12 10.03 -10.36
CA TRP A 300 -14.38 10.28 -9.14
C TRP A 300 -13.41 9.16 -8.85
N LEU A 301 -13.84 7.91 -9.04
CA LEU A 301 -12.95 6.78 -8.82
C LEU A 301 -11.79 6.77 -9.82
N ALA A 302 -12.07 7.14 -11.07
CA ALA A 302 -11.01 7.20 -12.07
C ALA A 302 -9.95 8.22 -11.69
N LYS A 303 -10.37 9.40 -11.26
CA LYS A 303 -9.41 10.42 -10.86
C LYS A 303 -8.61 9.97 -9.65
N SER A 304 -9.29 9.48 -8.61
CA SER A 304 -8.60 9.14 -7.37
C SER A 304 -7.62 7.99 -7.59
N PHE A 305 -8.02 6.97 -8.34
CA PHE A 305 -7.16 5.81 -8.49
C PHE A 305 -6.08 6.01 -9.55
N PHE A 306 -6.27 6.94 -10.49
CA PHE A 306 -5.13 7.39 -11.29
C PHE A 306 -4.07 8.03 -10.41
N GLU A 307 -4.48 8.95 -9.53
CA GLU A 307 -3.52 9.56 -8.61
C GLU A 307 -2.83 8.50 -7.76
N LEU A 308 -3.59 7.51 -7.27
CA LEU A 308 -2.98 6.49 -6.42
C LEU A 308 -2.04 5.61 -7.21
N THR A 309 -2.38 5.33 -8.47
CA THR A 309 -1.49 4.49 -9.29
C THR A 309 -0.16 5.19 -9.53
N VAL A 310 -0.21 6.48 -9.91
CA VAL A 310 1.01 7.24 -10.10
C VAL A 310 1.81 7.30 -8.81
N LEU A 311 1.15 7.54 -7.68
CA LEU A 311 1.84 7.60 -6.40
C LEU A 311 2.50 6.28 -6.07
N LYS A 312 1.83 5.17 -6.41
CA LYS A 312 2.42 3.86 -6.18
C LYS A 312 3.67 3.67 -7.01
N ASP A 313 3.63 4.09 -8.28
CA ASP A 313 4.81 3.96 -9.12
C ASP A 313 5.96 4.77 -8.56
N ILE A 314 5.70 6.00 -8.12
CA ILE A 314 6.78 6.87 -7.67
C ILE A 314 7.41 6.34 -6.39
N ILE A 315 6.59 5.85 -5.45
CA ILE A 315 7.19 5.31 -4.23
C ILE A 315 7.92 4.01 -4.52
N GLY A 316 7.51 3.30 -5.57
CA GLY A 316 8.28 2.13 -5.99
C GLY A 316 9.62 2.51 -6.60
N ILE A 317 9.69 3.71 -7.17
CA ILE A 317 10.94 4.19 -7.76
C ILE A 317 11.89 4.70 -6.69
N CYS A 318 11.43 5.64 -5.86
CA CYS A 318 12.33 6.30 -4.91
C CYS A 318 12.76 5.36 -3.79
N TYR A 319 11.79 4.70 -3.16
CA TYR A 319 12.10 3.89 -1.98
C TYR A 319 11.85 2.40 -2.19
N GLY A 320 11.42 1.98 -3.37
CA GLY A 320 11.06 0.58 -3.56
C GLY A 320 9.99 0.12 -2.61
N ALA A 321 9.02 0.99 -2.32
CA ALA A 321 7.97 0.66 -1.36
C ALA A 321 7.01 -0.37 -1.94
N THR A 322 6.22 -0.96 -1.05
CA THR A 322 5.23 -1.95 -1.42
C THR A 322 3.87 -1.46 -0.94
N VAL A 323 2.87 -1.54 -1.81
CA VAL A 323 1.49 -1.20 -1.47
C VAL A 323 0.66 -2.45 -1.70
N LYS A 324 0.21 -3.07 -0.62
CA LYS A 324 -0.66 -4.24 -0.69
C LYS A 324 -2.07 -3.82 -0.32
N GLY A 325 -3.00 -3.95 -1.26
CA GLY A 325 -4.37 -3.53 -1.07
C GLY A 325 -4.66 -2.24 -1.83
N MET A 326 -5.86 -1.71 -1.58
CA MET A 326 -6.33 -0.50 -2.25
C MET A 326 -6.31 -0.66 -3.76
N GLN A 327 -6.64 -1.85 -4.23
CA GLN A 327 -6.67 -2.14 -5.66
C GLN A 327 -7.85 -3.09 -5.91
N SER A 328 -8.91 -2.57 -6.51
CA SER A 328 -10.07 -3.38 -6.86
C SER A 328 -9.89 -3.93 -8.27
N TYR A 329 -9.92 -5.25 -8.41
CA TYR A 329 -9.80 -5.82 -9.74
C TYR A 329 -11.04 -5.54 -10.58
N GLY A 330 -12.20 -5.37 -9.93
CA GLY A 330 -13.39 -5.03 -10.67
C GLY A 330 -13.29 -3.67 -11.36
N LEU A 331 -12.71 -2.69 -10.66
CA LEU A 331 -12.49 -1.39 -11.29
C LEU A 331 -11.52 -1.49 -12.46
N GLU A 332 -10.50 -2.34 -12.33
CA GLU A 332 -9.56 -2.53 -13.43
C GLU A 332 -10.25 -3.17 -14.63
N ARG A 333 -11.03 -4.21 -14.41
CA ARG A 333 -11.79 -4.82 -15.49
C ARG A 333 -12.68 -3.80 -16.18
N LEU A 334 -13.38 -2.98 -15.39
CA LEU A 334 -14.29 -1.99 -15.95
C LEU A 334 -13.53 -0.96 -16.79
N ALA A 335 -12.40 -0.49 -16.30
CA ALA A 335 -11.61 0.49 -17.05
C ALA A 335 -11.03 -0.13 -18.32
N ALA A 336 -10.44 -1.31 -18.21
CA ALA A 336 -9.87 -1.97 -19.39
C ALA A 336 -10.94 -2.30 -20.41
N MET A 337 -12.18 -2.55 -19.96
CA MET A 337 -13.26 -2.79 -20.90
C MET A 337 -13.67 -1.50 -21.61
N LEU A 338 -13.76 -0.40 -20.86
CA LEU A 338 -14.07 0.89 -21.48
C LEU A 338 -12.99 1.30 -22.46
N MET A 339 -11.76 0.81 -22.28
CA MET A 339 -10.68 1.10 -23.21
C MET A 339 -10.90 0.46 -24.58
N ALA A 340 -11.71 -0.58 -24.66
CA ALA A 340 -12.00 -1.21 -25.94
C ALA A 340 -13.11 -0.50 -26.70
N THR A 341 -13.75 0.52 -26.12
CA THR A 341 -14.86 1.21 -26.76
C THR A 341 -14.43 2.46 -27.51
N VAL A 342 -13.23 2.99 -27.24
CA VAL A 342 -12.72 4.18 -27.91
C VAL A 342 -11.43 3.81 -28.63
N LYS A 343 -11.31 4.23 -29.88
CA LYS A 343 -10.13 3.93 -30.68
C LYS A 343 -9.05 4.95 -30.38
N MET A 344 -7.83 4.46 -30.17
CA MET A 344 -6.77 5.31 -29.64
C MET A 344 -6.34 6.39 -30.64
N GLU A 345 -6.27 6.03 -31.92
CA GLU A 345 -5.74 6.94 -32.93
C GLU A 345 -6.49 8.26 -33.00
N GLU A 346 -7.74 8.30 -32.54
CA GLU A 346 -8.55 9.52 -32.60
C GLU A 346 -9.00 9.98 -31.22
N LEU A 347 -8.25 9.62 -30.17
CA LEU A 347 -8.62 10.04 -28.82
C LEU A 347 -8.59 11.55 -28.68
N GLY A 348 -7.73 12.23 -29.45
CA GLY A 348 -7.68 13.67 -29.42
C GLY A 348 -8.85 14.37 -30.09
N HIS A 349 -9.68 13.64 -30.83
CA HIS A 349 -10.87 14.20 -31.46
C HIS A 349 -12.08 14.21 -30.52
N LEU A 350 -11.85 14.12 -29.21
CA LEU A 350 -12.92 14.11 -28.22
C LEU A 350 -12.80 15.33 -27.31
N THR A 351 -13.75 15.43 -26.38
CA THR A 351 -13.77 16.52 -25.43
C THR A 351 -12.57 16.43 -24.49
N THR A 352 -12.12 17.61 -24.01
CA THR A 352 -11.04 17.63 -23.03
C THR A 352 -11.39 16.83 -21.79
N GLU A 353 -12.62 16.98 -21.30
CA GLU A 353 -13.08 16.16 -20.19
C GLU A 353 -13.05 14.68 -20.53
N LYS A 354 -13.47 14.34 -21.76
CA LYS A 354 -13.45 12.94 -22.18
C LYS A 354 -12.03 12.43 -22.38
N GLN A 355 -11.13 13.28 -22.87
CA GLN A 355 -9.72 12.90 -23.01
C GLN A 355 -9.11 12.58 -21.66
N GLU A 356 -9.30 13.46 -20.68
CA GLU A 356 -8.77 13.21 -19.34
C GLU A 356 -9.42 12.00 -18.70
N TYR A 357 -10.72 11.81 -18.93
CA TYR A 357 -11.42 10.65 -18.38
C TYR A 357 -10.89 9.35 -18.99
N ALA A 358 -10.68 9.33 -20.31
CA ALA A 358 -10.16 8.14 -20.96
C ALA A 358 -8.75 7.83 -20.53
N LEU A 359 -7.93 8.87 -20.33
CA LEU A 359 -6.55 8.66 -19.92
C LEU A 359 -6.46 8.12 -18.50
N ARG A 360 -7.27 8.66 -17.59
CA ARG A 360 -7.31 8.13 -16.22
C ARG A 360 -7.76 6.67 -16.24
N LEU A 361 -8.79 6.35 -17.01
CA LEU A 361 -9.19 4.97 -17.15
C LEU A 361 -8.09 4.12 -17.77
N ALA A 362 -7.29 4.70 -18.67
CA ALA A 362 -6.24 3.96 -19.32
C ALA A 362 -5.16 3.53 -18.32
N THR A 363 -4.72 4.45 -17.46
CA THR A 363 -3.69 4.09 -16.50
C THR A 363 -4.24 3.24 -15.35
N VAL A 364 -5.54 3.31 -15.09
CA VAL A 364 -6.12 2.54 -13.99
C VAL A 364 -6.42 1.11 -14.42
N GLY A 365 -6.98 0.92 -15.62
CA GLY A 365 -7.25 -0.42 -16.10
C GLY A 365 -5.98 -1.16 -16.48
N TYR A 366 -5.05 -0.46 -17.13
CA TYR A 366 -3.76 -1.05 -17.49
C TYR A 366 -2.67 -0.34 -16.69
N PRO A 367 -2.42 -0.77 -15.46
CA PRO A 367 -1.47 -0.03 -14.61
C PRO A 367 -0.02 -0.39 -14.90
N LYS A 368 0.22 -1.58 -15.43
CA LYS A 368 1.56 -2.07 -15.74
C LYS A 368 1.80 -2.00 -17.23
N ALA A 369 2.95 -1.48 -17.63
CA ALA A 369 3.25 -1.35 -19.05
C ALA A 369 3.59 -2.70 -19.65
N GLY A 370 3.36 -2.83 -20.95
CA GLY A 370 3.66 -4.04 -21.68
C GLY A 370 2.47 -4.93 -21.95
N VAL A 371 1.31 -4.62 -21.37
CA VAL A 371 0.11 -5.42 -21.60
C VAL A 371 -0.65 -4.94 -22.83
N TYR A 372 -0.87 -3.63 -22.93
CA TYR A 372 -1.57 -3.03 -24.07
C TYR A 372 -0.83 -1.75 -24.46
N SER A 373 0.11 -1.88 -25.40
CA SER A 373 0.92 -0.74 -25.84
C SER A 373 0.12 0.27 -26.65
N GLY A 374 -1.05 -0.12 -27.17
CA GLY A 374 -1.84 0.79 -27.97
C GLY A 374 -2.22 2.06 -27.24
N LEU A 375 -2.24 2.03 -25.91
CA LEU A 375 -2.54 3.22 -25.11
C LEU A 375 -1.63 4.38 -25.47
N ILE A 376 -0.39 4.09 -25.88
CA ILE A 376 0.53 5.16 -26.27
C ILE A 376 -0.01 5.90 -27.48
N GLY A 377 -0.54 5.16 -28.46
CA GLY A 377 -1.21 5.78 -29.58
C GLY A 377 -2.32 6.72 -29.14
N GLY A 378 -3.02 6.36 -28.06
CA GLY A 378 -4.02 7.27 -27.52
C GLY A 378 -3.39 8.54 -26.99
N ALA A 379 -2.40 8.41 -26.10
CA ALA A 379 -1.78 9.58 -25.49
C ALA A 379 -1.18 10.50 -26.55
N THR A 380 -0.50 9.93 -27.54
CA THR A 380 0.00 10.70 -28.66
C THR A 380 -1.14 11.43 -29.38
N SER A 381 -2.24 10.71 -29.63
CA SER A 381 -3.39 11.32 -30.30
C SER A 381 -3.88 12.55 -29.54
N VAL A 382 -3.83 12.53 -28.21
CA VAL A 382 -4.16 13.72 -27.43
C VAL A 382 -3.15 14.83 -27.73
N LEU A 383 -1.86 14.53 -27.50
CA LEU A 383 -0.80 15.50 -27.66
C LEU A 383 -0.81 16.14 -29.06
N LEU A 384 -0.85 15.29 -30.08
CA LEU A 384 -0.93 15.79 -31.46
C LEU A 384 -2.08 16.78 -31.61
N SER A 385 -3.27 16.39 -31.15
CA SER A 385 -4.43 17.27 -31.24
C SER A 385 -4.19 18.59 -30.53
N ALA A 386 -3.68 18.53 -29.29
CA ALA A 386 -3.35 19.76 -28.57
C ALA A 386 -2.33 20.59 -29.35
N TYR A 387 -1.30 19.93 -29.90
CA TYR A 387 -0.28 20.68 -30.62
C TYR A 387 -0.85 21.41 -31.81
N ASN A 388 -1.94 20.90 -32.40
CA ASN A 388 -2.57 21.58 -33.52
C ASN A 388 -3.34 22.81 -33.10
N ARG A 389 -3.94 22.79 -31.90
CA ARG A 389 -4.77 23.88 -31.43
C ARG A 389 -4.06 24.76 -30.41
N HIS A 390 -2.79 24.51 -30.13
CA HIS A 390 -2.09 25.35 -29.16
C HIS A 390 -1.34 26.47 -29.86
N PRO A 391 -1.43 27.70 -29.38
CA PRO A 391 -0.62 28.79 -29.94
C PRO A 391 0.86 28.44 -29.92
N LEU A 392 1.53 28.66 -31.05
CA LEU A 392 2.93 28.27 -31.17
C LEU A 392 3.81 29.01 -30.16
N PHE A 393 4.71 28.28 -29.53
CA PHE A 393 5.77 28.75 -28.65
C PHE A 393 5.24 29.31 -27.33
N GLN A 394 3.93 29.38 -27.12
CA GLN A 394 3.38 29.88 -25.88
C GLN A 394 3.43 28.82 -24.79
N PRO A 395 3.54 29.22 -23.53
CA PRO A 395 3.53 28.25 -22.44
C PRO A 395 2.20 27.52 -22.37
N LEU A 396 2.23 26.33 -21.76
CA LEU A 396 1.05 25.50 -21.69
C LEU A 396 0.06 26.06 -20.67
N HIS A 397 -1.22 26.02 -21.03
CA HIS A 397 -2.26 26.43 -20.11
C HIS A 397 -2.46 25.37 -19.03
N THR A 398 -3.04 25.80 -17.91
CA THR A 398 -3.24 24.90 -16.77
C THR A 398 -4.04 23.66 -17.18
N VAL A 399 -5.16 23.87 -17.89
CA VAL A 399 -5.99 22.74 -18.28
C VAL A 399 -5.23 21.83 -19.24
N MET A 400 -4.55 22.42 -20.22
CA MET A 400 -3.81 21.61 -21.18
C MET A 400 -2.66 20.88 -20.50
N ARG A 401 -1.96 21.57 -19.59
CA ARG A 401 -0.85 20.93 -18.88
C ARG A 401 -1.34 19.74 -18.06
N GLU A 402 -2.51 19.86 -17.43
CA GLU A 402 -3.04 18.74 -16.66
C GLU A 402 -3.43 17.58 -17.57
N THR A 403 -4.08 17.88 -18.69
CA THR A 403 -4.44 16.83 -19.64
C THR A 403 -3.20 16.08 -20.12
N LEU A 404 -2.17 16.83 -20.55
CA LEU A 404 -0.96 16.20 -21.04
C LEU A 404 -0.22 15.46 -19.93
N PHE A 405 -0.39 15.89 -18.67
CA PHE A 405 0.24 15.18 -17.56
C PHE A 405 -0.46 13.87 -17.27
N ILE A 406 -1.79 13.84 -17.33
CA ILE A 406 -2.53 12.59 -17.17
C ILE A 406 -2.13 11.61 -18.26
N GLY A 407 -1.88 12.11 -19.47
CA GLY A 407 -1.54 11.23 -20.58
C GLY A 407 -0.09 10.80 -20.58
N SER A 408 0.79 11.57 -19.96
CA SER A 408 2.22 11.31 -20.07
C SER A 408 2.65 10.05 -19.34
N HIS A 409 1.78 9.44 -18.54
CA HIS A 409 2.25 8.34 -17.70
C HIS A 409 2.35 7.03 -18.45
N VAL A 410 1.47 6.79 -19.43
CA VAL A 410 1.63 5.59 -20.24
C VAL A 410 2.92 5.67 -21.04
N VAL A 411 3.27 6.87 -21.50
CA VAL A 411 4.51 7.04 -22.24
C VAL A 411 5.72 6.83 -21.33
N LEU A 412 5.70 7.43 -20.14
CA LEU A 412 6.79 7.24 -19.20
C LEU A 412 6.95 5.76 -18.85
N ARG A 413 5.83 5.02 -18.79
CA ARG A 413 5.90 3.60 -18.48
C ARG A 413 6.53 2.82 -19.62
N GLU A 414 6.22 3.18 -20.86
CA GLU A 414 6.76 2.48 -22.01
C GLU A 414 8.20 2.88 -22.33
N LEU A 415 8.63 4.08 -21.93
CA LEU A 415 10.01 4.47 -22.19
C LEU A 415 10.98 3.69 -21.31
N ARG A 416 10.53 3.19 -20.17
CA ARG A 416 11.37 2.40 -19.28
C ARG A 416 11.41 0.93 -19.66
N LEU A 417 10.63 0.51 -20.65
CA LEU A 417 10.66 -0.87 -21.10
C LEU A 417 11.91 -1.15 -21.92
N ASN A 418 12.48 -2.34 -21.73
CA ASN A 418 13.69 -2.72 -22.45
C ASN A 418 13.40 -3.05 -23.91
N VAL A 419 12.17 -3.45 -24.23
CA VAL A 419 11.76 -3.73 -25.60
C VAL A 419 10.32 -3.27 -25.77
N THR A 420 10.06 -2.51 -26.82
CA THR A 420 8.74 -1.96 -27.05
C THR A 420 8.29 -2.28 -28.47
N THR A 421 6.97 -2.26 -28.66
CA THR A 421 6.35 -2.43 -29.97
C THR A 421 5.73 -1.14 -30.46
N GLN A 422 5.92 -0.04 -29.75
CA GLN A 422 5.33 1.25 -30.09
C GLN A 422 6.42 2.31 -30.20
N GLY A 423 7.53 1.94 -30.83
CA GLY A 423 8.64 2.84 -31.04
C GLY A 423 8.32 4.08 -31.85
N PRO A 424 7.69 3.91 -33.03
CA PRO A 424 7.34 5.09 -33.83
C PRO A 424 6.44 6.08 -33.09
N ASN A 425 5.47 5.60 -32.31
CA ASN A 425 4.58 6.53 -31.62
C ASN A 425 5.31 7.25 -30.49
N LEU A 426 6.22 6.56 -29.81
CA LEU A 426 7.06 7.24 -28.83
C LEU A 426 7.89 8.33 -29.51
N ALA A 427 8.38 8.04 -30.71
CA ALA A 427 9.16 9.04 -31.45
C ALA A 427 8.32 10.25 -31.78
N LEU A 428 7.08 10.03 -32.24
CA LEU A 428 6.19 11.14 -32.54
C LEU A 428 5.88 11.94 -31.29
N TYR A 429 5.61 11.26 -30.17
CA TYR A 429 5.33 11.95 -28.92
C TYR A 429 6.53 12.80 -28.50
N GLN A 430 7.73 12.23 -28.57
CA GLN A 430 8.91 12.97 -28.13
C GLN A 430 9.25 14.11 -29.07
N LEU A 431 8.96 13.95 -30.37
CA LEU A 431 9.17 15.06 -31.30
C LEU A 431 8.18 16.19 -31.03
N LEU A 432 6.92 15.85 -30.81
CA LEU A 432 5.93 16.87 -30.46
C LEU A 432 6.33 17.60 -29.18
N SER A 433 6.84 16.88 -28.18
CA SER A 433 7.28 17.52 -26.95
C SER A 433 8.48 18.43 -27.19
N THR A 434 9.43 18.00 -28.01
CA THR A 434 10.53 18.88 -28.39
C THR A 434 10.00 20.13 -29.08
N ALA A 435 8.96 19.97 -29.90
CA ALA A 435 8.39 21.12 -30.59
C ALA A 435 7.76 22.09 -29.59
N LEU A 436 7.09 21.56 -28.56
CA LEU A 436 6.40 22.37 -27.57
C LEU A 436 7.33 22.97 -26.53
N CYS A 437 8.60 22.54 -26.48
CA CYS A 437 9.54 23.03 -25.47
C CYS A 437 10.24 24.26 -26.02
N SER A 438 9.61 25.41 -25.86
CA SER A 438 10.16 26.68 -26.32
C SER A 438 10.83 27.40 -25.15
N ALA A 439 11.26 28.63 -25.38
CA ALA A 439 11.88 29.40 -24.31
C ALA A 439 10.85 29.84 -23.28
N LEU A 440 9.64 30.21 -23.72
CA LEU A 440 8.60 30.60 -22.78
C LEU A 440 8.19 29.42 -21.90
N GLU A 441 8.14 28.22 -22.47
CA GLU A 441 7.76 27.04 -21.69
C GLU A 441 8.78 26.75 -20.60
N ILE A 442 10.07 26.77 -20.96
CA ILE A 442 11.13 26.56 -19.98
C ILE A 442 11.08 27.65 -18.90
N GLY A 443 10.80 28.89 -19.31
CA GLY A 443 10.72 29.97 -18.35
C GLY A 443 9.57 29.79 -17.37
N GLU A 444 8.41 29.35 -17.87
CA GLU A 444 7.26 29.16 -16.99
C GLU A 444 7.49 27.98 -16.05
N VAL A 445 8.14 26.93 -16.54
CA VAL A 445 8.40 25.77 -15.70
C VAL A 445 9.43 26.10 -14.63
N LEU A 446 10.45 26.88 -14.98
CA LEU A 446 11.41 27.34 -13.98
C LEU A 446 10.73 28.20 -12.93
N ARG A 447 9.83 29.09 -13.36
CA ARG A 447 9.10 29.91 -12.40
C ARG A 447 8.21 29.06 -11.51
N GLY A 448 7.63 27.99 -12.06
CA GLY A 448 6.81 27.10 -11.25
C GLY A 448 7.63 26.28 -10.27
N LEU A 449 8.84 25.87 -10.68
CA LEU A 449 9.72 25.14 -9.77
C LEU A 449 10.27 26.07 -8.70
N ALA A 450 10.45 27.34 -9.01
CA ALA A 450 10.89 28.31 -8.00
C ALA A 450 9.79 28.57 -6.99
N LEU A 451 8.62 29.00 -7.47
CA LEU A 451 7.51 29.31 -6.58
C LEU A 451 6.85 28.08 -5.97
N GLY A 452 7.14 26.89 -6.51
CA GLY A 452 6.49 25.69 -6.02
C GLY A 452 5.05 25.52 -6.46
N THR A 453 4.70 25.99 -7.65
CA THR A 453 3.33 25.89 -8.15
C THR A 453 3.16 24.62 -8.98
N GLU A 454 1.99 24.44 -9.57
CA GLU A 454 1.71 23.25 -10.37
C GLU A 454 2.35 23.28 -11.75
N SER A 455 2.95 24.40 -12.14
CA SER A 455 3.56 24.49 -13.47
C SER A 455 4.82 23.66 -13.57
N GLY A 456 5.52 23.45 -12.45
CA GLY A 456 6.76 22.70 -12.47
C GLY A 456 6.63 21.20 -12.33
N LEU A 457 5.43 20.70 -12.01
CA LEU A 457 5.26 19.27 -11.83
C LEU A 457 5.43 18.51 -13.15
N PHE A 458 4.90 19.06 -14.23
CA PHE A 458 4.96 18.41 -15.53
C PHE A 458 5.21 19.46 -16.61
N SER A 459 5.93 19.04 -17.64
CA SER A 459 6.19 19.86 -18.82
C SER A 459 6.51 18.94 -19.97
N PRO A 460 6.14 19.29 -21.19
CA PRO A 460 6.64 18.52 -22.33
C PRO A 460 8.15 18.57 -22.47
N CYS A 461 8.80 19.59 -21.89
CA CYS A 461 10.26 19.63 -21.91
C CYS A 461 10.85 18.40 -21.23
N TYR A 462 10.10 17.78 -20.33
CA TYR A 462 10.61 16.62 -19.61
C TYR A 462 10.69 15.39 -20.51
N LEU A 463 9.87 15.32 -21.54
CA LEU A 463 9.97 14.27 -22.54
C LEU A 463 10.53 14.78 -23.86
N SER A 464 10.96 16.04 -23.92
CA SER A 464 11.53 16.58 -25.13
C SER A 464 12.85 15.91 -25.44
N LEU A 465 13.27 16.01 -26.71
CA LEU A 465 14.55 15.51 -27.16
C LEU A 465 15.59 16.62 -27.25
N ARG A 466 15.54 17.59 -26.34
CA ARG A 466 16.53 18.66 -26.28
C ARG A 466 17.65 18.28 -25.34
N PHE A 467 18.89 18.38 -25.82
CA PHE A 467 20.07 18.06 -25.03
C PHE A 467 21.02 19.26 -24.87
N ASP A 468 20.51 20.47 -25.11
CA ASP A 468 21.29 21.70 -25.02
C ASP A 468 20.75 22.61 -23.93
N LEU A 469 20.44 22.03 -22.77
CA LEU A 469 19.79 22.80 -21.72
C LEU A 469 20.66 22.84 -20.46
N THR A 470 21.93 23.20 -20.62
CA THR A 470 22.84 23.32 -19.48
C THR A 470 22.42 24.47 -18.57
N ARG A 471 23.10 24.56 -17.42
CA ARG A 471 22.78 25.59 -16.43
C ARG A 471 22.89 27.00 -17.02
N ASP A 472 23.95 27.26 -17.77
CA ASP A 472 24.17 28.61 -18.27
C ASP A 472 23.06 29.06 -19.20
N LYS A 473 22.41 28.13 -19.89
CA LYS A 473 21.29 28.47 -20.75
C LYS A 473 19.96 28.50 -20.00
N LEU A 474 19.81 27.64 -18.99
CA LEU A 474 18.59 27.69 -18.19
C LEU A 474 18.50 29.00 -17.42
N LEU A 475 19.62 29.47 -16.88
CA LEU A 475 19.62 30.76 -16.19
C LEU A 475 19.28 31.89 -17.14
N SER A 476 19.70 31.79 -18.40
CA SER A 476 19.33 32.79 -19.40
C SER A 476 17.83 32.73 -19.71
N MET A 477 17.24 31.54 -19.68
CA MET A 477 15.81 31.40 -19.91
C MET A 477 15.00 31.54 -18.63
N ALA A 478 15.65 31.73 -17.49
CA ALA A 478 14.91 32.02 -16.27
C ALA A 478 14.09 33.29 -16.46
N PRO A 479 12.87 33.37 -15.90
CA PRO A 479 11.97 34.50 -16.20
C PRO A 479 12.56 35.85 -15.83
N GLN A 480 12.90 36.02 -14.55
CA GLN A 480 13.50 37.24 -14.01
C GLN A 480 12.60 38.45 -14.19
N GLU A 481 11.39 38.24 -14.73
CA GLU A 481 10.42 39.32 -14.82
C GLU A 481 9.70 39.51 -13.50
N ALA A 482 9.32 38.41 -12.85
CA ALA A 482 8.86 38.48 -11.48
C ALA A 482 10.04 38.72 -10.54
N THR A 483 9.72 39.11 -9.31
CA THR A 483 10.74 39.42 -8.31
C THR A 483 11.22 38.12 -7.68
N LEU A 484 12.05 37.40 -8.44
CA LEU A 484 12.59 36.14 -7.96
C LEU A 484 13.84 36.39 -7.11
N ASP A 485 14.13 35.43 -6.23
CA ASP A 485 15.12 35.62 -5.19
C ASP A 485 16.48 34.99 -5.50
N GLN A 486 16.62 34.32 -6.65
CA GLN A 486 17.90 33.79 -7.13
C GLN A 486 18.35 32.58 -6.31
N ALA A 487 17.66 32.30 -5.20
CA ALA A 487 17.92 31.09 -4.44
C ALA A 487 16.97 29.97 -4.89
N ALA A 488 15.66 30.26 -4.87
CA ALA A 488 14.70 29.35 -5.48
C ALA A 488 15.01 29.15 -6.97
N VAL A 489 15.53 30.19 -7.62
CA VAL A 489 15.85 30.10 -9.04
C VAL A 489 17.04 29.16 -9.27
N SER A 490 18.06 29.26 -8.42
CA SER A 490 19.21 28.36 -8.55
C SER A 490 18.79 26.92 -8.28
N ASN A 491 17.99 26.69 -7.23
CA ASN A 491 17.52 25.34 -6.95
C ASN A 491 16.54 24.85 -8.01
N ALA A 492 15.80 25.75 -8.64
CA ALA A 492 14.89 25.34 -9.71
C ALA A 492 15.65 24.96 -10.97
N VAL A 493 16.71 25.71 -11.30
CA VAL A 493 17.55 25.34 -12.42
C VAL A 493 18.22 23.99 -12.17
N ASP A 494 18.70 23.78 -10.95
CA ASP A 494 19.33 22.50 -10.63
C ASP A 494 18.33 21.35 -10.67
N GLY A 495 17.11 21.58 -10.19
CA GLY A 495 16.10 20.54 -10.26
C GLY A 495 15.63 20.27 -11.68
N PHE A 496 15.41 21.33 -12.46
CA PHE A 496 15.05 21.16 -13.86
C PHE A 496 16.14 20.42 -14.61
N LEU A 497 17.39 20.68 -14.25
CA LEU A 497 18.50 19.98 -14.90
C LEU A 497 18.48 18.50 -14.54
N GLY A 498 18.33 18.18 -13.25
CA GLY A 498 18.35 16.79 -12.82
C GLY A 498 17.22 15.97 -13.41
N ARG A 499 16.05 16.60 -13.57
CA ARG A 499 14.92 15.90 -14.18
C ARG A 499 15.21 15.51 -15.63
N LEU A 500 16.23 16.08 -16.25
CA LEU A 500 16.52 15.77 -17.67
C LEU A 500 17.73 14.87 -17.74
N SER A 501 18.19 14.34 -16.62
CA SER A 501 19.41 13.50 -16.62
C SER A 501 19.19 12.32 -17.51
N LEU A 502 20.13 12.01 -18.37
CA LEU A 502 19.96 10.89 -19.30
C LEU A 502 20.17 9.60 -18.54
N GLU A 503 20.63 9.71 -17.30
CA GLU A 503 20.71 8.53 -16.46
C GLU A 503 19.32 8.01 -16.12
N ARG A 504 18.29 8.84 -16.28
CA ARG A 504 16.92 8.39 -16.10
C ARG A 504 16.52 7.42 -17.21
N GLU A 505 15.81 6.36 -16.84
CA GLU A 505 15.42 5.35 -17.81
C GLU A 505 14.46 5.90 -18.86
N ASP A 506 13.80 7.01 -18.59
CA ASP A 506 12.90 7.64 -19.55
C ASP A 506 13.54 8.86 -20.21
N ARG A 507 14.85 9.05 -20.08
CA ARG A 507 15.55 10.20 -20.66
C ARG A 507 16.59 9.82 -21.71
N ASP A 508 17.37 8.77 -21.47
CA ASP A 508 18.21 8.21 -22.52
C ASP A 508 17.32 7.69 -23.65
N ALA A 509 17.84 7.72 -24.87
CA ALA A 509 16.96 7.39 -25.99
C ALA A 509 16.48 5.95 -25.91
N TRP A 510 17.38 5.00 -26.12
CA TRP A 510 17.09 3.57 -26.07
C TRP A 510 15.98 3.14 -27.02
N HIS A 511 15.37 4.10 -27.71
CA HIS A 511 14.29 3.80 -28.63
C HIS A 511 14.39 4.62 -29.90
N LEU A 512 15.38 5.49 -30.01
CA LEU A 512 15.71 6.17 -31.25
C LEU A 512 16.83 5.38 -31.92
N PRO A 513 16.53 4.52 -32.90
CA PRO A 513 17.56 3.66 -33.48
C PRO A 513 18.73 4.39 -34.14
N ALA A 514 18.66 5.73 -34.16
CA ALA A 514 19.72 6.55 -34.72
C ALA A 514 20.60 7.23 -33.67
N TYR A 515 20.25 7.11 -32.39
CA TYR A 515 21.12 7.65 -31.35
C TYR A 515 22.46 6.92 -31.27
N LYS A 516 22.53 5.70 -31.84
CA LYS A 516 23.79 4.95 -31.89
C LYS A 516 24.75 5.48 -32.94
N CYS A 517 24.26 6.20 -33.93
CA CYS A 517 25.15 6.71 -34.98
C CYS A 517 26.08 7.81 -34.48
N VAL A 518 25.95 8.23 -33.22
CA VAL A 518 26.77 9.29 -32.67
C VAL A 518 27.91 8.67 -31.90
N ASP A 519 29.09 9.28 -31.99
CA ASP A 519 30.27 8.84 -31.25
C ASP A 519 30.67 9.79 -30.14
N ARG A 520 30.31 11.08 -30.24
CA ARG A 520 30.48 12.06 -29.18
C ARG A 520 29.09 12.51 -28.74
N LEU A 521 28.51 11.76 -27.79
CA LEU A 521 27.16 12.03 -27.32
C LEU A 521 27.08 13.25 -26.43
N ASP A 522 28.18 13.61 -25.76
CA ASP A 522 28.18 14.79 -24.90
C ASP A 522 28.11 16.09 -25.68
N LYS A 523 28.13 16.04 -27.01
CA LYS A 523 28.04 17.23 -27.85
C LYS A 523 26.74 17.28 -28.64
N VAL A 524 25.80 16.38 -28.36
CA VAL A 524 24.52 16.37 -29.05
C VAL A 524 23.66 17.51 -28.52
N LEU A 525 23.01 18.22 -29.42
CA LEU A 525 22.13 19.33 -29.07
C LEU A 525 20.66 19.00 -29.22
N MET A 526 20.29 18.23 -30.24
CA MET A 526 18.88 17.94 -30.49
C MET A 526 18.79 16.71 -31.37
N ILE A 527 17.67 16.01 -31.26
CA ILE A 527 17.34 14.89 -32.14
C ILE A 527 15.95 15.15 -32.69
N ILE A 528 15.83 15.19 -34.02
CA ILE A 528 14.55 15.39 -34.66
C ILE A 528 14.17 14.14 -35.45
N PRO A 529 13.40 13.22 -34.87
CA PRO A 529 12.99 11.98 -35.56
C PRO A 529 11.75 12.12 -36.45
N LEU A 530 11.96 12.56 -37.70
CA LEU A 530 10.87 12.66 -38.66
C LEU A 530 10.58 11.28 -39.23
N ILE A 531 9.78 11.22 -40.29
CA ILE A 531 9.43 9.96 -40.93
C ILE A 531 10.45 9.66 -42.03
N ASN A 532 11.03 8.45 -41.98
CA ASN A 532 12.09 7.98 -42.87
C ASN A 532 13.43 8.65 -42.62
N VAL A 533 13.54 9.51 -41.61
CA VAL A 533 14.79 10.23 -41.37
C VAL A 533 14.79 10.73 -39.93
N THR A 534 15.99 10.77 -39.33
CA THR A 534 16.20 11.41 -38.04
C THR A 534 17.44 12.30 -38.16
N PHE A 535 17.29 13.54 -37.77
CA PHE A 535 18.38 14.51 -37.84
C PHE A 535 19.04 14.60 -36.48
N ILE A 536 20.33 14.27 -36.43
CA ILE A 536 21.14 14.44 -35.24
C ILE A 536 21.76 15.83 -35.31
N ILE A 537 21.25 16.77 -34.52
CA ILE A 537 21.78 18.13 -34.50
C ILE A 537 22.76 18.20 -33.35
N SER A 538 24.03 18.42 -33.65
CA SER A 538 25.08 18.39 -32.64
C SER A 538 26.11 19.47 -32.92
N SER A 539 26.97 19.71 -31.92
CA SER A 539 28.11 20.59 -32.08
C SER A 539 29.39 19.84 -32.41
N ASP A 540 29.27 18.62 -32.91
CA ASP A 540 30.41 17.78 -33.24
C ASP A 540 30.22 17.21 -34.63
N ARG A 541 31.31 16.72 -35.21
CA ARG A 541 31.29 16.24 -36.59
C ARG A 541 31.23 14.72 -36.70
N GLU A 542 31.77 13.99 -35.72
CA GLU A 542 31.89 12.53 -35.81
C GLU A 542 30.53 11.89 -35.56
N VAL A 543 29.71 11.89 -36.61
CA VAL A 543 28.38 11.28 -36.57
C VAL A 543 28.22 10.42 -37.81
N ARG A 544 27.95 9.13 -37.61
CA ARG A 544 27.80 8.19 -38.72
C ARG A 544 26.42 8.35 -39.34
N GLY A 545 26.27 9.41 -40.12
CA GLY A 545 25.02 9.71 -40.80
C GLY A 545 25.14 9.59 -42.31
N SER A 546 24.01 9.88 -42.98
CA SER A 546 23.94 9.81 -44.43
C SER A 546 24.46 11.06 -45.11
N ALA A 547 24.54 12.17 -44.39
CA ALA A 547 25.09 13.41 -44.93
C ALA A 547 25.65 14.24 -43.78
N LEU A 548 26.10 15.44 -44.09
CA LEU A 548 26.68 16.32 -43.07
C LEU A 548 26.57 17.76 -43.54
N TYR A 549 25.68 18.53 -42.92
CA TYR A 549 25.62 19.96 -43.15
C TYR A 549 26.30 20.70 -42.02
N GLU A 550 26.72 21.93 -42.30
CA GLU A 550 27.22 22.84 -41.28
C GLU A 550 26.52 24.18 -41.44
N ALA A 551 25.89 24.67 -40.37
CA ALA A 551 25.14 25.91 -40.42
C ALA A 551 26.06 27.11 -40.17
N SER A 552 25.50 28.30 -40.37
CA SER A 552 26.25 29.54 -40.24
C SER A 552 26.28 29.96 -38.77
N THR A 553 27.47 29.89 -38.16
CA THR A 553 27.67 30.38 -36.80
C THR A 553 28.76 31.44 -36.80
N THR A 554 28.74 32.29 -35.78
CA THR A 554 29.77 33.31 -35.64
C THR A 554 31.14 32.66 -35.39
N TYR A 555 32.19 33.36 -35.77
CA TYR A 555 33.55 32.83 -35.68
C TYR A 555 33.92 32.56 -34.22
N LEU A 556 34.43 31.36 -33.96
CA LEU A 556 34.88 30.93 -32.64
C LEU A 556 33.73 30.80 -31.65
N SER A 557 32.58 30.32 -32.11
CA SER A 557 31.37 30.31 -31.28
C SER A 557 30.60 28.99 -31.41
N SER A 558 31.29 27.86 -31.27
CA SER A 558 30.66 26.55 -31.09
C SER A 558 29.75 26.19 -32.28
N SER A 559 30.41 25.90 -33.40
CA SER A 559 29.73 25.60 -34.67
C SER A 559 28.62 24.55 -34.54
N LEU A 560 27.69 24.55 -35.50
CA LEU A 560 26.50 23.70 -35.48
C LEU A 560 26.51 22.74 -36.66
N PHE A 561 26.13 21.49 -36.40
CA PHE A 561 26.12 20.45 -37.43
C PHE A 561 24.78 19.72 -37.43
N LEU A 562 24.32 19.36 -38.62
CA LEU A 562 23.09 18.57 -38.78
C LEU A 562 23.43 17.34 -39.61
N SER A 563 23.33 16.17 -39.00
CA SER A 563 23.61 14.91 -39.68
C SER A 563 22.32 14.14 -39.85
N PRO A 564 21.79 14.00 -41.06
CA PRO A 564 20.58 13.18 -41.25
C PRO A 564 20.93 11.70 -41.30
N VAL A 565 20.05 10.88 -40.72
CA VAL A 565 20.19 9.43 -40.75
C VAL A 565 18.93 8.89 -41.40
N ILE A 566 19.09 8.29 -42.57
CA ILE A 566 17.93 7.78 -43.31
C ILE A 566 17.56 6.40 -42.76
N MET A 567 16.26 6.19 -42.53
CA MET A 567 15.69 4.94 -42.04
C MET A 567 16.31 4.49 -40.72
N ASN A 568 16.96 5.41 -40.01
CA ASN A 568 17.64 5.13 -38.74
C ASN A 568 18.71 4.06 -38.88
N LYS A 569 19.31 3.96 -40.07
CA LYS A 569 20.38 2.99 -40.33
C LYS A 569 21.69 3.76 -40.38
N CYS A 570 22.57 3.50 -39.42
CA CYS A 570 23.82 4.24 -39.33
C CYS A 570 24.73 3.90 -40.51
N SER A 571 25.66 4.82 -40.78
CA SER A 571 26.62 4.60 -41.84
C SER A 571 27.78 3.73 -41.34
N GLN A 572 28.56 3.20 -42.29
CA GLN A 572 29.72 2.41 -41.92
C GLN A 572 30.78 3.28 -41.23
N GLY A 573 30.80 4.58 -41.52
CA GLY A 573 31.72 5.48 -40.87
C GLY A 573 31.23 6.91 -40.96
N ALA A 574 31.92 7.79 -40.22
CA ALA A 574 31.61 9.21 -40.28
C ALA A 574 31.88 9.76 -41.68
N VAL A 575 30.94 10.54 -42.20
CA VAL A 575 31.06 11.09 -43.54
C VAL A 575 32.22 12.08 -43.55
N ALA A 576 33.32 11.70 -44.19
CA ALA A 576 34.52 12.51 -44.20
C ALA A 576 34.45 13.54 -45.33
N GLY A 577 35.49 14.36 -45.43
CA GLY A 577 35.52 15.40 -46.44
C GLY A 577 35.11 16.76 -45.90
N GLU A 578 34.62 17.61 -46.77
CA GLU A 578 34.22 18.92 -46.30
C GLU A 578 32.71 18.95 -46.11
N PRO A 579 32.21 19.49 -45.00
CA PRO A 579 30.76 19.52 -44.79
C PRO A 579 30.08 20.39 -45.82
N ARG A 580 28.99 19.88 -46.40
CA ARG A 580 28.31 20.60 -47.45
C ARG A 580 27.61 21.83 -46.90
N GLN A 581 27.45 22.84 -47.74
CA GLN A 581 26.79 24.07 -47.34
C GLN A 581 25.28 23.87 -47.33
N ILE A 582 24.61 24.63 -46.48
CA ILE A 582 23.15 24.59 -46.42
C ILE A 582 22.60 25.52 -47.49
N PRO A 583 21.88 24.99 -48.49
CA PRO A 583 21.38 25.85 -49.58
C PRO A 583 20.34 26.82 -49.08
N LYS A 584 20.52 28.10 -49.42
CA LYS A 584 19.53 29.12 -49.10
C LYS A 584 18.41 29.08 -50.13
N ILE A 585 17.18 29.30 -49.67
CA ILE A 585 16.01 29.30 -50.54
C ILE A 585 15.28 30.62 -50.36
N GLN A 586 15.05 31.32 -51.48
CA GLN A 586 14.35 32.58 -51.48
C GLN A 586 13.03 32.55 -52.23
N ASN A 587 12.82 31.58 -53.12
CA ASN A 587 11.66 31.51 -54.00
C ASN A 587 10.46 30.81 -53.38
N PHE A 588 10.51 30.49 -52.09
CA PHE A 588 9.34 29.94 -51.42
C PHE A 588 8.28 31.02 -51.29
N THR A 589 7.09 30.76 -51.80
CA THR A 589 5.99 31.72 -51.71
C THR A 589 5.32 31.63 -50.35
N ARG A 590 5.04 32.80 -49.75
CA ARG A 590 4.37 32.83 -48.47
C ARG A 590 2.90 32.41 -48.58
N THR A 591 2.31 32.51 -49.77
CA THR A 591 0.95 32.04 -49.99
C THR A 591 0.98 30.56 -50.35
N GLN A 592 0.25 29.75 -49.60
CA GLN A 592 0.15 28.32 -49.86
C GLN A 592 -1.29 27.88 -49.70
N LYS A 593 -1.75 26.98 -50.58
CA LYS A 593 -3.10 26.45 -50.51
C LYS A 593 -3.15 25.00 -50.04
N SER A 594 -2.08 24.24 -50.23
CA SER A 594 -2.00 22.87 -49.74
C SER A 594 -0.81 22.75 -48.78
N CYS A 595 -0.85 21.72 -47.94
CA CYS A 595 0.19 21.51 -46.93
C CYS A 595 1.42 20.93 -47.61
N ILE A 596 2.24 21.81 -48.19
CA ILE A 596 3.44 21.37 -48.88
C ILE A 596 4.58 21.06 -47.92
N PHE A 597 4.54 21.57 -46.69
CA PHE A 597 5.56 21.32 -45.69
C PHE A 597 5.16 20.25 -44.68
N CYS A 598 4.01 19.60 -44.86
CA CYS A 598 3.53 18.63 -43.90
C CYS A 598 4.55 17.52 -43.70
N GLY A 599 4.83 17.20 -42.43
CA GLY A 599 5.83 16.21 -42.09
C GLY A 599 7.23 16.75 -41.95
N PHE A 600 7.46 18.03 -42.22
CA PHE A 600 8.78 18.63 -42.11
C PHE A 600 8.95 19.30 -40.74
N ALA A 601 10.20 19.68 -40.45
CA ALA A 601 10.53 20.38 -39.22
C ALA A 601 11.11 21.74 -39.56
N LEU A 602 10.89 22.71 -38.68
CA LEU A 602 11.34 24.09 -38.91
C LEU A 602 12.05 24.57 -37.66
N LEU A 603 13.36 24.70 -37.76
CA LEU A 603 14.23 24.97 -36.62
C LEU A 603 14.84 26.36 -36.79
N SER A 604 14.54 27.26 -35.86
CA SER A 604 15.14 28.59 -35.85
C SER A 604 16.19 28.63 -34.75
N TYR A 605 17.39 29.10 -35.10
CA TYR A 605 18.45 29.22 -34.11
C TYR A 605 19.11 30.59 -34.24
N ASP A 606 20.05 30.84 -33.33
CA ASP A 606 20.79 32.10 -33.29
C ASP A 606 22.29 31.82 -33.37
N GLU A 607 23.03 32.82 -33.82
CA GLU A 607 24.45 32.60 -34.11
C GLU A 607 25.29 32.53 -32.84
N LYS A 608 24.85 33.15 -31.76
CA LYS A 608 25.60 33.14 -30.51
C LYS A 608 24.74 32.79 -29.29
N GLU A 609 23.46 32.48 -29.48
CA GLU A 609 22.60 32.03 -28.40
C GLU A 609 22.33 30.53 -28.45
N GLY A 610 22.26 29.95 -29.64
CA GLY A 610 22.01 28.54 -29.80
C GLY A 610 20.68 28.27 -30.47
N LEU A 611 20.18 27.05 -30.27
CA LEU A 611 18.87 26.68 -30.78
C LEU A 611 17.78 27.45 -30.05
N GLU A 612 16.81 27.97 -30.79
CA GLU A 612 15.80 28.84 -30.23
C GLU A 612 14.41 28.20 -30.21
N THR A 613 13.89 27.77 -31.37
CA THR A 613 12.57 27.17 -31.45
C THR A 613 12.65 25.88 -32.25
N THR A 614 11.51 25.18 -32.28
CA THR A 614 11.37 23.96 -33.08
C THR A 614 9.89 23.79 -33.38
N THR A 615 9.56 23.66 -34.66
CA THR A 615 8.18 23.51 -35.10
C THR A 615 8.06 22.22 -35.90
N TYR A 616 7.04 21.44 -35.60
CA TYR A 616 6.71 20.26 -36.39
C TYR A 616 5.48 20.60 -37.22
N ILE A 617 5.65 20.71 -38.54
CA ILE A 617 4.54 21.03 -39.43
C ILE A 617 3.65 19.80 -39.54
N THR A 618 2.55 19.79 -38.78
CA THR A 618 1.69 18.62 -38.67
C THR A 618 0.36 18.78 -39.38
N SER A 619 0.05 19.96 -39.92
CA SER A 619 -1.21 20.19 -40.61
C SER A 619 -1.10 21.46 -41.43
N GLN A 620 -2.11 21.71 -42.25
CA GLN A 620 -2.18 22.96 -43.00
C GLN A 620 -2.27 24.15 -42.05
N GLU A 621 -2.96 23.99 -40.91
CA GLU A 621 -3.16 25.09 -39.99
C GLU A 621 -1.83 25.55 -39.39
N VAL A 622 -0.96 24.62 -39.04
CA VAL A 622 0.33 24.98 -38.45
C VAL A 622 1.21 25.65 -39.49
N GLN A 623 1.19 25.16 -40.73
CA GLN A 623 1.95 25.80 -41.79
C GLN A 623 1.50 27.24 -42.00
N ASN A 624 0.19 27.47 -42.02
CA ASN A 624 -0.31 28.84 -42.20
C ASN A 624 -0.06 29.68 -40.97
N SER A 625 -0.02 29.07 -39.78
CA SER A 625 0.36 29.82 -38.59
C SER A 625 1.80 30.27 -38.65
N ILE A 626 2.66 29.50 -39.31
CA ILE A 626 4.07 29.86 -39.39
C ILE A 626 4.30 30.92 -40.48
N LEU A 627 3.71 30.70 -41.66
CA LEU A 627 3.98 31.59 -42.79
C LEU A 627 3.32 32.94 -42.61
N SER A 628 2.13 32.98 -42.01
CA SER A 628 1.33 34.20 -41.95
C SER A 628 1.40 34.90 -40.60
N SER A 629 2.57 34.87 -39.94
CA SER A 629 2.75 35.57 -38.68
C SER A 629 4.10 36.28 -38.72
N ASN A 630 4.54 36.74 -37.55
CA ASN A 630 5.83 37.40 -37.41
C ASN A 630 6.96 36.41 -37.16
N TYR A 631 6.73 35.12 -37.40
CA TYR A 631 7.78 34.13 -37.15
C TYR A 631 9.00 34.39 -38.01
N PHE A 632 8.80 34.69 -39.29
CA PHE A 632 9.90 34.99 -40.19
C PHE A 632 10.30 36.44 -40.01
N ASP A 633 11.40 36.68 -39.31
CA ASP A 633 11.97 38.01 -39.14
C ASP A 633 13.35 38.02 -39.79
N PHE A 634 13.37 38.28 -41.10
CA PHE A 634 14.63 38.31 -41.84
C PHE A 634 15.44 39.56 -41.57
N ASP A 635 14.91 40.49 -40.77
CA ASP A 635 15.65 41.70 -40.43
C ASP A 635 16.79 41.39 -39.47
N ASN A 636 16.56 40.48 -38.53
CA ASN A 636 17.60 40.04 -37.60
C ASN A 636 18.52 39.07 -38.33
N LEU A 637 19.78 39.48 -38.54
CA LEU A 637 20.73 38.66 -39.28
C LEU A 637 21.35 37.56 -38.44
N HIS A 638 21.13 37.57 -37.12
CA HIS A 638 21.66 36.51 -36.27
C HIS A 638 20.74 35.30 -36.21
N VAL A 639 19.46 35.47 -36.48
CA VAL A 639 18.50 34.37 -36.46
C VAL A 639 18.45 33.73 -37.84
N HIS A 640 18.61 32.42 -37.88
CA HIS A 640 18.55 31.65 -39.11
C HIS A 640 17.50 30.57 -38.98
N TYR A 641 16.70 30.40 -40.03
CA TYR A 641 15.62 29.42 -40.05
C TYR A 641 16.00 28.29 -41.00
N LEU A 642 15.96 27.06 -40.49
CA LEU A 642 16.35 25.87 -41.26
C LEU A 642 15.14 24.96 -41.43
N LEU A 643 14.91 24.51 -42.66
CA LEU A 643 13.84 23.58 -42.95
C LEU A 643 14.41 22.17 -43.12
N LEU A 644 13.86 21.20 -42.38
CA LEU A 644 14.31 19.82 -42.41
C LEU A 644 13.24 18.96 -43.07
N THR A 645 13.61 18.27 -44.14
CA THR A 645 12.67 17.50 -44.95
C THR A 645 12.77 16.01 -44.65
N THR A 646 11.80 15.26 -45.19
CA THR A 646 11.71 13.82 -44.93
C THR A 646 12.71 13.00 -45.72
N ASN A 647 13.36 13.56 -46.73
CA ASN A 647 14.41 12.85 -47.45
C ASN A 647 15.80 13.28 -47.01
N GLY A 648 15.90 13.93 -45.84
CA GLY A 648 17.19 14.25 -45.26
C GLY A 648 17.80 15.57 -45.68
N THR A 649 17.07 16.40 -46.42
CA THR A 649 17.63 17.66 -46.92
C THR A 649 17.45 18.76 -45.87
N VAL A 650 18.45 19.62 -45.76
CA VAL A 650 18.41 20.79 -44.87
C VAL A 650 18.54 22.04 -45.72
N MET A 651 17.51 22.88 -45.70
CA MET A 651 17.51 24.15 -46.40
C MET A 651 17.52 25.30 -45.39
N GLU A 652 17.98 26.46 -45.84
CA GLU A 652 17.97 27.67 -45.02
C GLU A 652 17.02 28.67 -45.67
N ILE A 653 15.89 28.93 -45.02
CA ILE A 653 14.90 29.86 -45.55
C ILE A 653 15.38 31.27 -45.24
N ALA A 654 15.74 32.01 -46.30
CA ALA A 654 16.24 33.36 -46.16
C ALA A 654 15.36 34.39 -46.84
N GLY A 655 14.28 33.97 -47.48
CA GLY A 655 13.39 34.89 -48.16
C GLY A 655 12.09 34.22 -48.53
N LEU A 656 11.07 35.04 -48.73
CA LEU A 656 9.73 34.57 -49.04
C LEU A 656 9.10 35.49 -50.08
N TYR A 657 7.86 35.14 -50.47
CA TYR A 657 7.09 35.97 -51.37
C TYR A 657 5.61 35.98 -50.96
N TYR B 3 -4.98 0.09 49.92
CA TYR B 3 -6.02 -0.67 50.62
C TYR B 3 -7.33 0.11 50.61
N PRO B 4 -7.98 0.27 49.42
CA PRO B 4 -9.20 1.09 49.38
C PRO B 4 -10.42 0.39 49.99
N CYS B 5 -10.85 -0.73 49.42
CA CYS B 5 -11.92 -1.54 50.01
C CYS B 5 -11.59 -3.02 49.86
N CYS B 6 -10.60 -3.31 49.03
CA CYS B 6 -9.90 -4.58 48.95
C CYS B 6 -8.60 -4.29 48.22
N HIS B 7 -7.84 -5.33 47.92
CA HIS B 7 -6.54 -5.12 47.32
C HIS B 7 -6.48 -5.64 45.89
N VAL B 8 -5.28 -5.56 45.30
CA VAL B 8 -5.03 -6.02 43.92
C VAL B 8 -3.85 -6.97 43.83
N THR B 9 -3.60 -7.78 44.85
CA THR B 9 -2.45 -8.68 44.86
C THR B 9 -2.35 -9.50 43.57
N GLN B 10 -1.15 -9.49 42.98
CA GLN B 10 -0.91 -10.17 41.72
C GLN B 10 -0.74 -11.68 41.91
N LEU B 11 -1.24 -12.45 40.95
CA LEU B 11 -1.20 -13.91 41.02
C LEU B 11 0.24 -14.41 41.19
N ALA B 12 0.48 -15.16 42.26
CA ALA B 12 1.79 -15.72 42.50
C ALA B 12 2.09 -16.79 41.45
N ALA B 13 3.37 -17.04 41.20
CA ALA B 13 3.75 -17.76 39.99
C ALA B 13 3.52 -19.26 40.17
N GLN B 14 2.34 -19.60 40.70
CA GLN B 14 1.73 -20.90 40.52
C GLN B 14 0.20 -20.83 40.46
N HIS B 15 -0.39 -19.64 40.64
CA HIS B 15 -1.84 -19.47 40.64
C HIS B 15 -2.36 -19.28 39.22
N LEU B 16 -3.44 -19.99 38.90
CA LEU B 16 -4.06 -19.93 37.59
C LEU B 16 -5.42 -19.24 37.69
N LEU B 17 -5.72 -18.39 36.71
CA LEU B 17 -7.00 -17.71 36.60
C LEU B 17 -7.51 -17.86 35.19
N ALA B 18 -8.80 -18.17 35.05
CA ALA B 18 -9.42 -18.31 33.74
C ALA B 18 -10.80 -17.66 33.76
N LEU B 19 -11.17 -17.03 32.64
CA LEU B 19 -12.49 -16.43 32.54
C LEU B 19 -13.60 -17.47 32.53
N GLU B 20 -13.27 -18.72 32.19
CA GLU B 20 -14.30 -19.75 32.13
C GLU B 20 -14.85 -20.08 33.50
N ASN B 21 -14.05 -19.90 34.56
CA ASN B 21 -14.47 -20.17 35.93
C ASN B 21 -14.90 -18.92 36.68
N ILE B 22 -15.39 -17.91 35.95
CA ILE B 22 -15.90 -16.67 36.55
C ILE B 22 -17.30 -16.43 36.01
N SER B 23 -18.24 -16.13 36.91
CA SER B 23 -19.62 -15.94 36.52
C SER B 23 -20.26 -14.66 37.05
N ASP B 24 -19.62 -13.96 37.97
CA ASP B 24 -20.18 -12.75 38.55
C ASP B 24 -19.05 -11.76 38.81
N ILE B 25 -19.17 -10.56 38.24
CA ILE B 25 -18.17 -9.51 38.41
C ILE B 25 -18.85 -8.29 39.01
N TYR B 26 -18.26 -7.74 40.06
CA TYR B 26 -18.79 -6.58 40.77
C TYR B 26 -17.85 -5.41 40.57
N LEU B 27 -18.40 -4.28 40.14
CA LEU B 27 -17.63 -3.07 39.87
C LEU B 27 -17.88 -2.03 40.96
N VAL B 28 -16.95 -1.10 41.07
CA VAL B 28 -16.98 -0.05 42.08
C VAL B 28 -17.11 1.31 41.38
N SER B 29 -17.89 2.21 41.96
CA SER B 29 -18.04 3.56 41.44
C SER B 29 -16.84 4.41 41.80
N ASN B 30 -16.80 5.62 41.27
CA ASN B 30 -15.70 6.53 41.58
C ASN B 30 -15.83 7.15 42.96
N GLN B 31 -17.00 7.04 43.59
CA GLN B 31 -17.23 7.56 44.94
C GLN B 31 -17.78 6.48 45.86
N THR B 32 -17.64 5.21 45.50
CA THR B 32 -17.98 4.10 46.39
C THR B 32 -16.80 3.77 47.30
N CYS B 33 -15.65 3.49 46.71
CA CYS B 33 -14.41 3.31 47.45
C CYS B 33 -13.58 4.59 47.32
N ASP B 34 -12.32 4.52 47.76
CA ASP B 34 -11.46 5.69 47.84
C ASP B 34 -11.29 6.41 46.51
N GLY B 35 -11.75 5.81 45.41
CA GLY B 35 -11.61 6.41 44.09
C GLY B 35 -10.89 5.55 43.09
N PHE B 36 -10.27 4.45 43.53
CA PHE B 36 -9.63 3.53 42.61
C PHE B 36 -10.66 2.60 41.99
N SER B 37 -10.33 2.06 40.82
CA SER B 37 -11.20 1.13 40.12
C SER B 37 -10.80 -0.29 40.51
N LEU B 38 -11.62 -0.92 41.34
CA LEU B 38 -11.44 -2.30 41.73
C LEU B 38 -12.65 -3.12 41.33
N ALA B 39 -12.40 -4.32 40.81
CA ALA B 39 -13.45 -5.27 40.47
C ALA B 39 -13.22 -6.56 41.25
N SER B 40 -14.32 -7.26 41.51
CA SER B 40 -14.28 -8.53 42.23
C SER B 40 -14.87 -9.61 41.35
N LEU B 41 -14.07 -10.63 41.03
CA LEU B 41 -14.51 -11.77 40.24
C LEU B 41 -14.92 -12.91 41.16
N ASN B 42 -16.07 -13.53 40.88
CA ASN B 42 -16.60 -14.57 41.75
C ASN B 42 -16.73 -15.89 40.99
N SER B 43 -16.63 -16.99 41.75
CA SER B 43 -16.82 -18.35 41.27
C SER B 43 -18.32 -18.65 41.20
N PRO B 44 -18.73 -19.77 40.58
CA PRO B 44 -20.16 -19.97 40.24
C PRO B 44 -21.19 -19.96 41.38
N LYS B 45 -20.77 -19.96 42.64
CA LYS B 45 -21.70 -19.96 43.78
C LYS B 45 -22.69 -21.12 43.68
N ASN B 46 -22.21 -22.26 43.18
CA ASN B 46 -23.06 -23.42 42.97
C ASN B 46 -22.42 -24.64 43.62
N GLY B 47 -23.25 -25.64 43.87
CA GLY B 47 -22.80 -26.87 44.48
C GLY B 47 -23.30 -26.98 45.91
N SER B 48 -22.81 -28.02 46.60
CA SER B 48 -23.20 -28.26 47.97
C SER B 48 -22.66 -27.17 48.89
N ASN B 49 -23.51 -26.76 49.84
CA ASN B 49 -23.22 -25.70 50.80
C ASN B 49 -23.02 -24.35 50.10
N GLN B 50 -23.13 -24.37 48.76
CA GLN B 50 -23.05 -23.19 47.87
C GLN B 50 -21.83 -22.30 48.15
N LEU B 51 -20.66 -22.93 48.33
CA LEU B 51 -19.43 -22.19 48.55
C LEU B 51 -19.02 -21.38 47.32
N VAL B 52 -18.35 -20.25 47.55
CA VAL B 52 -17.92 -19.33 46.50
C VAL B 52 -16.56 -18.72 46.87
N ILE B 53 -15.69 -18.56 45.87
CA ILE B 53 -14.35 -17.98 46.03
C ILE B 53 -14.26 -16.70 45.20
N SER B 54 -13.57 -15.71 45.73
CA SER B 54 -13.48 -14.37 45.13
C SER B 54 -12.03 -13.92 45.03
N ARG B 55 -11.74 -13.13 43.98
CA ARG B 55 -10.40 -12.61 43.73
C ARG B 55 -10.54 -11.21 43.16
N CYS B 56 -10.10 -10.21 43.94
CA CYS B 56 -10.10 -8.80 43.55
C CYS B 56 -9.08 -8.54 42.44
N ALA B 57 -9.40 -7.57 41.59
CA ALA B 57 -8.51 -7.25 40.47
C ALA B 57 -8.69 -5.80 40.05
N ASN B 58 -7.79 -5.35 39.17
CA ASN B 58 -7.82 -3.98 38.68
C ASN B 58 -9.09 -3.72 37.89
N GLY B 59 -9.91 -2.79 38.38
CA GLY B 59 -11.17 -2.50 37.72
C GLY B 59 -11.02 -1.80 36.39
N LEU B 60 -9.97 -0.98 36.23
CA LEU B 60 -9.73 -0.31 34.96
C LEU B 60 -9.48 -1.32 33.84
N ASN B 61 -8.68 -2.35 34.12
CA ASN B 61 -8.41 -3.36 33.10
C ASN B 61 -9.66 -4.19 32.79
N VAL B 62 -10.46 -4.49 33.81
CA VAL B 62 -11.71 -5.22 33.57
C VAL B 62 -12.63 -4.39 32.68
N VAL B 63 -12.78 -3.10 33.00
CA VAL B 63 -13.70 -2.26 32.24
C VAL B 63 -13.20 -2.07 30.81
N SER B 64 -11.89 -1.84 30.63
CA SER B 64 -11.37 -1.70 29.28
C SER B 64 -11.55 -3.00 28.49
N PHE B 65 -11.33 -4.14 29.14
CA PHE B 65 -11.55 -5.43 28.48
C PHE B 65 -12.98 -5.56 27.99
N PHE B 66 -13.95 -5.26 28.86
CA PHE B 66 -15.34 -5.45 28.48
C PHE B 66 -15.80 -4.41 27.48
N ILE B 67 -15.24 -3.20 27.52
CA ILE B 67 -15.55 -2.20 26.51
C ILE B 67 -15.10 -2.69 25.14
N SER B 68 -13.86 -3.17 25.05
CA SER B 68 -13.36 -3.69 23.77
C SER B 68 -14.15 -4.91 23.33
N ILE B 69 -14.56 -5.75 24.28
CA ILE B 69 -15.35 -6.94 23.93
C ILE B 69 -16.67 -6.51 23.30
N LEU B 70 -17.36 -5.56 23.93
CA LEU B 70 -18.66 -5.14 23.43
C LEU B 70 -18.54 -4.38 22.11
N LYS B 71 -17.42 -3.68 21.90
CA LYS B 71 -17.24 -2.98 20.63
C LYS B 71 -16.95 -3.95 19.49
N ARG B 72 -16.08 -4.94 19.73
CA ARG B 72 -15.71 -5.88 18.68
C ARG B 72 -16.87 -6.76 18.23
N SER B 73 -18.01 -6.70 18.91
CA SER B 73 -19.17 -7.50 18.56
C SER B 73 -20.44 -6.65 18.65
N SER B 74 -20.34 -5.37 18.31
CA SER B 74 -21.49 -4.48 18.39
C SER B 74 -22.59 -4.84 17.39
N SER B 75 -22.26 -5.60 16.35
CA SER B 75 -23.28 -6.04 15.40
C SER B 75 -24.17 -7.14 15.96
N ALA B 76 -23.90 -7.61 17.18
CA ALA B 76 -24.71 -8.64 17.82
C ALA B 76 -25.27 -8.19 19.15
N LEU B 77 -25.07 -6.93 19.52
CA LEU B 77 -25.59 -6.42 20.78
C LEU B 77 -27.11 -6.40 20.76
N THR B 78 -27.71 -6.81 21.87
CA THR B 78 -29.16 -6.93 21.99
C THR B 78 -29.82 -5.67 22.54
N GLY B 79 -29.06 -4.58 22.68
CA GLY B 79 -29.57 -3.35 23.28
C GLY B 79 -29.36 -3.33 24.77
N HIS B 80 -29.60 -4.46 25.43
CA HIS B 80 -29.20 -4.61 26.83
C HIS B 80 -27.70 -4.41 26.97
N LEU B 81 -26.91 -5.13 26.17
CA LEU B 81 -25.47 -4.95 26.17
C LEU B 81 -25.05 -3.60 25.62
N ARG B 82 -25.91 -2.95 24.83
CA ARG B 82 -25.63 -1.59 24.38
C ARG B 82 -25.64 -0.61 25.55
N GLU B 83 -26.66 -0.71 26.41
CA GLU B 83 -26.68 0.10 27.62
C GLU B 83 -25.51 -0.25 28.53
N LEU B 84 -25.14 -1.53 28.59
CA LEU B 84 -23.97 -1.93 29.36
C LEU B 84 -22.71 -1.24 28.81
N LEU B 85 -22.57 -1.18 27.49
CA LEU B 85 -21.40 -0.54 26.90
C LEU B 85 -21.35 0.94 27.25
N THR B 86 -22.50 1.62 27.18
CA THR B 86 -22.54 3.04 27.53
C THR B 86 -22.20 3.25 29.00
N THR B 87 -22.72 2.38 29.87
CA THR B 87 -22.44 2.51 31.31
C THR B 87 -20.97 2.23 31.62
N LEU B 88 -20.38 1.24 30.95
CA LEU B 88 -18.97 0.95 31.17
C LEU B 88 -18.08 2.08 30.69
N GLU B 89 -18.42 2.68 29.54
CA GLU B 89 -17.65 3.81 29.04
C GLU B 89 -17.72 4.98 30.01
N THR B 90 -18.93 5.29 30.51
CA THR B 90 -19.09 6.38 31.47
C THR B 90 -18.31 6.11 32.75
N LEU B 91 -18.37 4.87 33.25
CA LEU B 91 -17.62 4.52 34.45
C LEU B 91 -16.12 4.64 34.23
N TYR B 92 -15.63 4.15 33.10
CA TYR B 92 -14.20 4.26 32.80
C TYR B 92 -13.78 5.71 32.67
N GLY B 93 -14.68 6.57 32.18
CA GLY B 93 -14.37 7.99 32.10
C GLY B 93 -14.40 8.69 33.44
N SER B 94 -15.19 8.18 34.39
CA SER B 94 -15.24 8.78 35.71
C SER B 94 -13.92 8.59 36.46
N PHE B 95 -13.39 7.37 36.43
CA PHE B 95 -12.07 7.12 37.01
C PHE B 95 -10.99 7.83 36.21
N SER B 96 -10.00 8.36 36.92
CA SER B 96 -8.95 9.13 36.28
C SER B 96 -7.63 8.87 37.01
N VAL B 97 -6.53 9.18 36.32
CA VAL B 97 -5.18 8.89 36.80
C VAL B 97 -4.41 10.21 36.89
N GLU B 98 -3.18 10.10 37.41
CA GLU B 98 -2.19 11.15 37.65
C GLU B 98 -2.58 12.08 38.78
N ASP B 99 -3.78 11.94 39.36
CA ASP B 99 -4.03 12.35 40.73
C ASP B 99 -3.99 11.17 41.67
N LEU B 100 -3.96 9.95 41.12
CA LEU B 100 -3.65 8.74 41.85
C LEU B 100 -2.18 8.66 42.24
N PHE B 101 -1.35 9.55 41.69
CA PHE B 101 0.08 9.56 41.99
C PHE B 101 0.56 10.96 42.35
N GLN C 1 34.66 5.60 -37.94
CA GLN C 1 34.36 4.90 -36.70
C GLN C 1 35.28 5.33 -35.54
N VAL C 2 35.06 4.73 -34.37
CA VAL C 2 35.89 4.97 -33.20
C VAL C 2 37.13 4.08 -33.27
N GLN C 3 38.28 4.62 -32.88
CA GLN C 3 39.54 3.89 -32.91
C GLN C 3 40.15 3.80 -31.52
N PHE C 4 40.92 2.75 -31.29
CA PHE C 4 41.53 2.47 -29.99
C PHE C 4 43.05 2.47 -30.10
N GLN C 5 43.70 2.76 -28.98
CA GLN C 5 45.14 2.58 -28.83
C GLN C 5 45.40 2.01 -27.45
N GLN C 6 45.98 0.82 -27.39
CA GLN C 6 46.19 0.09 -26.15
C GLN C 6 47.68 0.02 -25.84
N TRP C 7 48.04 0.29 -24.59
CA TRP C 7 49.43 0.16 -24.16
C TRP C 7 49.49 -0.59 -22.83
N GLY C 8 50.50 -1.45 -22.72
CA GLY C 8 50.66 -2.30 -21.56
C GLY C 8 51.79 -3.27 -21.80
N ALA C 9 52.20 -3.93 -20.71
CA ALA C 9 53.37 -4.80 -20.76
C ALA C 9 53.06 -6.06 -21.57
N GLY C 10 54.10 -6.63 -22.18
CA GLY C 10 53.97 -7.84 -22.96
C GLY C 10 54.33 -9.09 -22.20
N LEU C 11 55.51 -9.10 -21.55
CA LEU C 11 55.96 -10.22 -20.77
C LEU C 11 55.70 -9.94 -19.29
N LEU C 12 55.13 -10.93 -18.59
CA LEU C 12 54.83 -10.78 -17.17
C LEU C 12 55.09 -12.09 -16.45
N LYS C 13 55.64 -11.99 -15.23
CA LYS C 13 55.90 -13.15 -14.39
C LYS C 13 54.61 -13.61 -13.71
N PRO C 14 54.50 -14.92 -13.41
CA PRO C 14 53.23 -15.48 -12.91
C PRO C 14 52.62 -14.74 -11.73
N SER C 15 53.33 -14.65 -10.64
CA SER C 15 52.68 -14.06 -9.48
C SER C 15 52.46 -12.55 -9.62
N GLU C 16 52.74 -11.92 -10.76
CA GLU C 16 52.64 -10.48 -10.88
C GLU C 16 51.24 -10.09 -11.36
N THR C 17 51.07 -8.81 -11.74
CA THR C 17 49.78 -8.27 -12.08
C THR C 17 49.85 -7.60 -13.45
N LEU C 18 48.84 -7.86 -14.28
CA LEU C 18 48.72 -7.26 -15.59
C LEU C 18 48.04 -5.90 -15.49
N SER C 19 48.59 -4.90 -16.19
CA SER C 19 48.01 -3.57 -16.22
C SER C 19 48.00 -3.07 -17.66
N LEU C 20 46.80 -2.82 -18.19
CA LEU C 20 46.61 -2.35 -19.56
C LEU C 20 45.78 -1.07 -19.54
N THR C 21 45.86 -0.32 -20.64
CA THR C 21 45.14 0.94 -20.74
C THR C 21 44.81 1.22 -22.20
N CYS C 22 43.52 1.37 -22.49
CA CYS C 22 43.06 1.71 -23.84
C CYS C 22 42.68 3.18 -23.86
N GLY C 23 43.08 3.87 -24.92
CA GLY C 23 42.67 5.26 -25.15
C GLY C 23 41.81 5.33 -26.40
N VAL C 24 40.72 6.09 -26.31
CA VAL C 24 39.72 6.17 -27.37
C VAL C 24 39.99 7.41 -28.20
N TYR C 25 39.93 7.25 -29.52
CA TYR C 25 40.14 8.35 -30.46
C TYR C 25 39.00 8.39 -31.46
N GLY C 26 38.57 9.61 -31.80
CA GLY C 26 37.46 9.78 -32.71
C GLY C 26 36.09 9.83 -32.06
N GLY C 27 36.00 9.61 -30.75
CA GLY C 27 34.73 9.62 -30.06
C GLY C 27 34.87 10.07 -28.63
N SER C 28 33.89 9.72 -27.79
CA SER C 28 33.90 10.11 -26.39
C SER C 28 33.41 8.94 -25.54
N LEU C 29 33.94 8.86 -24.32
CA LEU C 29 33.53 7.80 -23.39
C LEU C 29 32.12 8.01 -22.86
N SER C 30 31.55 9.21 -23.00
CA SER C 30 30.26 9.51 -22.41
C SER C 30 29.16 8.74 -23.11
N GLY C 31 28.46 7.90 -22.36
CA GLY C 31 27.25 7.26 -22.81
C GLY C 31 27.38 5.78 -23.11
N TYR C 32 28.59 5.27 -23.29
CA TYR C 32 28.81 3.89 -23.67
C TYR C 32 29.50 3.13 -22.55
N TYR C 33 29.44 1.81 -22.62
CA TYR C 33 30.19 0.92 -21.74
C TYR C 33 31.33 0.30 -22.55
N TRP C 34 32.55 0.45 -22.07
CA TRP C 34 33.73 -0.06 -22.75
C TRP C 34 34.21 -1.33 -22.03
N SER C 35 34.49 -2.37 -22.81
CA SER C 35 34.75 -3.69 -22.25
C SER C 35 36.12 -4.20 -22.67
N TRP C 36 36.66 -5.13 -21.87
CA TRP C 36 37.89 -5.85 -22.18
C TRP C 36 37.56 -7.29 -22.51
N ILE C 37 38.10 -7.79 -23.63
CA ILE C 37 37.83 -9.14 -24.12
C ILE C 37 39.16 -9.79 -24.46
N ARG C 38 39.47 -10.91 -23.82
CA ARG C 38 40.69 -11.64 -24.10
C ARG C 38 40.42 -12.85 -24.96
N GLN C 39 41.46 -13.29 -25.67
CA GLN C 39 41.37 -14.41 -26.60
C GLN C 39 42.70 -15.15 -26.60
N THR C 40 42.72 -16.35 -26.03
CA THR C 40 43.91 -17.18 -26.08
C THR C 40 44.09 -17.72 -27.50
N PRO C 41 45.30 -17.68 -28.04
CA PRO C 41 45.51 -18.16 -29.42
C PRO C 41 44.93 -19.56 -29.64
N GLY C 42 44.14 -19.69 -30.71
CA GLY C 42 43.37 -20.89 -30.98
C GLY C 42 41.98 -20.81 -30.40
N LYS C 43 41.89 -20.78 -29.07
CA LYS C 43 40.63 -20.63 -28.34
C LYS C 43 40.23 -19.16 -28.30
N GLY C 44 39.31 -18.78 -27.41
CA GLY C 44 39.31 -17.39 -27.02
C GLY C 44 37.92 -16.79 -27.01
N LEU C 45 37.89 -15.47 -27.06
CA LEU C 45 36.67 -14.67 -26.92
C LEU C 45 36.02 -14.95 -25.56
N GLU C 46 36.72 -14.51 -24.53
CA GLU C 46 36.22 -14.51 -23.16
C GLU C 46 36.04 -13.07 -22.70
N TRP C 47 34.85 -12.75 -22.20
CA TRP C 47 34.55 -11.40 -21.73
C TRP C 47 35.10 -11.23 -20.32
N ILE C 48 35.81 -10.12 -20.10
CA ILE C 48 36.46 -9.86 -18.81
C ILE C 48 35.60 -8.92 -17.98
N GLY C 49 35.38 -7.71 -18.47
CA GLY C 49 34.62 -6.74 -17.71
C GLY C 49 34.23 -5.55 -18.57
N GLU C 50 33.48 -4.64 -17.96
CA GLU C 50 33.03 -3.43 -18.64
C GLU C 50 32.96 -2.29 -17.63
N ILE C 51 33.14 -1.06 -18.12
CA ILE C 51 33.06 0.13 -17.29
C ILE C 51 32.53 1.28 -18.14
N ASN C 52 31.80 2.19 -17.51
CA ASN C 52 31.26 3.36 -18.18
C ASN C 52 32.03 4.60 -17.75
N HIS C 53 31.66 5.75 -18.32
CA HIS C 53 32.43 6.96 -18.10
C HIS C 53 32.31 7.47 -16.67
N THR C 54 31.38 6.94 -15.88
CA THR C 54 31.17 7.38 -14.51
C THR C 54 31.92 6.51 -13.51
N GLY C 55 31.95 5.21 -13.73
CA GLY C 55 32.68 4.31 -12.87
C GLY C 55 31.98 2.99 -12.60
N THR C 56 30.77 2.83 -13.12
CA THR C 56 30.02 1.60 -12.92
C THR C 56 30.73 0.46 -13.63
N THR C 57 31.03 -0.61 -12.89
CA THR C 57 31.77 -1.75 -13.42
C THR C 57 30.92 -3.01 -13.38
N ASN C 58 31.11 -3.86 -14.37
CA ASN C 58 30.49 -5.19 -14.39
C ASN C 58 31.55 -6.19 -14.84
N TYR C 59 31.94 -7.09 -13.94
CA TYR C 59 33.01 -8.04 -14.20
C TYR C 59 32.42 -9.42 -14.48
N ASN C 60 33.21 -10.24 -15.17
CA ASN C 60 32.85 -11.63 -15.38
C ASN C 60 32.90 -12.36 -14.04
N PRO C 61 31.84 -13.08 -13.66
CA PRO C 61 31.84 -13.75 -12.34
C PRO C 61 32.95 -14.76 -12.16
N SER C 62 33.57 -15.23 -13.25
CA SER C 62 34.71 -16.13 -13.15
C SER C 62 36.02 -15.40 -12.93
N LEU C 63 36.04 -14.08 -12.99
CA LEU C 63 37.26 -13.31 -12.80
C LEU C 63 37.09 -12.16 -11.81
N LYS C 64 35.93 -12.01 -11.19
CA LYS C 64 35.68 -10.84 -10.34
C LYS C 64 36.53 -10.82 -9.09
N SER C 65 37.24 -11.89 -8.79
CA SER C 65 38.13 -11.95 -7.64
C SER C 65 39.55 -11.49 -7.97
N ARG C 66 39.83 -11.18 -9.24
CA ARG C 66 41.16 -10.77 -9.67
C ARG C 66 41.18 -9.53 -10.54
N VAL C 67 40.03 -9.04 -11.00
CA VAL C 67 39.96 -8.02 -12.04
C VAL C 67 39.47 -6.72 -11.41
N THR C 68 40.16 -5.61 -11.74
CA THR C 68 39.70 -4.27 -11.43
C THR C 68 39.83 -3.41 -12.68
N MET C 69 38.91 -2.47 -12.84
CA MET C 69 38.90 -1.57 -13.99
C MET C 69 38.60 -0.16 -13.54
N SER C 70 39.25 0.81 -14.18
CA SER C 70 39.08 2.23 -13.84
C SER C 70 38.96 3.04 -15.11
N VAL C 71 38.51 4.29 -14.94
CA VAL C 71 38.33 5.23 -16.06
C VAL C 71 39.06 6.52 -15.77
N ASP C 72 39.41 7.22 -16.85
CA ASP C 72 39.91 8.59 -16.77
C ASP C 72 39.19 9.39 -17.86
N THR C 73 38.16 10.13 -17.45
CA THR C 73 37.32 10.81 -18.43
C THR C 73 38.03 12.01 -19.04
N SER C 74 38.93 12.65 -18.29
CA SER C 74 39.67 13.79 -18.82
C SER C 74 40.64 13.39 -19.93
N LYS C 75 40.98 12.10 -20.03
CA LYS C 75 41.86 11.62 -21.08
C LYS C 75 41.20 10.65 -22.05
N ASN C 76 39.90 10.37 -21.88
CA ASN C 76 39.20 9.39 -22.71
C ASN C 76 39.93 8.05 -22.72
N GLN C 77 40.19 7.54 -21.53
CA GLN C 77 40.91 6.29 -21.37
C GLN C 77 40.22 5.43 -20.32
N PHE C 78 40.48 4.13 -20.40
CA PHE C 78 40.03 3.19 -19.38
C PHE C 78 41.10 2.11 -19.25
N SER C 79 41.30 1.63 -18.03
CA SER C 79 42.42 0.76 -17.70
C SER C 79 41.92 -0.51 -17.04
N LEU C 80 42.68 -1.59 -17.21
CA LEU C 80 42.35 -2.89 -16.65
C LEU C 80 43.53 -3.40 -15.84
N LYS C 81 43.24 -4.06 -14.72
CA LYS C 81 44.29 -4.69 -13.91
C LYS C 81 43.84 -6.09 -13.51
N MET C 82 44.72 -7.07 -13.68
CA MET C 82 44.40 -8.47 -13.40
C MET C 82 45.55 -9.10 -12.64
N SER C 83 45.35 -9.36 -11.36
CA SER C 83 46.40 -9.89 -10.51
C SER C 83 46.33 -11.42 -10.46
N SER C 84 47.25 -12.02 -9.71
CA SER C 84 47.31 -13.47 -9.50
C SER C 84 47.39 -14.23 -10.82
N LEU C 85 48.27 -13.75 -11.70
CA LEU C 85 48.38 -14.32 -13.04
C LEU C 85 48.91 -15.75 -12.99
N THR C 86 48.61 -16.49 -14.05
CA THR C 86 49.13 -17.84 -14.25
C THR C 86 49.52 -17.98 -15.71
N ALA C 87 50.18 -19.10 -16.02
CA ALA C 87 50.58 -19.35 -17.40
C ALA C 87 49.39 -19.46 -18.34
N ALA C 88 48.18 -19.62 -17.81
CA ALA C 88 46.97 -19.76 -18.61
C ALA C 88 46.33 -18.42 -18.95
N ASP C 89 46.88 -17.31 -18.45
CA ASP C 89 46.31 -15.99 -18.69
C ASP C 89 46.95 -15.26 -19.85
N THR C 90 47.91 -15.89 -20.54
CA THR C 90 48.49 -15.26 -21.72
C THR C 90 47.52 -15.32 -22.88
N ALA C 91 47.26 -14.18 -23.52
CA ALA C 91 46.25 -14.09 -24.55
C ALA C 91 46.33 -12.74 -25.24
N LEU C 92 45.56 -12.60 -26.32
CA LEU C 92 45.38 -11.32 -26.99
C LEU C 92 44.26 -10.56 -26.29
N TYR C 93 44.57 -9.37 -25.78
CA TYR C 93 43.60 -8.58 -25.04
C TYR C 93 43.06 -7.47 -25.93
N TYR C 94 41.77 -7.54 -26.25
CA TYR C 94 41.07 -6.51 -27.00
C TYR C 94 40.24 -5.65 -26.07
N CYS C 95 39.98 -4.42 -26.50
CA CYS C 95 39.06 -3.52 -25.81
C CYS C 95 38.06 -3.00 -26.83
N ALA C 96 36.78 -3.15 -26.52
CA ALA C 96 35.73 -2.80 -27.46
C ALA C 96 34.69 -1.92 -26.77
N ARG C 97 33.79 -1.39 -27.59
CA ARG C 97 32.73 -0.50 -27.16
C ARG C 97 31.38 -1.12 -27.50
N GLU C 98 30.39 -0.92 -26.63
CA GLU C 98 29.04 -1.35 -26.96
C GLU C 98 28.52 -0.60 -28.18
N GLY C 99 27.86 -1.32 -29.08
CA GLY C 99 27.35 -0.72 -30.30
C GLY C 99 26.20 0.24 -30.12
N ALA C 100 25.76 0.48 -28.89
CA ALA C 100 24.62 1.34 -28.62
C ALA C 100 24.84 1.99 -27.25
N PRO C 101 24.38 3.21 -27.06
CA PRO C 101 24.65 3.89 -25.79
C PRO C 101 23.78 3.32 -24.67
N ARG C 102 24.33 3.38 -23.46
CA ARG C 102 23.67 2.86 -22.26
C ARG C 102 23.93 3.88 -21.15
N TRP C 103 23.00 4.83 -21.01
CA TRP C 103 23.12 5.85 -19.96
C TRP C 103 22.64 5.34 -18.62
N ALA C 104 21.46 4.72 -18.58
CA ALA C 104 20.83 4.31 -17.32
C ALA C 104 21.41 2.98 -16.82
N LEU C 105 21.09 2.66 -15.56
CA LEU C 105 21.57 1.43 -14.95
C LEU C 105 20.66 0.24 -15.26
N LYS C 106 19.35 0.42 -15.07
CA LYS C 106 18.37 -0.64 -15.31
C LYS C 106 18.23 -0.82 -16.83
N ARG C 107 19.22 -1.48 -17.41
CA ARG C 107 19.33 -1.55 -18.87
C ARG C 107 20.22 -2.72 -19.28
N PRO C 108 19.79 -3.55 -20.24
CA PRO C 108 20.57 -4.72 -20.61
C PRO C 108 21.85 -4.34 -21.33
N SER C 109 22.74 -5.33 -21.46
CA SER C 109 23.98 -5.11 -22.19
C SER C 109 23.70 -5.13 -23.70
N ASN C 110 24.69 -4.64 -24.47
CA ASN C 110 24.54 -4.50 -25.91
C ASN C 110 25.69 -5.21 -26.62
N TRP C 111 25.63 -5.17 -27.94
CA TRP C 111 26.63 -5.77 -28.80
C TRP C 111 27.86 -4.86 -28.91
N PHE C 112 28.98 -5.47 -29.29
CA PHE C 112 30.25 -4.76 -29.40
C PHE C 112 30.41 -4.16 -30.78
N ASP C 113 30.53 -2.83 -30.85
CA ASP C 113 30.85 -2.12 -32.08
C ASP C 113 31.42 -0.76 -31.71
N PRO C 114 32.70 -0.49 -32.00
CA PRO C 114 33.60 -1.44 -32.65
C PRO C 114 34.62 -2.08 -31.71
N TRP C 115 35.49 -2.90 -32.27
CA TRP C 115 36.55 -3.57 -31.55
C TRP C 115 37.88 -2.85 -31.78
N GLY C 116 38.79 -3.03 -30.83
CA GLY C 116 40.15 -2.55 -30.97
C GLY C 116 41.09 -3.68 -31.33
N GLN C 117 42.31 -3.29 -31.71
CA GLN C 117 43.35 -4.27 -31.98
C GLN C 117 43.85 -4.85 -30.67
N GLY C 118 43.89 -6.18 -30.59
CA GLY C 118 44.35 -6.83 -29.38
C GLY C 118 45.86 -6.85 -29.29
N THR C 119 46.36 -6.75 -28.05
CA THR C 119 47.77 -6.86 -27.77
C THR C 119 48.04 -8.18 -27.05
N LEU C 120 49.18 -8.78 -27.37
CA LEU C 120 49.54 -10.09 -26.83
C LEU C 120 50.22 -9.90 -25.48
N VAL C 121 49.57 -10.37 -24.43
CA VAL C 121 50.14 -10.39 -23.08
C VAL C 121 50.61 -11.81 -22.80
N THR C 122 51.92 -11.97 -22.58
CA THR C 122 52.55 -13.26 -22.38
C THR C 122 52.96 -13.42 -20.92
N VAL C 123 52.36 -14.38 -20.23
CA VAL C 123 52.71 -14.68 -18.85
C VAL C 123 53.72 -15.82 -18.86
N SER C 124 54.97 -15.52 -18.53
CA SER C 124 56.02 -16.52 -18.54
C SER C 124 57.12 -16.09 -17.57
N SER C 125 57.75 -17.07 -16.95
CA SER C 125 58.84 -16.81 -16.00
C SER C 125 60.17 -16.52 -16.70
N ALA C 126 60.29 -16.80 -18.00
CA ALA C 126 61.50 -16.52 -18.74
C ALA C 126 61.68 -15.01 -18.91
N SER C 127 62.81 -14.62 -19.48
CA SER C 127 63.17 -13.23 -19.65
C SER C 127 63.18 -12.85 -21.13
N THR C 128 63.31 -11.55 -21.39
CA THR C 128 63.32 -11.05 -22.75
C THR C 128 64.62 -11.41 -23.46
N LYS C 129 64.55 -11.48 -24.79
CA LYS C 129 65.71 -11.80 -25.62
C LYS C 129 65.61 -11.03 -26.93
N GLY C 130 66.72 -10.41 -27.33
CA GLY C 130 66.75 -9.60 -28.52
C GLY C 130 66.88 -10.45 -29.77
N PRO C 131 66.13 -10.08 -30.81
CA PRO C 131 66.17 -10.86 -32.06
C PRO C 131 67.43 -10.60 -32.87
N SER C 132 67.81 -11.62 -33.64
CA SER C 132 68.88 -11.52 -34.61
C SER C 132 68.27 -11.60 -36.01
N VAL C 133 68.67 -10.69 -36.88
CA VAL C 133 68.09 -10.57 -38.22
C VAL C 133 69.16 -10.95 -39.22
N PHE C 134 68.85 -11.93 -40.07
CA PHE C 134 69.77 -12.41 -41.10
C PHE C 134 69.10 -12.34 -42.46
N PRO C 135 69.86 -12.07 -43.52
CA PRO C 135 69.27 -11.99 -44.85
C PRO C 135 69.07 -13.36 -45.48
N LEU C 136 68.24 -13.37 -46.52
CA LEU C 136 68.01 -14.56 -47.34
C LEU C 136 68.39 -14.19 -48.77
N ALA C 137 69.58 -14.62 -49.19
CA ALA C 137 70.17 -14.19 -50.45
C ALA C 137 69.30 -14.64 -51.64
N PRO C 138 68.73 -13.71 -52.40
CA PRO C 138 67.96 -14.10 -53.59
C PRO C 138 68.90 -14.46 -54.74
N SER C 139 68.79 -15.71 -55.19
CA SER C 139 69.54 -16.25 -56.32
C SER C 139 68.75 -15.95 -57.60
N SER C 140 68.94 -16.78 -58.60
CA SER C 140 68.06 -16.60 -59.78
C SER C 140 66.96 -17.67 -59.74
N GLY C 145 58.14 -16.27 -66.37
CA GLY C 145 58.21 -15.85 -64.99
C GLY C 145 59.25 -14.76 -64.75
N GLY C 146 60.46 -15.17 -64.41
CA GLY C 146 61.53 -14.22 -64.15
C GLY C 146 61.30 -13.37 -62.92
N THR C 147 60.86 -13.98 -61.83
CA THR C 147 60.63 -13.28 -60.57
C THR C 147 61.24 -14.08 -59.44
N ALA C 148 61.99 -13.40 -58.57
CA ALA C 148 62.68 -14.04 -57.45
C ALA C 148 62.08 -13.61 -56.13
N ALA C 149 62.59 -14.19 -55.05
CA ALA C 149 62.09 -13.95 -53.70
C ALA C 149 63.27 -13.71 -52.77
N LEU C 150 63.14 -12.69 -51.91
CA LEU C 150 64.16 -12.35 -50.95
C LEU C 150 63.49 -12.07 -49.62
N GLY C 151 64.14 -12.43 -48.52
CA GLY C 151 63.51 -12.32 -47.23
C GLY C 151 64.48 -12.07 -46.11
N CYS C 152 63.94 -11.98 -44.90
CA CYS C 152 64.72 -11.78 -43.68
C CYS C 152 64.29 -12.81 -42.65
N LEU C 153 65.25 -13.45 -42.01
CA LEU C 153 64.99 -14.43 -40.96
C LEU C 153 65.24 -13.78 -39.61
N VAL C 154 64.20 -13.72 -38.78
CA VAL C 154 64.30 -13.15 -37.44
C VAL C 154 64.33 -14.32 -36.46
N LYS C 155 65.46 -14.51 -35.78
CA LYS C 155 65.66 -15.69 -34.96
C LYS C 155 66.06 -15.29 -33.54
N ASP C 156 65.74 -16.18 -32.60
CA ASP C 156 66.19 -16.08 -31.20
C ASP C 156 65.70 -14.80 -30.54
N TYR C 157 64.37 -14.70 -30.41
CA TYR C 157 63.75 -13.59 -29.69
C TYR C 157 62.63 -14.13 -28.81
N PHE C 158 62.33 -13.39 -27.75
CA PHE C 158 61.29 -13.77 -26.80
C PHE C 158 60.88 -12.54 -26.01
N PRO C 159 59.58 -12.30 -25.82
CA PRO C 159 58.51 -13.15 -26.33
C PRO C 159 57.94 -12.62 -27.62
N GLU C 160 56.83 -13.19 -28.06
CA GLU C 160 56.10 -12.66 -29.20
C GLU C 160 55.46 -11.32 -28.84
N PRO C 161 55.19 -10.47 -29.84
CA PRO C 161 55.53 -10.62 -31.26
C PRO C 161 56.58 -9.63 -31.73
N VAL C 162 56.98 -9.76 -32.99
CA VAL C 162 57.81 -8.77 -33.66
C VAL C 162 57.02 -8.24 -34.85
N THR C 163 57.57 -7.19 -35.47
CA THR C 163 56.94 -6.57 -36.62
C THR C 163 57.99 -6.35 -37.70
N VAL C 164 57.67 -6.77 -38.92
CA VAL C 164 58.57 -6.67 -40.06
C VAL C 164 57.87 -5.89 -41.16
N SER C 165 58.48 -4.79 -41.60
CA SER C 165 57.96 -3.97 -42.67
C SER C 165 59.05 -3.71 -43.69
N TRP C 166 58.70 -3.80 -44.97
CA TRP C 166 59.67 -3.64 -46.05
C TRP C 166 59.67 -2.20 -46.53
N ASN C 167 60.85 -1.57 -46.49
CA ASN C 167 61.04 -0.18 -46.93
C ASN C 167 60.12 0.78 -46.19
N SER C 168 59.98 0.56 -44.88
CA SER C 168 59.13 1.39 -44.02
C SER C 168 57.69 1.47 -44.54
N GLY C 169 57.25 0.44 -45.26
CA GLY C 169 55.90 0.38 -45.78
C GLY C 169 55.78 0.63 -47.26
N ALA C 170 56.88 0.98 -47.93
CA ALA C 170 56.87 1.25 -49.37
C ALA C 170 56.85 -0.02 -50.21
N LEU C 171 56.62 -1.18 -49.60
CA LEU C 171 56.61 -2.45 -50.32
C LEU C 171 55.74 -3.42 -49.53
N THR C 172 54.51 -3.62 -49.99
CA THR C 172 53.57 -4.53 -49.35
C THR C 172 53.05 -5.62 -50.27
N SER C 173 53.13 -5.44 -51.58
CA SER C 173 52.63 -6.46 -52.50
C SER C 173 53.58 -7.64 -52.54
N GLY C 174 53.04 -8.84 -52.34
CA GLY C 174 53.83 -10.05 -52.35
C GLY C 174 54.59 -10.35 -51.08
N VAL C 175 54.43 -9.53 -50.04
CA VAL C 175 55.13 -9.76 -48.78
C VAL C 175 54.36 -10.81 -47.98
N HIS C 176 55.10 -11.76 -47.40
CA HIS C 176 54.53 -12.76 -46.52
C HIS C 176 55.40 -12.84 -45.26
N THR C 177 54.82 -12.47 -44.12
CA THR C 177 55.47 -12.64 -42.83
C THR C 177 54.82 -13.81 -42.12
N PHE C 178 55.55 -14.91 -42.00
CA PHE C 178 54.97 -16.14 -41.48
C PHE C 178 54.80 -16.07 -39.96
N PRO C 179 53.85 -16.83 -39.42
CA PRO C 179 53.75 -16.93 -37.96
C PRO C 179 55.00 -17.55 -37.36
N ALA C 180 55.35 -17.11 -36.17
CA ALA C 180 56.56 -17.60 -35.51
C ALA C 180 56.42 -19.05 -35.09
N VAL C 181 57.56 -19.74 -35.04
CA VAL C 181 57.65 -21.11 -34.53
C VAL C 181 58.44 -21.08 -33.24
N LEU C 182 57.93 -21.75 -32.21
CA LEU C 182 58.60 -21.80 -30.91
C LEU C 182 59.64 -22.91 -30.94
N GLN C 183 60.91 -22.52 -30.82
CA GLN C 183 62.01 -23.47 -30.88
C GLN C 183 62.08 -24.31 -29.61
N SER C 184 62.88 -25.38 -29.67
CA SER C 184 63.06 -26.22 -28.50
C SER C 184 63.74 -25.47 -27.36
N SER C 185 64.54 -24.46 -27.70
CA SER C 185 65.19 -23.65 -26.67
C SER C 185 64.21 -22.81 -25.88
N GLY C 186 63.02 -22.56 -26.43
CA GLY C 186 62.08 -21.65 -25.82
C GLY C 186 62.00 -20.30 -26.47
N LEU C 187 62.84 -20.03 -27.47
CA LEU C 187 62.84 -18.77 -28.20
C LEU C 187 62.06 -18.91 -29.50
N TYR C 188 61.63 -17.78 -30.03
CA TYR C 188 60.83 -17.74 -31.25
C TYR C 188 61.69 -17.39 -32.45
N SER C 189 61.16 -17.68 -33.64
CA SER C 189 61.86 -17.38 -34.87
C SER C 189 60.85 -17.41 -36.02
N LEU C 190 60.88 -16.37 -36.86
CA LEU C 190 59.98 -16.31 -38.00
C LEU C 190 60.73 -15.82 -39.23
N SER C 191 60.05 -15.83 -40.36
CA SER C 191 60.59 -15.35 -41.61
C SER C 191 59.68 -14.27 -42.18
N SER C 192 60.21 -13.52 -43.14
CA SER C 192 59.43 -12.52 -43.85
C SER C 192 60.04 -12.37 -45.24
N VAL C 193 59.35 -12.87 -46.25
CA VAL C 193 59.88 -12.93 -47.61
C VAL C 193 58.91 -12.22 -48.55
N VAL C 194 59.48 -11.50 -49.52
CA VAL C 194 58.72 -10.82 -50.56
C VAL C 194 59.20 -11.31 -51.91
N THR C 195 58.26 -11.51 -52.84
CA THR C 195 58.56 -11.92 -54.20
C THR C 195 58.58 -10.69 -55.09
N VAL C 196 59.74 -10.36 -55.65
CA VAL C 196 59.87 -9.19 -56.51
C VAL C 196 60.36 -9.64 -57.89
N PRO C 197 60.11 -8.90 -58.95
CA PRO C 197 60.65 -9.27 -60.26
C PRO C 197 62.17 -9.25 -60.27
N SER C 198 62.76 -10.15 -61.05
CA SER C 198 64.22 -10.25 -61.10
C SER C 198 64.87 -9.10 -61.83
N SER C 199 64.10 -8.36 -62.65
CA SER C 199 64.61 -7.12 -63.22
C SER C 199 64.99 -6.14 -62.12
N SER C 200 64.13 -6.01 -61.10
CA SER C 200 64.40 -5.05 -60.03
C SER C 200 65.65 -5.45 -59.25
N LEU C 201 65.91 -6.75 -59.13
CA LEU C 201 66.96 -7.28 -58.26
C LEU C 201 68.27 -6.52 -58.42
N GLY C 202 68.86 -6.15 -57.29
CA GLY C 202 70.22 -5.64 -57.27
C GLY C 202 70.38 -4.13 -57.30
N THR C 203 69.84 -3.47 -58.32
CA THR C 203 70.11 -2.05 -58.52
C THR C 203 69.53 -1.22 -57.37
N GLN C 204 68.20 -1.18 -57.26
CA GLN C 204 67.59 -0.44 -56.17
C GLN C 204 67.45 -1.34 -54.95
N THR C 205 67.60 -0.74 -53.78
CA THR C 205 67.84 -1.48 -52.56
C THR C 205 66.53 -1.86 -51.87
N TYR C 206 66.61 -2.91 -51.07
CA TYR C 206 65.51 -3.37 -50.23
C TYR C 206 66.00 -3.49 -48.79
N ILE C 207 65.18 -3.05 -47.85
CA ILE C 207 65.51 -3.09 -46.44
C ILE C 207 64.31 -3.64 -45.68
N CYS C 208 64.54 -4.65 -44.84
CA CYS C 208 63.52 -5.14 -43.94
C CYS C 208 63.71 -4.52 -42.56
N ASN C 209 62.64 -3.93 -42.04
CA ASN C 209 62.67 -3.25 -40.74
C ASN C 209 62.03 -4.19 -39.72
N VAL C 210 62.85 -4.75 -38.84
CA VAL C 210 62.37 -5.65 -37.79
C VAL C 210 62.33 -4.88 -36.48
N ASN C 211 61.24 -5.06 -35.73
CA ASN C 211 61.03 -4.32 -34.49
C ASN C 211 60.48 -5.26 -33.43
N HIS C 212 61.18 -5.38 -32.32
CA HIS C 212 60.76 -6.17 -31.17
C HIS C 212 60.46 -5.24 -30.01
N LYS C 213 59.21 -5.24 -29.54
CA LYS C 213 58.80 -4.26 -28.55
C LYS C 213 59.36 -4.53 -27.16
N PRO C 214 59.27 -5.75 -26.60
CA PRO C 214 59.78 -5.93 -25.23
C PRO C 214 61.25 -5.63 -25.07
N SER C 215 62.08 -6.11 -25.98
CA SER C 215 63.53 -5.88 -25.91
C SER C 215 63.93 -4.51 -26.43
N ASN C 216 63.00 -3.73 -26.92
CA ASN C 216 63.28 -2.41 -27.51
C ASN C 216 64.35 -2.53 -28.60
N THR C 217 64.11 -3.43 -29.54
CA THR C 217 65.04 -3.73 -30.62
C THR C 217 64.48 -3.21 -31.93
N LYS C 218 65.32 -2.52 -32.70
CA LYS C 218 64.96 -2.04 -34.03
C LYS C 218 66.16 -2.28 -34.93
N VAL C 219 65.99 -3.10 -35.97
CA VAL C 219 67.07 -3.47 -36.87
C VAL C 219 66.58 -3.28 -38.30
N ASP C 220 67.34 -2.51 -39.09
CA ASP C 220 67.08 -2.32 -40.50
C ASP C 220 68.15 -3.08 -41.27
N LYS C 221 67.75 -4.20 -41.87
CA LYS C 221 68.67 -5.09 -42.57
C LYS C 221 68.45 -4.96 -44.07
N LYS C 222 69.50 -4.56 -44.78
CA LYS C 222 69.44 -4.46 -46.24
C LYS C 222 69.70 -5.82 -46.86
N VAL C 223 68.89 -6.18 -47.84
CA VAL C 223 68.98 -7.49 -48.49
C VAL C 223 69.64 -7.29 -49.85
N GLU C 224 70.84 -7.85 -50.01
CA GLU C 224 71.61 -7.77 -51.24
C GLU C 224 71.93 -9.17 -51.74
N PRO C 225 72.11 -9.33 -53.06
CA PRO C 225 72.59 -10.62 -53.58
C PRO C 225 74.00 -10.92 -53.09
N LYS C 226 74.41 -12.17 -53.26
CA LYS C 226 75.73 -12.59 -52.81
C LYS C 226 76.48 -13.30 -53.94
N GLU D 1 27.78 -18.80 -17.71
CA GLU D 1 26.36 -19.12 -17.66
C GLU D 1 25.90 -19.82 -18.94
N ILE D 2 25.35 -19.04 -19.87
CA ILE D 2 24.85 -19.60 -21.12
C ILE D 2 26.01 -20.06 -21.98
N VAL D 3 25.93 -21.27 -22.50
CA VAL D 3 26.97 -21.86 -23.34
C VAL D 3 26.45 -21.91 -24.77
N LEU D 4 27.26 -21.44 -25.71
CA LEU D 4 26.91 -21.43 -27.13
C LEU D 4 27.83 -22.38 -27.88
N THR D 5 27.25 -23.45 -28.43
CA THR D 5 27.99 -24.45 -29.20
C THR D 5 27.75 -24.22 -30.68
N GLN D 6 28.82 -23.97 -31.42
CA GLN D 6 28.72 -23.70 -32.85
C GLN D 6 28.92 -24.96 -33.67
N SER D 7 28.41 -24.93 -34.90
CA SER D 7 28.47 -26.06 -35.79
C SER D 7 28.43 -25.55 -37.22
N PRO D 8 29.28 -26.07 -38.12
CA PRO D 8 30.30 -27.05 -37.77
C PRO D 8 31.58 -26.41 -37.25
N VAL D 9 32.56 -27.22 -36.82
CA VAL D 9 33.82 -26.67 -36.35
C VAL D 9 34.61 -26.09 -37.52
N SER D 10 34.76 -26.87 -38.59
CA SER D 10 35.44 -26.43 -39.79
C SER D 10 34.45 -26.44 -40.95
N LEU D 11 34.78 -25.68 -42.00
CA LEU D 11 33.88 -25.56 -43.14
C LEU D 11 34.65 -25.05 -44.34
N SER D 12 34.37 -25.63 -45.52
CA SER D 12 35.04 -25.25 -46.75
C SER D 12 34.05 -25.31 -47.90
N LEU D 13 33.83 -24.18 -48.56
CA LEU D 13 32.95 -24.09 -49.72
C LEU D 13 33.65 -23.36 -50.85
N SER D 14 33.06 -23.44 -52.04
CA SER D 14 33.56 -22.84 -53.26
C SER D 14 32.90 -21.48 -53.49
N PRO D 15 33.53 -20.60 -54.25
CA PRO D 15 32.93 -19.28 -54.51
C PRO D 15 31.54 -19.42 -55.12
N GLY D 16 30.60 -18.64 -54.60
CA GLY D 16 29.23 -18.64 -55.07
C GLY D 16 28.28 -19.50 -54.26
N GLU D 17 28.80 -20.44 -53.48
CA GLU D 17 27.95 -21.33 -52.70
C GLU D 17 27.40 -20.60 -51.47
N ARG D 18 26.56 -21.29 -50.70
CA ARG D 18 25.91 -20.75 -49.52
C ARG D 18 26.33 -21.56 -48.31
N ALA D 19 26.87 -20.89 -47.30
CA ALA D 19 27.32 -21.54 -46.08
C ALA D 19 26.35 -21.24 -44.95
N THR D 20 25.89 -22.29 -44.26
CA THR D 20 24.98 -22.14 -43.15
C THR D 20 25.70 -22.51 -41.85
N LEU D 21 25.82 -21.55 -40.95
CA LEU D 21 26.44 -21.76 -39.66
C LEU D 21 25.36 -21.83 -38.59
N SER D 22 25.62 -22.61 -37.54
CA SER D 22 24.62 -22.84 -36.50
C SER D 22 25.21 -22.53 -35.13
N CYS D 23 24.35 -22.05 -34.24
CA CYS D 23 24.75 -21.67 -32.87
C CYS D 23 23.65 -22.13 -31.93
N ARG D 24 23.96 -23.09 -31.07
CA ARG D 24 22.98 -23.69 -30.17
C ARG D 24 23.24 -23.24 -28.74
N ALA D 25 22.20 -22.74 -28.08
CA ALA D 25 22.29 -22.25 -26.71
C ALA D 25 21.88 -23.36 -25.74
N SER D 26 22.48 -23.31 -24.55
CA SER D 26 22.14 -24.26 -23.50
C SER D 26 20.85 -23.93 -22.78
N GLN D 27 20.31 -22.72 -22.98
CA GLN D 27 19.05 -22.32 -22.39
C GLN D 27 18.29 -21.49 -23.42
N SER D 28 17.20 -20.88 -22.97
CA SER D 28 16.43 -19.97 -23.81
C SER D 28 16.93 -18.54 -23.63
N LEU D 29 16.89 -17.77 -24.71
CA LEU D 29 17.29 -16.38 -24.66
C LEU D 29 16.53 -15.60 -25.72
N SER D 30 16.39 -14.30 -25.49
CA SER D 30 15.67 -13.45 -26.43
C SER D 30 16.46 -13.29 -27.73
N SER D 31 15.76 -13.41 -28.86
CA SER D 31 16.43 -13.21 -30.14
C SER D 31 16.97 -11.78 -30.26
N THR D 32 16.38 -10.83 -29.54
CA THR D 32 16.89 -9.46 -29.58
C THR D 32 18.28 -9.36 -28.97
N TYR D 33 18.75 -10.37 -28.26
CA TYR D 33 20.06 -10.34 -27.61
C TYR D 33 20.93 -11.43 -28.22
N LEU D 34 21.52 -11.13 -29.37
CA LEU D 34 22.41 -12.05 -30.05
C LEU D 34 23.18 -11.30 -31.13
N ALA D 35 24.41 -11.72 -31.37
CA ALA D 35 25.27 -11.06 -32.34
C ALA D 35 26.10 -12.09 -33.08
N TRP D 36 26.44 -11.76 -34.32
CA TRP D 36 27.36 -12.56 -35.11
C TRP D 36 28.54 -11.66 -35.49
N TYR D 37 29.75 -12.12 -35.24
CA TYR D 37 30.95 -11.37 -35.57
C TYR D 37 31.80 -12.15 -36.56
N GLN D 38 32.49 -11.41 -37.42
CA GLN D 38 33.47 -11.97 -38.36
C GLN D 38 34.86 -11.52 -37.92
N GLN D 39 35.79 -12.47 -37.85
CA GLN D 39 37.16 -12.19 -37.44
C GLN D 39 38.12 -12.77 -38.48
N ILE D 40 38.73 -11.90 -39.27
CA ILE D 40 39.81 -12.31 -40.16
C ILE D 40 41.09 -12.41 -39.35
N PRO D 41 41.80 -13.55 -39.38
CA PRO D 41 42.94 -13.73 -38.49
C PRO D 41 43.94 -12.59 -38.60
N GLY D 42 44.35 -12.07 -37.45
CA GLY D 42 45.25 -10.93 -37.39
C GLY D 42 44.58 -9.58 -37.34
N GLN D 43 43.25 -9.54 -37.37
CA GLN D 43 42.50 -8.30 -37.31
C GLN D 43 41.43 -8.38 -36.22
N ALA D 44 40.96 -7.22 -35.80
CA ALA D 44 39.93 -7.18 -34.78
C ALA D 44 38.61 -7.70 -35.35
N PRO D 45 37.79 -8.35 -34.53
CA PRO D 45 36.50 -8.83 -35.01
C PRO D 45 35.62 -7.68 -35.48
N ARG D 46 34.90 -7.92 -36.59
CA ARG D 46 33.97 -6.96 -37.15
C ARG D 46 32.54 -7.45 -36.93
N LEU D 47 31.70 -6.59 -36.36
CA LEU D 47 30.30 -6.96 -36.14
C LEU D 47 29.61 -7.22 -37.47
N LEU D 48 28.93 -8.37 -37.56
CA LEU D 48 28.14 -8.72 -38.74
C LEU D 48 26.66 -8.39 -38.54
N ILE D 49 26.05 -8.97 -37.51
CA ILE D 49 24.60 -8.94 -37.33
C ILE D 49 24.29 -8.81 -35.85
N TYR D 50 23.57 -7.77 -35.46
CA TYR D 50 23.10 -7.60 -34.10
C TYR D 50 21.61 -7.86 -34.03
N GLY D 51 21.13 -8.20 -32.84
CA GLY D 51 19.73 -8.54 -32.68
C GLY D 51 19.30 -9.83 -33.36
N ALA D 52 20.25 -10.64 -33.82
CA ALA D 52 20.04 -11.95 -34.44
C ALA D 52 19.47 -11.86 -35.84
N SER D 53 19.04 -10.67 -36.27
CA SER D 53 18.55 -10.50 -37.62
C SER D 53 19.02 -9.24 -38.31
N SER D 54 19.42 -8.19 -37.59
CA SER D 54 19.67 -6.89 -38.19
C SER D 54 21.11 -6.82 -38.68
N ARG D 55 21.29 -6.45 -39.94
CA ARG D 55 22.63 -6.36 -40.52
C ARG D 55 23.30 -5.06 -40.11
N ALA D 56 24.58 -5.14 -39.79
CA ALA D 56 25.34 -3.97 -39.38
C ALA D 56 25.63 -3.08 -40.58
N ALA D 57 26.21 -1.92 -40.30
CA ALA D 57 26.53 -0.99 -41.37
C ALA D 57 27.73 -1.48 -42.17
N GLY D 58 27.56 -1.55 -43.49
CA GLY D 58 28.57 -2.01 -44.41
C GLY D 58 28.42 -3.46 -44.80
N ILE D 59 27.79 -4.26 -43.96
CA ILE D 59 27.63 -5.68 -44.27
C ILE D 59 26.62 -5.83 -45.41
N PRO D 60 26.97 -6.53 -46.50
CA PRO D 60 26.05 -6.62 -47.64
C PRO D 60 24.83 -7.49 -47.37
N ASP D 61 23.92 -7.55 -48.34
CA ASP D 61 22.66 -8.27 -48.18
C ASP D 61 22.83 -9.78 -48.19
N ARG D 62 24.00 -10.29 -48.55
CA ARG D 62 24.20 -11.73 -48.62
C ARG D 62 24.46 -12.38 -47.26
N PHE D 63 24.44 -11.61 -46.18
CA PHE D 63 24.56 -12.11 -44.83
C PHE D 63 23.20 -12.05 -44.16
N SER D 64 22.74 -13.18 -43.62
CA SER D 64 21.42 -13.24 -43.01
C SER D 64 21.47 -14.07 -41.73
N GLY D 65 21.00 -13.47 -40.65
CA GLY D 65 20.90 -14.16 -39.37
C GLY D 65 19.45 -14.49 -39.06
N GLY D 66 19.21 -15.75 -38.65
CA GLY D 66 17.89 -16.22 -38.33
C GLY D 66 17.92 -17.11 -37.10
N GLY D 67 16.74 -17.61 -36.75
CA GLY D 67 16.58 -18.49 -35.60
C GLY D 67 15.99 -17.78 -34.41
N SER D 68 15.72 -18.57 -33.36
CA SER D 68 15.16 -18.06 -32.12
C SER D 68 15.20 -19.18 -31.07
N GLY D 69 14.83 -18.82 -29.84
CA GLY D 69 14.58 -19.78 -28.79
C GLY D 69 15.84 -20.42 -28.23
N THR D 70 16.40 -21.36 -28.99
CA THR D 70 17.68 -21.95 -28.65
C THR D 70 18.59 -22.15 -29.84
N ASP D 71 18.10 -22.06 -31.08
CA ASP D 71 18.89 -22.32 -32.28
C ASP D 71 18.93 -21.07 -33.15
N PHE D 72 20.14 -20.66 -33.54
CA PHE D 72 20.34 -19.53 -34.43
C PHE D 72 21.26 -19.94 -35.58
N THR D 73 21.08 -19.28 -36.72
CA THR D 73 21.85 -19.61 -37.91
C THR D 73 22.34 -18.32 -38.56
N LEU D 74 23.51 -18.43 -39.22
CA LEU D 74 24.08 -17.38 -40.04
C LEU D 74 24.29 -17.93 -41.44
N THR D 75 23.57 -17.36 -42.41
CA THR D 75 23.67 -17.80 -43.80
C THR D 75 24.48 -16.77 -44.58
N ILE D 76 25.57 -17.22 -45.20
CA ILE D 76 26.39 -16.39 -46.08
C ILE D 76 26.27 -16.96 -47.49
N SER D 77 25.56 -16.24 -48.35
CA SER D 77 25.35 -16.64 -49.73
C SER D 77 26.27 -15.84 -50.66
N ARG D 78 26.46 -16.36 -51.87
CA ARG D 78 27.32 -15.74 -52.88
C ARG D 78 28.70 -15.45 -52.30
N LEU D 79 29.39 -16.54 -51.93
CA LEU D 79 30.66 -16.43 -51.24
C LEU D 79 31.72 -15.74 -52.09
N GLU D 80 32.56 -14.95 -51.44
CA GLU D 80 33.69 -14.29 -52.04
C GLU D 80 34.95 -14.69 -51.29
N PRO D 81 36.13 -14.58 -51.92
CA PRO D 81 37.37 -14.89 -51.19
C PRO D 81 37.56 -14.03 -49.95
N GLU D 82 37.06 -12.80 -49.95
CA GLU D 82 37.20 -11.92 -48.80
C GLU D 82 36.46 -12.46 -47.58
N ASP D 83 35.52 -13.39 -47.76
CA ASP D 83 34.73 -13.92 -46.66
C ASP D 83 35.46 -14.98 -45.85
N PHE D 84 36.74 -15.21 -46.13
CA PHE D 84 37.52 -16.12 -45.31
C PHE D 84 37.72 -15.52 -43.92
N ALA D 85 37.25 -16.21 -42.90
CA ALA D 85 37.38 -15.73 -41.52
C ALA D 85 36.90 -16.83 -40.59
N VAL D 86 36.98 -16.55 -39.30
CA VAL D 86 36.28 -17.32 -38.27
C VAL D 86 35.08 -16.50 -37.81
N TYR D 87 33.91 -17.12 -37.81
CA TYR D 87 32.68 -16.44 -37.43
C TYR D 87 32.24 -16.89 -36.04
N TYR D 88 31.83 -15.94 -35.21
CA TYR D 88 31.43 -16.22 -33.84
C TYR D 88 30.01 -15.76 -33.58
N CYS D 89 29.31 -16.49 -32.72
CA CYS D 89 28.03 -16.04 -32.19
C CYS D 89 28.22 -15.63 -30.73
N GLN D 90 27.47 -14.62 -30.31
CA GLN D 90 27.51 -14.10 -28.95
C GLN D 90 26.09 -13.82 -28.48
N GLN D 91 25.87 -13.98 -27.18
CA GLN D 91 24.63 -13.55 -26.54
C GLN D 91 24.95 -12.54 -25.44
N TYR D 92 24.12 -11.52 -25.32
CA TYR D 92 24.32 -10.46 -24.34
C TYR D 92 23.04 -10.24 -23.54
N GLY D 93 22.39 -11.32 -23.12
CA GLY D 93 21.18 -11.20 -22.34
C GLY D 93 21.35 -11.73 -20.92
N SER D 94 22.21 -12.73 -20.77
CA SER D 94 22.47 -13.30 -19.46
C SER D 94 23.46 -12.43 -18.68
N SER D 95 23.81 -12.86 -17.48
CA SER D 95 24.67 -12.03 -16.63
C SER D 95 26.07 -11.91 -17.19
N PRO D 96 26.78 -13.01 -17.54
CA PRO D 96 28.03 -12.84 -18.29
C PRO D 96 27.84 -12.97 -19.80
N ARG D 97 28.49 -12.13 -20.59
CA ARG D 97 28.51 -12.36 -22.02
C ARG D 97 29.15 -13.71 -22.31
N SER D 98 28.80 -14.29 -23.45
CA SER D 98 29.41 -15.55 -23.86
C SER D 98 29.50 -15.60 -25.38
N PHE D 99 30.57 -16.20 -25.87
CA PHE D 99 30.79 -16.40 -27.29
C PHE D 99 30.82 -17.88 -27.61
N GLY D 100 30.75 -18.20 -28.89
CA GLY D 100 30.90 -19.57 -29.35
C GLY D 100 32.35 -19.91 -29.67
N GLN D 101 32.57 -21.20 -29.94
CA GLN D 101 33.90 -21.66 -30.31
C GLN D 101 34.33 -21.14 -31.67
N GLY D 102 33.38 -20.76 -32.52
CA GLY D 102 33.69 -20.22 -33.82
C GLY D 102 33.63 -21.26 -34.92
N THR D 103 33.47 -20.78 -36.15
CA THR D 103 33.48 -21.62 -37.35
C THR D 103 34.45 -21.00 -38.35
N LYS D 104 35.50 -21.73 -38.68
CA LYS D 104 36.49 -21.24 -39.64
C LYS D 104 36.10 -21.70 -41.03
N LEU D 105 35.80 -20.76 -41.91
CA LEU D 105 35.40 -21.05 -43.28
C LEU D 105 36.53 -20.69 -44.22
N GLU D 106 36.87 -21.62 -45.12
CA GLU D 106 37.87 -21.37 -46.16
C GLU D 106 37.19 -21.41 -47.52
N ILE D 107 37.55 -20.45 -48.37
CA ILE D 107 36.97 -20.35 -49.71
C ILE D 107 37.87 -21.11 -50.69
N LYS D 108 37.27 -22.01 -51.46
CA LYS D 108 38.06 -22.89 -52.30
C LYS D 108 38.55 -22.16 -53.54
N ARG D 109 39.38 -22.86 -54.31
CA ARG D 109 40.11 -22.24 -55.40
C ARG D 109 40.51 -23.31 -56.39
N THR D 110 41.21 -22.91 -57.44
CA THR D 110 41.81 -23.86 -58.35
C THR D 110 43.10 -24.41 -57.72
N VAL D 111 43.79 -25.26 -58.48
CA VAL D 111 44.77 -26.15 -57.87
C VAL D 111 46.07 -25.41 -57.49
N ALA D 112 46.53 -24.45 -58.31
CA ALA D 112 47.52 -23.52 -57.77
C ALA D 112 48.82 -24.14 -57.23
N ALA D 113 49.72 -24.63 -58.09
CA ALA D 113 50.97 -25.24 -57.63
C ALA D 113 51.91 -24.22 -56.97
N PRO D 114 52.74 -24.66 -56.01
CA PRO D 114 53.56 -23.69 -55.26
C PRO D 114 54.73 -23.15 -56.06
N SER D 115 55.38 -22.13 -55.49
CA SER D 115 56.59 -21.51 -56.03
C SER D 115 57.71 -21.75 -55.01
N VAL D 116 58.53 -22.77 -55.25
CA VAL D 116 59.52 -23.22 -54.29
C VAL D 116 60.80 -22.42 -54.45
N PHE D 117 61.29 -21.86 -53.34
CA PHE D 117 62.57 -21.17 -53.27
C PHE D 117 63.38 -21.74 -52.12
N ILE D 118 64.69 -21.65 -52.20
CA ILE D 118 65.56 -22.13 -51.13
C ILE D 118 66.61 -21.05 -50.84
N PHE D 119 66.93 -20.87 -49.57
CA PHE D 119 67.83 -19.82 -49.11
C PHE D 119 68.92 -20.43 -48.23
N PRO D 120 70.19 -20.35 -48.61
CA PRO D 120 71.26 -20.89 -47.76
C PRO D 120 71.54 -19.96 -46.60
N PRO D 121 72.17 -20.44 -45.53
CA PRO D 121 72.44 -19.57 -44.38
C PRO D 121 73.45 -18.49 -44.74
N SER D 122 73.38 -17.40 -43.99
CA SER D 122 74.26 -16.26 -44.21
C SER D 122 75.58 -16.48 -43.50
N ASP D 123 76.57 -15.66 -43.88
CA ASP D 123 77.85 -15.72 -43.17
C ASP D 123 77.71 -15.21 -41.74
N GLU D 124 76.78 -14.29 -41.50
CA GLU D 124 76.59 -13.74 -40.16
C GLU D 124 76.15 -14.81 -39.18
N GLN D 125 75.21 -15.68 -39.59
CA GLN D 125 74.75 -16.74 -38.70
C GLN D 125 75.83 -17.79 -38.50
N LEU D 126 76.60 -18.09 -39.56
CA LEU D 126 77.70 -19.03 -39.41
C LEU D 126 78.77 -18.48 -38.48
N LYS D 127 78.88 -17.16 -38.38
CA LYS D 127 79.83 -16.55 -37.45
C LYS D 127 79.45 -16.86 -36.00
N SER D 128 78.16 -17.04 -35.72
CA SER D 128 77.72 -17.33 -34.36
C SER D 128 77.80 -18.81 -34.01
N GLY D 129 77.90 -19.69 -35.00
CA GLY D 129 78.05 -21.09 -34.76
C GLY D 129 76.85 -21.97 -35.11
N THR D 130 75.88 -21.45 -35.86
CA THR D 130 74.71 -22.21 -36.27
C THR D 130 74.44 -21.96 -37.75
N ALA D 131 73.46 -22.69 -38.28
CA ALA D 131 73.08 -22.52 -39.68
C ALA D 131 71.59 -22.85 -39.82
N SER D 132 70.89 -22.03 -40.60
CA SER D 132 69.47 -22.21 -40.86
C SER D 132 69.19 -22.06 -42.35
N VAL D 133 68.73 -23.14 -42.98
CA VAL D 133 68.32 -23.14 -44.38
C VAL D 133 66.81 -22.99 -44.43
N VAL D 134 66.33 -22.13 -45.34
CA VAL D 134 64.93 -21.74 -45.42
C VAL D 134 64.39 -22.18 -46.76
N CYS D 135 63.31 -22.96 -46.73
CA CYS D 135 62.60 -23.38 -47.93
C CYS D 135 61.25 -22.70 -47.92
N LEU D 136 60.89 -22.07 -49.03
CA LEU D 136 59.67 -21.26 -49.14
C LEU D 136 58.75 -21.85 -50.20
N LEU D 137 57.48 -22.03 -49.83
CA LEU D 137 56.43 -22.40 -50.77
C LEU D 137 55.44 -21.26 -50.82
N ASN D 138 55.19 -20.73 -52.02
CA ASN D 138 54.47 -19.48 -52.17
C ASN D 138 53.22 -19.67 -53.03
N ASN D 139 52.09 -19.19 -52.52
CA ASN D 139 50.85 -19.04 -53.30
C ASN D 139 50.40 -20.37 -53.90
N PHE D 140 50.03 -21.30 -53.03
CA PHE D 140 49.52 -22.59 -53.45
C PHE D 140 48.18 -22.86 -52.79
N TYR D 141 47.50 -23.91 -53.28
CA TYR D 141 46.22 -24.36 -52.75
C TYR D 141 46.04 -25.81 -53.16
N PRO D 142 45.43 -26.67 -52.35
CA PRO D 142 45.02 -26.54 -50.96
C PRO D 142 46.21 -26.48 -50.04
N ARG D 143 45.92 -26.48 -48.74
CA ARG D 143 46.94 -26.35 -47.72
C ARG D 143 47.78 -27.61 -47.57
N GLU D 144 47.29 -28.75 -48.05
CA GLU D 144 48.05 -29.99 -47.92
C GLU D 144 49.25 -29.95 -48.85
N ALA D 145 50.45 -29.88 -48.27
CA ALA D 145 51.69 -29.91 -49.03
C ALA D 145 52.77 -30.56 -48.17
N LYS D 146 53.63 -31.35 -48.80
CA LYS D 146 54.67 -32.08 -48.10
C LYS D 146 56.03 -31.48 -48.43
N VAL D 147 56.85 -31.27 -47.41
CA VAL D 147 58.19 -30.72 -47.57
C VAL D 147 59.16 -31.67 -46.89
N GLN D 148 60.14 -32.16 -47.63
CA GLN D 148 61.16 -33.06 -47.12
C GLN D 148 62.54 -32.48 -47.39
N TRP D 149 63.39 -32.48 -46.37
CA TRP D 149 64.75 -32.00 -46.50
C TRP D 149 65.67 -33.17 -46.84
N LYS D 150 66.59 -32.91 -47.76
CA LYS D 150 67.59 -33.89 -48.15
C LYS D 150 68.96 -33.24 -48.08
N VAL D 151 69.81 -33.75 -47.21
CA VAL D 151 71.19 -33.31 -47.07
C VAL D 151 72.07 -34.45 -47.59
N ASP D 152 72.61 -34.28 -48.80
CA ASP D 152 73.36 -35.33 -49.48
C ASP D 152 72.53 -36.60 -49.60
N ASN D 153 71.30 -36.44 -50.08
CA ASN D 153 70.36 -37.54 -50.31
C ASN D 153 69.96 -38.26 -49.02
N ALA D 154 70.23 -37.66 -47.87
CA ALA D 154 69.81 -38.21 -46.59
C ALA D 154 68.61 -37.43 -46.08
N LEU D 155 67.54 -38.14 -45.73
CA LEU D 155 66.29 -37.51 -45.32
C LEU D 155 66.40 -37.00 -43.89
N GLN D 156 66.25 -35.70 -43.71
CA GLN D 156 66.36 -35.09 -42.39
C GLN D 156 65.10 -35.33 -41.57
N SER D 157 65.28 -35.51 -40.27
CA SER D 157 64.17 -35.80 -39.37
C SER D 157 64.45 -35.25 -37.99
N GLY D 158 63.51 -34.46 -37.47
CA GLY D 158 63.61 -33.94 -36.12
C GLY D 158 64.48 -32.73 -35.94
N ASN D 159 64.85 -32.04 -37.01
CA ASN D 159 65.68 -30.85 -36.92
C ASN D 159 65.18 -29.73 -37.84
N SER D 160 63.86 -29.67 -38.05
CA SER D 160 63.27 -28.66 -38.92
C SER D 160 61.88 -28.32 -38.41
N GLN D 161 61.52 -27.04 -38.53
CA GLN D 161 60.20 -26.53 -38.19
C GLN D 161 59.61 -25.83 -39.41
N GLU D 162 58.34 -25.49 -39.33
CA GLU D 162 57.66 -24.86 -40.46
C GLU D 162 56.38 -24.19 -39.97
N SER D 163 55.93 -23.22 -40.75
CA SER D 163 54.71 -22.48 -40.42
C SER D 163 54.00 -22.11 -41.72
N VAL D 164 52.67 -22.17 -41.69
CA VAL D 164 51.84 -21.84 -42.83
C VAL D 164 51.06 -20.56 -42.51
N THR D 165 50.90 -19.71 -43.52
CA THR D 165 50.13 -18.50 -43.32
C THR D 165 48.64 -18.77 -43.42
N GLU D 166 47.84 -17.82 -42.93
CA GLU D 166 46.41 -17.90 -43.12
C GLU D 166 46.06 -17.64 -44.58
N GLN D 167 44.90 -18.13 -44.99
CA GLN D 167 44.48 -18.02 -46.38
C GLN D 167 44.39 -16.56 -46.79
N ASP D 168 44.99 -16.23 -47.93
CA ASP D 168 45.00 -14.84 -48.39
C ASP D 168 43.59 -14.42 -48.78
N SER D 169 43.12 -13.33 -48.18
CA SER D 169 41.73 -12.90 -48.35
C SER D 169 41.42 -12.42 -49.76
N LYS D 170 42.42 -12.28 -50.64
CA LYS D 170 42.17 -11.84 -52.00
C LYS D 170 42.20 -12.98 -53.01
N ASP D 171 43.27 -13.78 -53.03
CA ASP D 171 43.43 -14.85 -54.02
C ASP D 171 43.35 -16.25 -53.42
N SER D 172 43.10 -16.38 -52.11
CA SER D 172 42.84 -17.66 -51.47
C SER D 172 43.98 -18.66 -51.69
N THR D 173 45.19 -18.23 -51.36
CA THR D 173 46.37 -19.08 -51.46
C THR D 173 47.06 -19.18 -50.12
N TYR D 174 47.89 -20.20 -49.98
CA TYR D 174 48.66 -20.43 -48.77
C TYR D 174 50.15 -20.21 -49.04
N SER D 175 50.91 -20.06 -47.97
CA SER D 175 52.36 -19.97 -48.06
C SER D 175 52.97 -20.69 -46.86
N LEU D 176 53.99 -21.50 -47.12
CA LEU D 176 54.67 -22.28 -46.09
C LEU D 176 56.14 -21.87 -46.04
N SER D 177 56.69 -21.80 -44.83
CA SER D 177 58.10 -21.51 -44.62
C SER D 177 58.67 -22.59 -43.72
N SER D 178 59.63 -23.35 -44.23
CA SER D 178 60.30 -24.42 -43.49
C SER D 178 61.73 -24.01 -43.19
N THR D 179 62.17 -24.24 -41.95
CA THR D 179 63.51 -23.87 -41.50
C THR D 179 64.23 -25.10 -41.00
N LEU D 180 65.35 -25.43 -41.63
CA LEU D 180 66.20 -26.55 -41.21
C LEU D 180 67.39 -25.99 -40.44
N THR D 181 67.48 -26.32 -39.15
CA THR D 181 68.50 -25.78 -38.26
C THR D 181 69.54 -26.85 -37.96
N LEU D 182 70.79 -26.55 -38.27
CA LEU D 182 71.94 -27.40 -37.99
C LEU D 182 73.02 -26.60 -37.28
N SER D 183 73.93 -27.31 -36.63
CA SER D 183 75.11 -26.64 -36.09
C SER D 183 76.06 -26.29 -37.23
N LYS D 184 76.99 -25.36 -36.95
CA LYS D 184 77.99 -25.01 -37.95
C LYS D 184 78.83 -26.23 -38.33
N ALA D 185 79.18 -27.06 -37.35
CA ALA D 185 80.02 -28.22 -37.60
C ALA D 185 79.33 -29.20 -38.53
N ASP D 186 78.08 -29.56 -38.23
CA ASP D 186 77.36 -30.50 -39.09
C ASP D 186 77.06 -29.90 -40.45
N TYR D 187 76.88 -28.58 -40.52
CA TYR D 187 76.58 -27.96 -41.80
C TYR D 187 77.79 -27.93 -42.71
N GLU D 188 79.00 -27.79 -42.14
CA GLU D 188 80.20 -27.71 -42.95
C GLU D 188 80.65 -29.08 -43.48
N LYS D 189 80.09 -30.18 -42.98
CA LYS D 189 80.52 -31.51 -43.39
C LYS D 189 79.55 -32.15 -44.38
N HIS D 190 78.81 -31.34 -45.13
CA HIS D 190 77.91 -31.82 -46.17
C HIS D 190 77.90 -30.82 -47.31
N LYS D 191 77.51 -31.29 -48.50
CA LYS D 191 77.61 -30.49 -49.71
C LYS D 191 76.26 -30.11 -50.31
N VAL D 192 75.40 -31.09 -50.60
CA VAL D 192 74.18 -30.85 -51.36
C VAL D 192 72.99 -30.73 -50.40
N TYR D 193 72.39 -29.54 -50.38
CA TYR D 193 71.23 -29.25 -49.55
C TYR D 193 70.04 -28.98 -50.45
N ALA D 194 68.96 -29.73 -50.25
CA ALA D 194 67.79 -29.63 -51.10
C ALA D 194 66.53 -29.78 -50.26
N CYS D 195 65.45 -29.12 -50.69
CA CYS D 195 64.12 -29.40 -50.16
C CYS D 195 63.21 -29.85 -51.29
N GLU D 196 62.45 -30.91 -51.02
CA GLU D 196 61.57 -31.52 -52.00
C GLU D 196 60.13 -31.25 -51.62
N VAL D 197 59.33 -30.78 -52.58
CA VAL D 197 57.96 -30.35 -52.33
C VAL D 197 57.02 -31.24 -53.13
N THR D 198 56.03 -31.81 -52.45
CA THR D 198 55.00 -32.62 -53.08
C THR D 198 53.65 -31.95 -52.87
N HIS D 199 52.92 -31.73 -53.96
CA HIS D 199 51.64 -31.05 -53.89
C HIS D 199 50.71 -31.61 -54.94
N GLN D 200 49.41 -31.44 -54.72
CA GLN D 200 48.41 -31.87 -55.70
C GLN D 200 48.59 -31.16 -57.02
N GLY D 201 49.07 -29.91 -56.99
CA GLY D 201 49.26 -29.12 -58.17
C GLY D 201 50.52 -29.37 -58.95
N LEU D 202 51.37 -30.25 -58.45
CA LEU D 202 52.64 -30.55 -59.11
C LEU D 202 52.51 -31.89 -59.83
N SER D 203 52.91 -31.90 -61.10
CA SER D 203 52.95 -33.14 -61.85
C SER D 203 54.01 -34.08 -61.29
N SER D 204 55.11 -33.53 -60.78
CA SER D 204 56.17 -34.30 -60.17
C SER D 204 56.73 -33.53 -59.00
N PRO D 205 57.26 -34.21 -57.98
CA PRO D 205 57.83 -33.51 -56.83
C PRO D 205 58.95 -32.56 -57.26
N VAL D 206 58.82 -31.30 -56.87
CA VAL D 206 59.75 -30.24 -57.24
C VAL D 206 60.84 -30.16 -56.18
N THR D 207 62.10 -30.22 -56.62
CA THR D 207 63.25 -30.15 -55.74
C THR D 207 64.05 -28.90 -56.04
N LYS D 208 64.43 -28.18 -55.00
CA LYS D 208 65.28 -27.00 -55.11
C LYS D 208 66.51 -27.23 -54.23
N SER D 209 67.69 -27.20 -54.85
CA SER D 209 68.92 -27.59 -54.18
C SER D 209 69.97 -26.49 -54.36
N PHE D 210 71.08 -26.68 -53.66
CA PHE D 210 72.26 -25.83 -53.81
C PHE D 210 73.46 -26.56 -53.22
N ASN D 211 74.64 -26.13 -53.65
CA ASN D 211 75.89 -26.66 -53.13
C ASN D 211 76.50 -25.66 -52.16
N ARG D 212 77.03 -26.17 -51.05
CA ARG D 212 77.61 -25.30 -50.04
C ARG D 212 78.90 -24.67 -50.55
N GLY D 213 78.91 -23.35 -50.71
CA GLY D 213 80.10 -22.61 -51.08
C GLY D 213 80.23 -22.30 -52.56
N GLU D 214 79.36 -22.85 -53.40
CA GLU D 214 79.44 -22.57 -54.83
C GLU D 214 79.07 -21.12 -55.11
N CYS D 215 79.47 -20.64 -56.29
CA CYS D 215 79.21 -19.27 -56.69
C CYS D 215 78.33 -19.23 -57.94
N GLY E 9 -52.84 19.87 48.86
CA GLY E 9 -54.13 19.77 48.19
C GLY E 9 -54.29 18.47 47.40
N GLY E 10 -55.11 18.52 46.36
CA GLY E 10 -55.32 17.37 45.50
C GLY E 10 -56.61 17.49 44.73
N LEU E 11 -57.08 16.33 44.25
CA LEU E 11 -58.38 16.20 43.59
C LEU E 11 -58.48 17.11 42.36
N VAL E 12 -57.72 16.76 41.33
CA VAL E 12 -57.66 17.52 40.10
C VAL E 12 -58.38 16.76 38.98
N LYS E 13 -58.59 17.47 37.86
CA LYS E 13 -59.31 16.96 36.69
C LYS E 13 -58.45 15.96 35.92
N PRO E 14 -59.01 15.30 34.87
CA PRO E 14 -58.17 14.62 33.87
C PRO E 14 -57.09 15.48 33.21
N GLY E 15 -56.97 16.74 33.61
CA GLY E 15 -55.80 17.54 33.32
C GLY E 15 -55.39 18.31 34.56
N GLY E 16 -54.21 18.03 35.11
CA GLY E 16 -53.87 18.55 36.42
C GLY E 16 -52.42 18.94 36.56
N SER E 17 -52.13 19.61 37.68
CA SER E 17 -50.77 19.97 38.08
C SER E 17 -50.75 20.00 39.62
N LEU E 18 -50.35 18.89 40.22
CA LEU E 18 -50.23 18.77 41.66
C LEU E 18 -48.80 18.41 42.03
N ARG E 19 -48.25 19.12 43.01
CA ARG E 19 -46.88 18.90 43.46
C ARG E 19 -46.91 18.02 44.70
N LEU E 20 -46.26 16.85 44.61
CA LEU E 20 -46.22 15.89 45.71
C LEU E 20 -44.87 15.94 46.41
N SER E 21 -44.88 15.73 47.72
CA SER E 21 -43.69 15.76 48.55
C SER E 21 -43.46 14.39 49.17
N CYS E 22 -42.20 13.95 49.16
CA CYS E 22 -41.79 12.67 49.72
C CYS E 22 -40.95 12.86 50.98
N ALA E 23 -41.15 13.98 51.69
CA ALA E 23 -40.25 14.36 52.77
C ALA E 23 -40.15 13.29 53.84
N ALA E 24 -38.99 12.65 53.94
CA ALA E 24 -38.69 11.66 54.96
C ALA E 24 -37.34 12.00 55.58
N SER E 25 -37.27 11.98 56.90
CA SER E 25 -36.12 12.46 57.65
C SER E 25 -35.70 11.45 58.71
N GLY E 26 -35.53 10.19 58.30
CA GLY E 26 -35.20 9.14 59.25
C GLY E 26 -33.89 9.37 59.97
N PHE E 27 -32.86 9.83 59.24
CA PHE E 27 -31.54 10.02 59.82
C PHE E 27 -30.88 11.20 59.11
N THR E 28 -29.56 11.32 59.30
CA THR E 28 -28.76 12.36 58.65
C THR E 28 -28.00 11.81 57.43
N PHE E 29 -28.46 10.69 56.88
CA PHE E 29 -27.88 10.11 55.67
C PHE E 29 -28.91 10.20 54.55
N SER E 30 -28.56 10.92 53.48
CA SER E 30 -29.41 11.08 52.31
C SER E 30 -28.61 10.88 51.03
N THR E 31 -27.81 9.80 51.02
CA THR E 31 -26.94 9.46 49.89
C THR E 31 -27.36 8.14 49.26
N TYR E 32 -28.67 7.93 49.13
CA TYR E 32 -29.25 6.73 48.53
C TYR E 32 -30.16 7.13 47.37
N ALA E 33 -30.70 6.13 46.67
CA ALA E 33 -31.63 6.37 45.59
C ALA E 33 -33.06 6.18 46.08
N MET E 34 -34.01 6.78 45.37
CA MET E 34 -35.40 6.82 45.81
C MET E 34 -36.33 6.45 44.66
N ASP E 35 -37.55 6.07 45.03
CA ASP E 35 -38.53 5.56 44.06
C ASP E 35 -39.93 5.97 44.45
N TRP E 36 -40.85 5.88 43.49
CA TRP E 36 -42.27 6.11 43.71
C TRP E 36 -43.07 4.89 43.25
N VAL E 37 -43.91 4.37 44.14
CA VAL E 37 -44.79 3.23 43.83
C VAL E 37 -46.21 3.62 44.17
N ARG E 38 -47.16 3.26 43.30
CA ARG E 38 -48.51 3.80 43.35
C ARG E 38 -49.56 2.71 43.47
N GLN E 39 -50.63 3.06 44.19
CA GLN E 39 -51.74 2.15 44.46
C GLN E 39 -53.07 2.87 44.25
N ALA E 40 -54.12 2.08 44.10
CA ALA E 40 -55.43 2.54 43.65
C ALA E 40 -56.51 1.70 44.30
N PRO E 41 -57.81 1.96 44.05
CA PRO E 41 -58.83 0.98 44.48
C PRO E 41 -58.58 -0.42 43.94
N GLY E 42 -58.06 -0.52 42.72
CA GLY E 42 -57.66 -1.81 42.21
C GLY E 42 -56.43 -2.33 42.95
N LYS E 43 -56.54 -3.56 43.45
CA LYS E 43 -55.48 -4.17 44.26
C LYS E 43 -54.30 -4.51 43.36
N GLY E 44 -53.29 -3.65 43.34
CA GLY E 44 -52.11 -3.87 42.54
C GLY E 44 -51.04 -2.86 42.86
N LEU E 45 -49.79 -3.24 42.58
CA LEU E 45 -48.64 -2.39 42.81
C LEU E 45 -47.92 -2.12 41.50
N GLU E 46 -47.51 -0.87 41.30
CA GLU E 46 -46.82 -0.51 40.06
C GLU E 46 -45.84 0.62 40.35
N TRP E 47 -44.62 0.48 39.82
CA TRP E 47 -43.55 1.44 40.01
C TRP E 47 -43.60 2.52 38.94
N VAL E 48 -43.06 3.69 39.26
CA VAL E 48 -43.18 4.84 38.36
C VAL E 48 -41.83 5.49 38.05
N SER E 49 -41.07 5.88 39.07
CA SER E 49 -39.91 6.72 38.80
C SER E 49 -38.80 6.47 39.81
N LEU E 50 -37.59 6.89 39.44
CA LEU E 50 -36.39 6.66 40.23
C LEU E 50 -35.40 7.79 39.98
N ILE E 51 -34.72 8.23 41.04
CA ILE E 51 -33.63 9.18 40.92
C ILE E 51 -32.40 8.58 41.61
N SER E 52 -31.24 9.13 41.25
CA SER E 52 -29.97 8.63 41.75
C SER E 52 -29.55 9.38 43.02
N SER E 53 -28.68 8.73 43.79
CA SER E 53 -28.13 9.35 45.00
C SER E 53 -27.43 10.66 44.66
N ARG E 54 -26.35 10.58 43.89
CA ARG E 54 -25.88 11.73 43.12
C ARG E 54 -26.77 11.83 41.89
N SER E 55 -27.66 12.82 41.87
CA SER E 55 -28.77 12.82 40.92
C SER E 55 -28.29 13.01 39.48
N SER E 56 -27.57 12.04 38.94
CA SER E 56 -27.11 12.04 37.57
C SER E 56 -27.88 11.10 36.67
N ASN E 57 -28.70 10.21 37.23
CA ASN E 57 -29.47 9.25 36.45
C ASN E 57 -30.90 9.22 36.96
N ILE E 58 -31.87 9.23 36.04
CA ILE E 58 -33.29 9.26 36.37
C ILE E 58 -34.05 8.31 35.46
N TYR E 59 -34.94 7.52 36.04
CA TYR E 59 -35.75 6.53 35.32
C TYR E 59 -37.23 6.81 35.54
N TYR E 60 -38.03 6.51 34.51
CA TYR E 60 -39.47 6.68 34.52
C TYR E 60 -40.11 5.42 33.92
N SER E 61 -41.45 5.35 34.01
CA SER E 61 -42.19 4.21 33.47
C SER E 61 -42.37 4.38 31.95
N ASP E 62 -42.78 3.29 31.30
CA ASP E 62 -42.66 3.15 29.83
C ASP E 62 -43.88 2.46 29.22
N SER E 63 -45.08 2.93 29.54
CA SER E 63 -46.30 2.27 29.06
C SER E 63 -47.46 3.23 28.93
N VAL E 64 -48.68 2.68 28.96
CA VAL E 64 -49.83 3.54 29.18
C VAL E 64 -49.73 4.23 30.54
N LYS E 65 -49.05 3.59 31.52
CA LYS E 65 -48.59 4.31 32.71
C LYS E 65 -47.16 4.77 32.43
N GLY E 66 -47.08 5.97 31.85
CA GLY E 66 -45.94 6.84 32.02
C GLY E 66 -46.28 7.88 33.07
N ASN E 67 -45.41 8.88 33.18
CA ASN E 67 -45.52 9.86 34.25
C ASN E 67 -44.58 11.01 33.95
N PHE E 68 -44.36 11.87 34.95
CA PHE E 68 -43.70 13.14 34.75
C PHE E 68 -42.88 13.54 35.98
N THR E 69 -42.14 14.64 35.80
CA THR E 69 -40.89 15.05 36.45
C THR E 69 -40.68 14.76 37.94
N ILE E 70 -39.51 14.23 38.30
CA ILE E 70 -39.10 14.08 39.71
C ILE E 70 -37.70 14.68 39.91
N SER E 71 -37.47 15.18 41.11
CA SER E 71 -36.22 15.83 41.53
C SER E 71 -35.93 15.45 42.98
N ARG E 72 -34.78 15.92 43.49
CA ARG E 72 -34.26 15.58 44.80
C ARG E 72 -33.30 16.67 45.25
N ASP E 73 -33.27 16.93 46.55
CA ASP E 73 -32.47 18.02 47.11
C ASP E 73 -31.68 17.49 48.30
N ASN E 74 -30.37 17.31 48.09
CA ASN E 74 -29.51 16.69 49.10
C ASN E 74 -29.38 17.57 50.35
N ALA E 75 -29.49 18.89 50.18
CA ALA E 75 -29.31 19.83 51.27
C ALA E 75 -30.62 20.18 51.98
N LYS E 76 -31.73 19.55 51.60
CA LYS E 76 -33.05 19.74 52.21
C LYS E 76 -33.76 18.42 52.46
N ASN E 77 -33.01 17.32 52.51
CA ASN E 77 -33.52 16.01 52.95
C ASN E 77 -34.78 15.58 52.18
N SER E 78 -34.92 15.97 50.91
CA SER E 78 -36.17 15.64 50.24
C SER E 78 -35.94 15.12 48.83
N LEU E 79 -36.90 14.32 48.38
CA LEU E 79 -37.11 14.01 46.98
C LEU E 79 -38.49 14.52 46.60
N PHE E 80 -38.64 14.99 45.37
CA PHE E 80 -39.87 15.62 44.93
C PHE E 80 -40.37 14.93 43.67
N LEU E 81 -41.68 15.01 43.47
CA LEU E 81 -42.28 14.49 42.22
C LEU E 81 -43.46 15.36 41.86
N GLN E 82 -43.60 15.69 40.57
CA GLN E 82 -44.71 16.44 39.94
C GLN E 82 -45.40 15.46 38.99
N MET E 83 -46.72 15.58 38.81
CA MET E 83 -47.48 14.64 37.94
C MET E 83 -48.61 15.36 37.19
N ASN E 84 -48.98 14.84 36.03
CA ASN E 84 -50.12 15.29 35.18
C ASN E 84 -51.27 14.33 35.49
N SER E 85 -52.54 14.77 35.48
CA SER E 85 -53.55 13.74 35.85
C SER E 85 -54.30 13.20 34.62
N LEU E 86 -54.22 11.89 34.43
CA LEU E 86 -54.97 11.20 33.35
C LEU E 86 -56.27 10.67 33.95
N ARG E 87 -56.45 10.86 35.26
CA ARG E 87 -57.61 10.36 36.02
C ARG E 87 -57.82 8.86 35.73
N ALA E 88 -58.71 8.45 34.82
CA ALA E 88 -58.95 7.03 34.45
C ALA E 88 -57.66 6.21 34.36
N GLU E 89 -56.69 6.65 33.55
CA GLU E 89 -55.40 5.98 33.50
C GLU E 89 -54.41 6.54 34.52
N ASP E 90 -54.90 7.09 35.65
CA ASP E 90 -54.03 7.62 36.70
C ASP E 90 -54.53 7.22 38.08
N THR E 91 -53.59 6.96 39.00
CA THR E 91 -53.87 6.52 40.36
C THR E 91 -53.88 7.70 41.32
N ALA E 92 -53.94 7.39 42.63
CA ALA E 92 -54.01 8.45 43.63
C ALA E 92 -53.00 8.30 44.78
N VAL E 93 -52.75 7.07 45.25
CA VAL E 93 -51.89 6.87 46.41
C VAL E 93 -50.47 6.60 45.93
N TYR E 94 -49.57 7.55 46.19
CA TYR E 94 -48.18 7.48 45.77
C TYR E 94 -47.31 7.30 47.02
N TYR E 95 -46.64 6.16 47.12
CA TYR E 95 -45.74 5.87 48.23
C TYR E 95 -44.31 6.24 47.85
N CYS E 96 -43.51 6.49 48.89
CA CYS E 96 -42.07 6.68 48.76
C CYS E 96 -41.36 5.34 48.91
N ALA E 97 -40.14 5.26 48.38
CA ALA E 97 -39.30 4.09 48.51
C ALA E 97 -37.85 4.53 48.52
N ARG E 98 -37.04 3.84 49.32
CA ARG E 98 -35.62 4.16 49.48
C ARG E 98 -34.82 2.94 49.05
N GLU E 99 -33.98 3.10 48.04
CA GLU E 99 -33.20 2.00 47.50
C GLU E 99 -32.23 1.45 48.53
N ALA E 100 -31.94 0.16 48.41
CA ALA E 100 -31.11 -0.52 49.43
C ALA E 100 -29.69 0.03 49.42
N GLY E 101 -28.99 -0.09 48.30
CA GLY E 101 -27.61 0.32 48.22
C GLY E 101 -26.78 -0.43 47.19
N GLY E 102 -25.53 -0.74 47.53
CA GLY E 102 -24.63 -1.36 46.57
C GLY E 102 -24.97 -2.82 46.32
N PHE E 103 -25.19 -3.17 45.04
CA PHE E 103 -25.41 -4.54 44.59
C PHE E 103 -26.67 -5.17 45.19
N HIS E 104 -27.64 -4.35 45.61
CA HIS E 104 -28.91 -4.83 46.13
C HIS E 104 -30.04 -4.11 45.42
N SER E 105 -30.95 -4.87 44.83
CA SER E 105 -32.05 -4.32 44.02
C SER E 105 -33.35 -4.55 44.78
N HIS E 106 -33.67 -3.60 45.66
CA HIS E 106 -34.91 -3.57 46.42
C HIS E 106 -34.91 -2.28 47.21
N PHE E 107 -36.00 -2.05 47.94
CA PHE E 107 -36.14 -0.88 48.81
C PHE E 107 -36.34 -1.34 50.24
N ASP E 108 -35.88 -0.51 51.18
CA ASP E 108 -36.03 -0.79 52.60
C ASP E 108 -36.92 0.22 53.33
N MET E 109 -36.61 1.50 53.24
CA MET E 109 -37.39 2.53 53.92
C MET E 109 -38.53 3.01 53.02
N TRP E 110 -39.65 3.36 53.65
CA TRP E 110 -40.88 3.68 52.94
C TRP E 110 -41.50 4.94 53.51
N GLY E 111 -42.69 5.28 53.00
CA GLY E 111 -43.45 6.39 53.51
C GLY E 111 -44.92 6.03 53.59
N GLN E 112 -45.70 6.95 54.17
CA GLN E 112 -47.12 6.69 54.36
C GLN E 112 -47.94 6.95 53.10
N GLY E 113 -47.48 7.84 52.24
CA GLY E 113 -48.20 8.20 51.03
C GLY E 113 -49.08 9.43 51.22
N THR E 114 -49.34 10.11 50.11
CA THR E 114 -50.10 11.33 50.11
C THR E 114 -51.56 11.04 49.71
N LEU E 115 -52.34 12.10 49.52
CA LEU E 115 -53.80 12.02 49.61
C LEU E 115 -54.44 11.54 48.31
N VAL E 116 -55.76 11.70 48.24
CA VAL E 116 -56.60 11.23 47.14
C VAL E 116 -56.19 11.81 45.79
N ALA E 121 -67.10 13.98 37.59
CA ALA E 121 -67.89 14.43 38.73
C ALA E 121 -67.14 15.46 39.58
N SER E 122 -67.70 15.79 40.75
CA SER E 122 -67.12 16.84 41.56
C SER E 122 -67.62 16.74 43.00
N THR E 123 -67.02 17.58 43.86
CA THR E 123 -67.16 17.54 45.31
C THR E 123 -68.62 17.45 45.75
N LYS E 124 -68.85 16.62 46.78
CA LYS E 124 -70.14 16.45 47.44
C LYS E 124 -70.09 17.07 48.84
N GLY E 125 -71.20 16.92 49.57
CA GLY E 125 -71.37 17.55 50.88
C GLY E 125 -70.86 16.71 52.04
N PRO E 126 -70.32 17.39 53.07
CA PRO E 126 -69.69 16.65 54.20
C PRO E 126 -70.66 15.82 55.06
N SER E 127 -71.78 16.39 55.50
CA SER E 127 -72.54 15.63 56.48
C SER E 127 -74.00 16.01 56.49
N VAL E 128 -74.82 15.00 56.75
CA VAL E 128 -76.24 15.11 57.04
C VAL E 128 -76.62 13.97 57.99
N ALA E 143 -75.07 2.71 74.02
CA ALA E 143 -73.89 2.30 73.26
C ALA E 143 -74.07 2.68 71.80
N ALA E 144 -75.34 2.62 71.40
CA ALA E 144 -75.82 2.75 70.02
C ALA E 144 -76.10 4.23 69.79
N LEU E 145 -75.09 4.96 69.33
CA LEU E 145 -75.23 6.37 68.99
C LEU E 145 -75.03 6.42 67.47
N GLY E 146 -76.14 6.53 66.72
CA GLY E 146 -76.16 6.34 65.28
C GLY E 146 -75.86 7.54 64.41
N CYS E 147 -74.58 7.93 64.35
CA CYS E 147 -74.18 8.94 63.40
C CYS E 147 -74.31 8.36 62.00
N LEU E 148 -74.75 9.19 61.05
CA LEU E 148 -74.94 8.78 59.66
C LEU E 148 -74.26 9.79 58.75
N VAL E 149 -73.16 9.40 58.13
CA VAL E 149 -72.51 10.24 57.12
C VAL E 149 -73.02 9.89 55.72
N VAL E 157 -61.25 11.28 54.66
CA VAL E 157 -62.23 11.57 55.69
C VAL E 157 -61.78 10.94 57.00
N THR E 158 -62.20 11.54 58.11
CA THR E 158 -62.00 10.97 59.42
C THR E 158 -63.25 11.19 60.25
N VAL E 159 -63.46 10.30 61.23
CA VAL E 159 -64.64 10.33 62.09
C VAL E 159 -64.16 10.30 63.55
N SER E 160 -64.68 11.22 64.35
CA SER E 160 -64.33 11.27 65.76
C SER E 160 -65.54 11.71 66.56
N TRP E 161 -65.59 11.29 67.80
CA TRP E 161 -66.72 11.56 68.68
C TRP E 161 -66.26 12.22 69.96
N ASN E 162 -66.87 13.37 70.30
CA ASN E 162 -66.65 14.06 71.56
C ASN E 162 -65.16 14.23 71.83
N SER E 163 -64.42 14.61 70.79
CA SER E 163 -62.98 14.80 70.90
C SER E 163 -62.32 13.57 71.50
N GLY E 164 -62.69 12.41 70.98
CA GLY E 164 -62.11 11.14 71.43
C GLY E 164 -62.30 10.84 72.90
N ALA E 165 -63.52 11.03 73.41
CA ALA E 165 -63.81 10.73 74.81
C ALA E 165 -63.52 9.27 75.14
N LEU E 166 -64.05 8.35 74.33
CA LEU E 166 -63.78 6.93 74.49
C LEU E 166 -63.04 6.43 73.24
N THR E 167 -61.72 6.35 73.38
CA THR E 167 -60.87 5.85 72.31
C THR E 167 -61.10 4.36 72.05
N SER E 168 -61.40 3.61 73.12
CA SER E 168 -61.59 2.17 72.98
C SER E 168 -62.73 1.85 72.02
N GLY E 169 -63.91 2.44 72.25
CA GLY E 169 -65.04 2.22 71.36
C GLY E 169 -65.05 3.11 70.13
N VAL E 170 -63.89 3.37 69.55
CA VAL E 170 -63.81 4.13 68.30
C VAL E 170 -64.15 3.15 67.19
N HIS E 171 -65.42 3.10 66.80
CA HIS E 171 -65.89 2.13 65.81
C HIS E 171 -66.51 2.89 64.65
N THR E 172 -65.90 2.74 63.47
CA THR E 172 -66.33 3.39 62.25
C THR E 172 -66.50 2.30 61.21
N PHE E 173 -67.70 2.19 60.67
CA PHE E 173 -67.88 1.23 59.60
C PHE E 173 -67.29 1.81 58.32
N PRO E 174 -66.81 0.93 57.44
CA PRO E 174 -66.24 1.40 56.17
C PRO E 174 -67.29 2.06 55.32
N ALA E 175 -66.87 3.10 54.60
CA ALA E 175 -67.75 3.87 53.74
C ALA E 175 -68.21 3.03 52.56
N LEU E 185 -71.90 5.29 55.62
CA LEU E 185 -70.47 5.39 55.88
C LEU E 185 -70.37 5.55 57.40
N SER E 186 -71.48 5.21 58.03
CA SER E 186 -71.80 5.63 59.40
C SER E 186 -70.90 4.98 60.44
N SER E 187 -70.58 5.74 61.49
CA SER E 187 -69.77 5.30 62.61
C SER E 187 -70.61 5.14 63.88
N VAL E 188 -70.07 4.38 64.85
CA VAL E 188 -70.78 4.04 66.09
C VAL E 188 -69.75 4.02 67.23
N VAL E 189 -70.03 4.76 68.30
CA VAL E 189 -69.05 4.90 69.37
C VAL E 189 -69.68 4.39 70.67
N THR E 190 -69.12 3.28 71.17
CA THR E 190 -69.74 2.47 72.21
C THR E 190 -69.68 3.17 73.56
N VAL E 191 -70.77 3.08 74.34
CA VAL E 191 -70.86 3.83 75.61
C VAL E 191 -71.62 3.03 76.67
N PRO E 192 -71.74 3.53 77.97
CA PRO E 192 -72.53 2.79 78.98
C PRO E 192 -74.02 3.15 79.05
N SER E 193 -74.88 2.12 79.18
CA SER E 193 -76.34 2.33 79.06
C SER E 193 -76.95 3.14 80.20
N SER E 194 -76.27 3.28 81.34
CA SER E 194 -76.87 4.01 82.47
C SER E 194 -77.05 5.48 82.16
N SER E 195 -76.03 6.10 81.55
CA SER E 195 -75.96 7.56 81.40
C SER E 195 -76.78 8.00 80.20
N LEU E 196 -78.09 7.86 80.32
CA LEU E 196 -79.02 8.39 79.34
C LEU E 196 -79.54 9.77 79.74
N GLY E 197 -78.95 10.39 80.76
CA GLY E 197 -79.35 11.71 81.18
C GLY E 197 -78.27 12.63 81.73
N THR E 198 -77.00 12.34 81.44
CA THR E 198 -75.91 13.20 81.90
C THR E 198 -75.01 13.59 80.74
N CYS E 203 -70.71 14.01 67.34
CA CYS E 203 -70.09 13.39 66.17
C CYS E 203 -69.26 14.44 65.42
N ASN E 204 -67.97 14.16 65.20
CA ASN E 204 -67.07 15.05 64.49
C ASN E 204 -66.64 14.43 63.17
N VAL E 205 -66.71 15.20 62.10
CA VAL E 205 -66.40 14.74 60.75
C VAL E 205 -65.52 15.77 60.06
N ASN E 206 -64.71 15.31 59.10
CA ASN E 206 -63.84 16.16 58.31
C ASN E 206 -63.74 15.65 56.88
N HIS E 207 -63.98 16.54 55.92
CA HIS E 207 -63.77 16.28 54.50
C HIS E 207 -62.76 17.30 54.00
N LYS E 208 -61.68 16.82 53.39
CA LYS E 208 -60.67 17.76 52.91
C LYS E 208 -61.12 18.54 51.67
N PRO E 209 -61.95 17.99 50.76
CA PRO E 209 -62.55 18.88 49.75
C PRO E 209 -63.38 19.97 50.39
N SER E 210 -64.14 19.62 51.42
CA SER E 210 -64.92 20.59 52.16
C SER E 210 -64.11 21.18 53.31
N SER F 2 -44.23 -4.42 34.24
CA SER F 2 -45.63 -4.76 34.01
C SER F 2 -46.17 -5.66 35.12
N VAL F 3 -46.50 -6.91 34.77
CA VAL F 3 -47.18 -7.83 35.66
C VAL F 3 -46.33 -9.08 35.85
N LEU F 4 -46.18 -9.51 37.10
CA LEU F 4 -45.65 -10.82 37.45
C LEU F 4 -46.78 -11.65 38.01
N THR F 5 -47.01 -12.82 37.44
CA THR F 5 -48.18 -13.62 37.81
C THR F 5 -48.05 -14.13 39.24
N GLN F 6 -49.17 -14.06 39.99
CA GLN F 6 -49.21 -14.47 41.39
C GLN F 6 -50.52 -15.19 41.68
N PRO F 7 -50.48 -16.34 42.36
CA PRO F 7 -51.71 -17.12 42.59
C PRO F 7 -52.40 -16.79 43.90
N ALA F 8 -53.73 -16.72 43.84
CA ALA F 8 -54.55 -16.39 45.00
C ALA F 8 -54.80 -17.65 45.83
N SER F 9 -55.76 -17.57 46.76
CA SER F 9 -56.28 -18.72 47.50
C SER F 9 -55.20 -19.38 48.36
N VAL F 10 -54.76 -18.64 49.38
CA VAL F 10 -53.97 -19.25 50.45
C VAL F 10 -54.84 -20.30 51.16
N SER F 11 -54.19 -21.31 51.71
CA SER F 11 -54.88 -22.41 52.36
C SER F 11 -54.14 -22.75 53.65
N GLY F 12 -54.58 -23.81 54.33
CA GLY F 12 -53.89 -24.28 55.53
C GLY F 12 -54.74 -24.19 56.78
N SER F 13 -54.81 -25.30 57.51
CA SER F 13 -55.54 -25.37 58.76
C SER F 13 -54.64 -25.06 59.96
N LEU F 14 -53.95 -23.93 59.88
CA LEU F 14 -53.01 -23.49 60.93
C LEU F 14 -51.91 -24.53 61.15
N GLY F 15 -51.47 -25.18 60.08
CA GLY F 15 -50.32 -26.05 60.16
C GLY F 15 -48.99 -25.35 60.14
N GLN F 16 -49.00 -24.01 60.14
CA GLN F 16 -47.79 -23.18 60.08
C GLN F 16 -46.97 -23.50 58.83
N SER F 17 -47.64 -23.48 57.68
CA SER F 17 -46.99 -23.61 56.39
C SER F 17 -47.92 -23.14 55.27
N VAL F 18 -47.40 -22.31 54.37
CA VAL F 18 -48.17 -21.80 53.24
C VAL F 18 -47.21 -21.58 52.07
N THR F 19 -47.68 -21.88 50.86
CA THR F 19 -46.84 -21.80 49.68
C THR F 19 -47.58 -21.13 48.53
N ILE F 20 -46.98 -20.08 47.97
CA ILE F 20 -47.56 -19.33 46.85
C ILE F 20 -46.44 -18.89 45.92
N SER F 21 -46.62 -19.09 44.62
CA SER F 21 -45.56 -18.88 43.64
C SER F 21 -45.56 -17.43 43.13
N CYS F 22 -44.58 -17.15 42.26
CA CYS F 22 -44.55 -15.89 41.51
C CYS F 22 -43.65 -16.12 40.29
N THR F 23 -44.27 -16.32 39.14
CA THR F 23 -43.54 -16.62 37.91
C THR F 23 -43.17 -15.33 37.19
N GLY F 24 -41.99 -15.32 36.58
CA GLY F 24 -41.49 -14.15 35.89
C GLY F 24 -40.90 -14.51 34.53
N THR F 25 -40.33 -13.49 33.88
CA THR F 25 -39.77 -13.63 32.54
C THR F 25 -38.26 -13.91 32.62
N SER F 26 -37.64 -14.00 31.46
CA SER F 26 -36.22 -14.31 31.39
C SER F 26 -35.33 -13.16 31.84
N SER F 27 -35.87 -11.95 31.93
CA SER F 27 -35.08 -10.78 32.31
C SER F 27 -35.33 -10.32 33.73
N ASP F 28 -36.30 -10.90 34.44
CA ASP F 28 -36.61 -10.49 35.80
C ASP F 28 -36.46 -11.60 36.83
N VAL F 29 -37.07 -12.76 36.61
CA VAL F 29 -37.04 -13.87 37.55
C VAL F 29 -36.17 -15.01 37.04
N GLY F 30 -36.34 -15.38 35.78
CA GLY F 30 -35.57 -16.47 35.21
C GLY F 30 -34.23 -16.03 34.66
N GLY F 31 -33.31 -15.67 35.55
CA GLY F 31 -31.99 -15.27 35.11
C GLY F 31 -31.36 -14.20 35.97
N TYR F 32 -32.06 -13.77 37.02
CA TYR F 32 -31.52 -12.82 37.99
C TYR F 32 -32.00 -13.18 39.37
N ASP F 33 -31.08 -13.19 40.34
CA ASP F 33 -31.35 -13.63 41.71
C ASP F 33 -31.83 -12.50 42.60
N TYR F 34 -32.39 -11.44 42.05
CA TYR F 34 -32.84 -10.29 42.83
C TYR F 34 -34.37 -10.23 42.77
N VAL F 35 -35.01 -10.71 43.84
CA VAL F 35 -36.45 -10.82 43.92
C VAL F 35 -36.88 -10.61 45.37
N SER F 36 -38.05 -10.01 45.57
CA SER F 36 -38.51 -9.66 46.90
C SER F 36 -40.03 -9.78 46.96
N TRP F 37 -40.57 -9.72 48.18
CA TRP F 37 -42.01 -9.82 48.44
C TRP F 37 -42.44 -8.69 49.38
N TYR F 38 -43.75 -8.52 49.58
CA TYR F 38 -44.28 -7.42 50.38
C TYR F 38 -45.71 -7.71 50.83
N GLN F 39 -45.96 -7.81 52.14
CA GLN F 39 -47.33 -7.99 52.64
C GLN F 39 -47.79 -6.92 53.62
N GLN F 40 -47.25 -6.92 54.84
CA GLN F 40 -47.28 -5.94 55.94
C GLN F 40 -48.58 -5.59 56.65
N HIS F 41 -49.75 -5.50 55.96
CA HIS F 41 -51.06 -5.23 56.57
C HIS F 41 -52.14 -4.91 55.54
N PRO F 42 -53.43 -4.87 55.91
CA PRO F 42 -54.47 -4.43 54.95
C PRO F 42 -54.77 -2.94 54.96
N GLY F 43 -53.97 -2.12 55.65
CA GLY F 43 -54.13 -0.68 55.60
C GLY F 43 -52.87 -0.01 55.09
N LYS F 44 -51.81 -0.82 54.96
CA LYS F 44 -50.53 -0.39 54.42
C LYS F 44 -49.87 -1.62 53.81
N ASN F 45 -49.50 -1.52 52.53
CA ASN F 45 -49.07 -2.69 51.77
C ASN F 45 -47.61 -3.12 51.98
N PRO F 46 -46.61 -2.23 51.94
CA PRO F 46 -45.23 -2.73 51.84
C PRO F 46 -44.50 -2.99 53.15
N LYS F 47 -43.79 -4.12 53.17
CA LYS F 47 -42.72 -4.41 54.13
C LYS F 47 -41.90 -5.56 53.53
N LEU F 48 -40.58 -5.52 53.76
CA LEU F 48 -39.65 -6.28 52.92
C LEU F 48 -39.98 -7.77 52.92
N MET F 49 -39.87 -8.44 54.07
CA MET F 49 -40.41 -9.78 54.24
C MET F 49 -39.67 -10.86 53.44
N ILE F 50 -38.84 -10.53 52.45
CA ILE F 50 -37.93 -11.49 51.71
C ILE F 50 -36.84 -10.69 51.01
N PHE F 51 -35.63 -10.73 51.56
CA PHE F 51 -34.53 -9.87 51.15
C PHE F 51 -33.98 -10.25 49.77
N GLU F 52 -33.95 -11.55 49.47
CA GLU F 52 -33.44 -12.07 48.20
C GLU F 52 -34.37 -13.18 47.76
N VAL F 53 -33.87 -14.06 46.88
CA VAL F 53 -34.52 -15.33 46.55
C VAL F 53 -34.97 -16.03 47.82
N ASN F 54 -34.08 -16.09 48.81
CA ASN F 54 -34.34 -16.79 50.06
C ASN F 54 -33.98 -15.99 51.30
N ASN F 55 -33.31 -14.85 51.18
CA ASN F 55 -32.86 -14.11 52.35
C ASN F 55 -34.04 -13.49 53.08
N ARG F 56 -33.86 -13.32 54.41
CA ARG F 56 -34.81 -12.69 55.30
C ARG F 56 -34.24 -11.40 55.89
N PRO F 57 -35.03 -10.32 55.94
CA PRO F 57 -34.59 -9.13 56.68
C PRO F 57 -34.48 -9.42 58.16
N SER F 58 -33.80 -8.51 58.87
CA SER F 58 -33.52 -8.74 60.30
C SER F 58 -34.68 -8.26 61.18
N GLY F 59 -35.90 -8.61 60.77
CA GLY F 59 -37.05 -8.45 61.64
C GLY F 59 -37.99 -9.63 61.59
N VAL F 60 -37.82 -10.47 60.57
CA VAL F 60 -38.74 -11.59 60.37
C VAL F 60 -38.00 -12.89 60.69
N SER F 61 -38.09 -13.31 61.95
CA SER F 61 -37.32 -14.47 62.39
C SER F 61 -38.05 -15.77 62.11
N THR F 62 -39.38 -15.73 61.99
CA THR F 62 -40.15 -16.89 61.61
C THR F 62 -39.80 -17.31 60.18
N ARG F 63 -40.13 -18.55 59.85
CA ARG F 63 -39.64 -19.18 58.62
C ARG F 63 -40.29 -18.52 57.42
N PHE F 64 -39.52 -17.67 56.73
CA PHE F 64 -39.91 -17.06 55.47
C PHE F 64 -38.82 -17.39 54.45
N SER F 65 -39.21 -17.95 53.31
CA SER F 65 -38.21 -18.34 52.31
C SER F 65 -38.86 -18.43 50.94
N GLY F 66 -38.00 -18.44 49.91
CA GLY F 66 -38.47 -18.55 48.55
C GLY F 66 -37.62 -19.56 47.78
N SER F 67 -38.20 -20.05 46.68
CA SER F 67 -37.56 -21.12 45.92
C SER F 67 -36.71 -20.59 44.77
N LYS F 68 -37.32 -19.85 43.84
CA LYS F 68 -36.66 -19.37 42.64
C LYS F 68 -36.03 -20.54 41.88
N SER F 69 -36.90 -21.41 41.39
CA SER F 69 -36.52 -22.58 40.61
C SER F 69 -36.90 -22.33 39.16
N GLY F 70 -35.90 -22.10 38.32
CA GLY F 70 -36.17 -21.87 36.90
C GLY F 70 -36.77 -20.49 36.68
N ASN F 71 -37.91 -20.46 35.99
CA ASN F 71 -38.60 -19.22 35.64
C ASN F 71 -39.71 -18.87 36.62
N THR F 72 -39.68 -19.47 37.82
CA THR F 72 -40.74 -19.26 38.80
C THR F 72 -40.13 -19.16 40.18
N ALA F 73 -40.67 -18.28 41.01
CA ALA F 73 -40.23 -18.07 42.39
C ALA F 73 -41.39 -18.39 43.32
N SER F 74 -41.34 -19.58 43.93
CA SER F 74 -42.34 -19.92 44.93
C SER F 74 -41.96 -19.33 46.29
N LEU F 75 -42.91 -19.35 47.21
CA LEU F 75 -42.75 -18.72 48.52
C LEU F 75 -43.26 -19.65 49.59
N THR F 76 -42.46 -19.89 50.63
CA THR F 76 -42.84 -20.78 51.73
C THR F 76 -42.72 -20.01 53.05
N ILE F 77 -43.85 -19.88 53.75
CA ILE F 77 -43.94 -19.13 55.00
C ILE F 77 -44.50 -20.07 56.08
N SER F 78 -43.98 -19.95 57.29
CA SER F 78 -44.39 -20.84 58.38
C SER F 78 -44.91 -20.12 59.61
N GLY F 79 -44.25 -19.06 60.07
CA GLY F 79 -44.57 -18.46 61.35
C GLY F 79 -45.60 -17.35 61.36
N LEU F 80 -46.11 -16.94 60.21
CA LEU F 80 -47.17 -15.95 60.13
C LEU F 80 -48.56 -16.57 60.06
N GLN F 81 -48.68 -17.84 60.45
CA GLN F 81 -49.93 -18.57 60.38
C GLN F 81 -50.74 -18.42 61.66
N ALA F 82 -50.93 -17.17 62.09
CA ALA F 82 -51.73 -16.88 63.27
C ALA F 82 -52.57 -15.61 63.14
N GLU F 83 -52.64 -15.01 61.96
CA GLU F 83 -53.36 -13.75 61.80
C GLU F 83 -53.80 -13.61 60.35
N ASP F 84 -54.79 -12.73 60.13
CA ASP F 84 -55.44 -12.53 58.84
C ASP F 84 -54.72 -11.51 57.98
N GLU F 85 -53.41 -11.35 58.18
CA GLU F 85 -52.70 -10.10 57.93
C GLU F 85 -53.05 -9.38 56.64
N ALA F 86 -52.71 -9.90 55.46
CA ALA F 86 -52.80 -9.05 54.27
C ALA F 86 -52.55 -9.85 52.99
N ASP F 87 -52.51 -9.12 51.87
CA ASP F 87 -52.06 -9.57 50.57
C ASP F 87 -50.54 -9.63 50.52
N TYR F 88 -50.02 -10.41 49.57
CA TYR F 88 -48.60 -10.48 49.29
C TYR F 88 -48.33 -10.02 47.86
N TYR F 89 -47.10 -9.54 47.64
CA TYR F 89 -46.66 -9.07 46.33
C TYR F 89 -45.25 -9.60 46.08
N CYS F 90 -44.87 -9.71 44.81
CA CYS F 90 -43.51 -10.02 44.44
C CYS F 90 -43.00 -9.00 43.44
N ASN F 91 -41.69 -8.74 43.49
CA ASN F 91 -41.06 -7.83 42.54
C ASN F 91 -39.63 -8.31 42.28
N SER F 92 -39.01 -7.72 41.27
CA SER F 92 -37.63 -8.07 40.94
C SER F 92 -37.04 -6.96 40.10
N TYR F 93 -35.72 -7.01 39.92
CA TYR F 93 -35.03 -6.14 38.97
C TYR F 93 -35.27 -6.70 37.57
N SER F 94 -35.96 -5.93 36.73
CA SER F 94 -36.22 -6.33 35.36
C SER F 94 -35.43 -5.44 34.42
N THR F 95 -34.68 -6.06 33.50
CA THR F 95 -33.92 -5.29 32.54
C THR F 95 -34.83 -4.57 31.55
N THR F 96 -35.91 -5.25 31.13
CA THR F 96 -36.86 -4.66 30.20
C THR F 96 -37.42 -3.35 30.76
N THR F 97 -38.04 -3.41 31.93
CA THR F 97 -38.51 -2.24 32.66
C THR F 97 -37.87 -2.28 34.04
N THR F 98 -37.17 -1.20 34.40
CA THR F 98 -36.24 -1.24 35.54
C THR F 98 -36.87 -1.79 36.82
N TRP F 99 -38.20 -1.80 36.93
CA TRP F 99 -38.89 -2.47 38.02
C TRP F 99 -40.13 -3.16 37.49
N VAL F 100 -40.66 -4.08 38.29
CA VAL F 100 -41.86 -4.84 37.92
C VAL F 100 -42.44 -5.45 39.19
N PHE F 101 -43.76 -5.56 39.24
CA PHE F 101 -44.43 -6.08 40.43
C PHE F 101 -45.37 -7.24 40.11
N GLY F 102 -46.13 -7.70 41.12
CA GLY F 102 -46.92 -8.90 41.01
C GLY F 102 -48.43 -8.64 41.00
N GLY F 103 -49.16 -9.71 40.68
CA GLY F 103 -50.61 -9.61 40.50
C GLY F 103 -51.42 -9.63 41.77
N GLY F 104 -50.84 -10.07 42.89
CA GLY F 104 -51.55 -10.05 44.15
C GLY F 104 -51.96 -11.40 44.68
N THR F 105 -51.69 -11.64 45.97
CA THR F 105 -52.11 -12.86 46.65
C THR F 105 -52.60 -12.48 48.05
N SER F 106 -53.91 -12.53 48.26
CA SER F 106 -54.47 -12.19 49.56
C SER F 106 -54.42 -13.39 50.50
N LEU F 107 -54.26 -13.12 51.79
CA LEU F 107 -54.06 -14.17 52.78
C LEU F 107 -54.92 -13.95 54.01
N THR F 108 -55.58 -15.01 54.46
CA THR F 108 -56.13 -15.12 55.80
C THR F 108 -56.14 -16.60 56.17
N VAL F 109 -55.91 -16.88 57.44
CA VAL F 109 -55.79 -18.26 57.89
C VAL F 109 -57.17 -18.76 58.34
N LEU F 110 -57.45 -20.02 58.04
CA LEU F 110 -58.73 -20.63 58.40
C LEU F 110 -58.70 -21.10 59.85
N GLY F 111 -59.74 -21.84 60.26
CA GLY F 111 -59.77 -22.51 61.53
C GLY F 111 -60.01 -21.62 62.74
N GLN F 112 -60.22 -20.33 62.56
CA GLN F 112 -60.47 -19.45 63.70
C GLN F 112 -61.85 -19.73 64.28
N PRO F 113 -62.04 -19.45 65.57
CA PRO F 113 -63.37 -19.67 66.17
C PRO F 113 -64.43 -18.78 65.54
N LYS F 114 -65.58 -19.38 65.24
CA LYS F 114 -66.65 -18.66 64.55
C LYS F 114 -67.30 -17.64 65.48
N ALA F 115 -67.71 -16.51 64.89
CA ALA F 115 -68.32 -15.42 65.63
C ALA F 115 -69.59 -14.97 64.92
N ALA F 116 -70.72 -15.12 65.61
CA ALA F 116 -71.98 -14.62 65.08
C ALA F 116 -71.97 -13.09 65.06
N PRO F 117 -72.60 -12.47 64.07
CA PRO F 117 -72.48 -11.01 63.92
C PRO F 117 -73.30 -10.24 64.94
N SER F 118 -72.85 -9.01 65.20
CA SER F 118 -73.56 -8.08 66.09
C SER F 118 -74.26 -7.05 65.22
N VAL F 119 -75.46 -7.38 64.76
CA VAL F 119 -76.22 -6.50 63.89
C VAL F 119 -76.85 -5.38 64.71
N THR F 120 -76.98 -4.20 64.10
CA THR F 120 -77.54 -3.05 64.77
C THR F 120 -78.24 -2.17 63.74
N LEU F 121 -78.88 -1.10 64.21
CA LEU F 121 -79.68 -0.23 63.36
C LEU F 121 -79.74 1.16 63.98
N PHE F 122 -79.95 2.16 63.15
CA PHE F 122 -80.04 3.56 63.54
C PHE F 122 -81.51 4.01 63.54
N PRO F 123 -81.79 5.24 63.98
CA PRO F 123 -83.19 5.70 64.02
C PRO F 123 -83.72 6.08 62.64
N PRO F 124 -85.04 6.29 62.51
CA PRO F 124 -85.61 6.61 61.19
C PRO F 124 -85.04 7.86 60.56
N SER F 125 -84.39 8.74 61.31
CA SER F 125 -83.48 9.73 60.74
C SER F 125 -84.22 10.78 59.91
N SER F 126 -85.08 11.57 60.59
CA SER F 126 -85.90 12.61 59.96
C SER F 126 -85.16 13.38 58.86
N GLU F 127 -83.91 13.75 59.10
CA GLU F 127 -83.12 14.45 58.08
C GLU F 127 -81.79 13.71 57.83
N ALA F 131 -88.07 14.57 54.22
CA ALA F 131 -87.61 15.19 53.00
C ALA F 131 -87.50 14.16 51.88
N ASN F 132 -88.32 13.12 51.97
CA ASN F 132 -88.42 12.07 50.95
C ASN F 132 -87.10 11.32 50.78
N LYS F 133 -86.38 11.13 51.89
CA LYS F 133 -85.14 10.35 51.91
C LYS F 133 -85.05 9.65 53.25
N ALA F 134 -84.94 8.31 53.25
CA ALA F 134 -84.85 7.56 54.49
C ALA F 134 -83.50 6.87 54.68
N THR F 135 -83.12 5.97 53.76
CA THR F 135 -81.79 5.34 53.75
C THR F 135 -81.47 4.68 55.09
N LEU F 136 -82.23 3.63 55.40
CA LEU F 136 -82.15 2.99 56.71
C LEU F 136 -80.84 2.22 56.89
N VAL F 137 -80.10 2.56 57.95
CA VAL F 137 -78.74 2.09 58.18
C VAL F 137 -78.79 0.85 59.08
N CYS F 138 -78.36 -0.28 58.56
CA CYS F 138 -78.25 -1.52 59.32
C CYS F 138 -76.79 -1.94 59.32
N LEU F 139 -76.22 -2.10 60.52
CA LEU F 139 -74.79 -2.33 60.68
C LEU F 139 -74.52 -3.76 61.13
N ILE F 140 -73.47 -4.35 60.58
CA ILE F 140 -73.06 -5.72 60.89
C ILE F 140 -71.58 -5.71 61.24
N SER F 141 -71.22 -6.31 62.38
CA SER F 141 -69.83 -6.30 62.81
C SER F 141 -69.53 -7.53 63.64
N ASP F 142 -68.22 -7.80 63.79
CA ASP F 142 -67.70 -8.86 64.65
C ASP F 142 -68.21 -10.24 64.23
N PHE F 143 -68.01 -10.57 62.96
CA PHE F 143 -68.43 -11.85 62.42
C PHE F 143 -67.28 -12.48 61.63
N TYR F 144 -67.37 -13.80 61.46
CA TYR F 144 -66.37 -14.58 60.75
C TYR F 144 -66.98 -15.89 60.27
N PRO F 145 -66.78 -16.27 59.00
CA PRO F 145 -66.03 -15.52 58.00
C PRO F 145 -66.82 -14.36 57.40
N GLY F 146 -66.21 -13.62 56.47
CA GLY F 146 -66.87 -12.50 55.85
C GLY F 146 -67.83 -12.88 54.74
N ALA F 147 -68.95 -13.50 55.11
CA ALA F 147 -69.95 -13.93 54.12
C ALA F 147 -71.31 -13.99 54.81
N VAL F 148 -72.16 -13.00 54.54
CA VAL F 148 -73.50 -12.93 55.09
C VAL F 148 -74.46 -12.50 53.99
N THR F 149 -75.70 -12.97 54.09
CA THR F 149 -76.77 -12.57 53.18
C THR F 149 -77.79 -11.73 53.95
N VAL F 150 -77.91 -10.46 53.55
CA VAL F 150 -78.76 -9.49 54.25
C VAL F 150 -80.07 -9.36 53.48
N ALA F 151 -81.17 -9.24 54.22
CA ALA F 151 -82.48 -9.07 53.62
C ALA F 151 -83.31 -8.11 54.48
N TRP F 152 -84.36 -7.57 53.88
CA TRP F 152 -85.26 -6.65 54.54
C TRP F 152 -86.69 -7.10 54.29
N LYS F 153 -87.60 -6.60 55.13
CA LYS F 153 -89.02 -6.91 54.98
C LYS F 153 -89.83 -5.67 55.35
N ALA F 154 -91.11 -5.68 54.95
CA ALA F 154 -92.11 -4.77 55.51
C ALA F 154 -93.23 -5.65 56.07
N ASP F 155 -92.95 -6.23 57.24
CA ASP F 155 -93.89 -6.98 58.08
C ASP F 155 -94.38 -8.27 57.42
N SER F 156 -94.28 -8.39 56.10
CA SER F 156 -94.54 -9.66 55.44
C SER F 156 -93.79 -9.88 54.13
N SER F 157 -93.00 -8.93 53.64
CA SER F 157 -92.53 -8.97 52.26
C SER F 157 -91.32 -8.07 52.10
N PRO F 158 -90.40 -8.40 51.19
CA PRO F 158 -89.17 -7.61 51.04
C PRO F 158 -89.40 -6.24 50.41
N GLY F 162 -83.51 1.09 45.13
CA GLY F 162 -82.07 1.12 44.95
C GLY F 162 -81.38 0.65 46.23
N VAL F 163 -80.58 -0.41 46.13
CA VAL F 163 -80.05 -1.05 47.33
C VAL F 163 -78.54 -0.89 47.42
N GLU F 164 -77.81 -1.52 46.50
CA GLU F 164 -76.38 -1.35 46.28
C GLU F 164 -75.60 -1.15 47.59
N THR F 165 -75.64 -2.16 48.45
CA THR F 165 -74.87 -2.11 49.69
C THR F 165 -73.94 -3.30 49.79
N THR F 166 -72.67 -3.03 50.07
CA THR F 166 -71.68 -4.07 50.33
C THR F 166 -70.41 -3.44 50.89
N THR F 167 -69.88 -3.98 51.98
CA THR F 167 -68.53 -3.60 52.37
C THR F 167 -67.90 -4.60 53.34
N PRO F 168 -67.70 -5.86 52.93
CA PRO F 168 -67.09 -6.86 53.86
C PRO F 168 -65.58 -6.76 53.95
N SER F 169 -65.10 -5.75 54.65
CA SER F 169 -63.68 -5.57 54.88
C SER F 169 -63.29 -6.23 56.19
N LYS F 170 -62.01 -6.11 56.57
CA LYS F 170 -61.50 -6.71 57.78
C LYS F 170 -61.65 -5.74 58.96
N GLN F 171 -61.32 -6.23 60.14
CA GLN F 171 -61.35 -5.40 61.34
C GLN F 171 -60.04 -5.52 62.12
N SER F 172 -60.01 -4.97 63.33
CA SER F 172 -58.85 -5.04 64.20
C SER F 172 -58.87 -6.26 65.11
N ASN F 173 -60.05 -6.63 65.61
CA ASN F 173 -60.16 -7.77 66.51
C ASN F 173 -60.46 -9.06 65.76
N ASN F 174 -59.67 -9.34 64.72
CA ASN F 174 -59.72 -10.61 63.98
C ASN F 174 -61.10 -10.90 63.40
N LYS F 175 -61.89 -9.86 63.10
CA LYS F 175 -63.25 -10.06 62.63
C LYS F 175 -63.55 -9.19 61.41
N TYR F 176 -64.82 -9.16 61.00
CA TYR F 176 -65.24 -8.49 59.76
C TYR F 176 -66.34 -7.47 60.08
N ALA F 177 -66.75 -6.74 59.05
CA ALA F 177 -67.73 -5.66 59.21
C ALA F 177 -68.47 -5.48 57.89
N ALA F 178 -69.60 -4.76 57.96
CA ALA F 178 -70.44 -4.50 56.78
C ALA F 178 -71.52 -3.50 57.16
N SER F 179 -72.17 -2.94 56.13
CA SER F 179 -73.21 -1.93 56.34
C SER F 179 -74.25 -2.04 55.22
N SER F 180 -75.46 -1.54 55.51
CA SER F 180 -76.58 -1.61 54.57
C SER F 180 -77.51 -0.43 54.74
N TYR F 181 -77.74 0.33 53.66
CA TYR F 181 -78.50 1.58 53.72
C TYR F 181 -79.82 1.54 52.95
N LEU F 182 -79.79 1.27 51.65
CA LEU F 182 -80.93 0.90 50.79
C LEU F 182 -81.93 2.00 50.42
N SER F 183 -81.81 3.23 50.94
CA SER F 183 -82.41 4.43 50.33
C SER F 183 -83.94 4.31 50.16
N LEU F 184 -84.63 4.31 51.30
CA LEU F 184 -86.09 4.33 51.29
C LEU F 184 -86.62 5.76 51.20
N THR F 185 -87.96 5.89 51.24
CA THR F 185 -88.64 7.18 51.18
C THR F 185 -89.83 7.17 52.14
N PRO F 186 -90.16 8.33 52.74
CA PRO F 186 -91.34 8.39 53.63
C PRO F 186 -92.64 7.88 53.01
N GLU F 187 -92.79 7.97 51.69
CA GLU F 187 -93.99 7.42 51.06
C GLU F 187 -94.10 5.92 51.27
N GLN F 188 -92.98 5.25 51.59
CA GLN F 188 -92.96 3.85 51.98
C GLN F 188 -92.63 3.66 53.46
N TRP F 189 -92.26 4.72 54.17
CA TRP F 189 -91.92 4.62 55.59
C TRP F 189 -93.10 4.89 56.51
N LYS F 190 -93.96 5.84 56.15
CA LYS F 190 -95.08 6.20 57.02
C LYS F 190 -96.24 5.22 56.86
N SER F 191 -96.48 4.74 55.63
CA SER F 191 -97.61 3.85 55.39
C SER F 191 -97.38 2.48 55.99
N HIS F 192 -96.19 1.91 55.78
CA HIS F 192 -95.90 0.59 56.31
C HIS F 192 -95.64 0.67 57.82
N ARG F 193 -95.98 -0.43 58.51
CA ARG F 193 -95.91 -0.44 59.97
C ARG F 193 -94.47 -0.35 60.47
N SER F 194 -93.64 -1.32 60.11
CA SER F 194 -92.27 -1.39 60.60
C SER F 194 -91.38 -1.96 59.51
N TYR F 195 -90.07 -1.88 59.75
CA TYR F 195 -89.07 -2.47 58.87
C TYR F 195 -88.07 -3.24 59.71
N SER F 196 -87.83 -4.50 59.33
CA SER F 196 -86.99 -5.41 60.09
C SER F 196 -85.79 -5.81 59.23
N CYS F 197 -84.61 -5.33 59.61
CA CYS F 197 -83.37 -5.73 58.96
C CYS F 197 -82.98 -7.11 59.48
N GLN F 198 -82.93 -8.09 58.57
CA GLN F 198 -82.56 -9.45 58.92
C GLN F 198 -81.25 -9.82 58.23
N VAL F 199 -80.40 -10.54 58.96
CA VAL F 199 -79.10 -10.98 58.46
C VAL F 199 -79.02 -12.49 58.62
N THR F 200 -78.44 -13.16 57.62
CA THR F 200 -78.23 -14.60 57.66
C THR F 200 -76.74 -14.86 57.62
N HIS F 201 -76.21 -15.45 58.70
CA HIS F 201 -74.81 -15.83 58.81
C HIS F 201 -74.76 -17.32 59.09
N GLU F 202 -74.44 -18.11 58.06
CA GLU F 202 -74.37 -19.57 58.16
C GLU F 202 -75.71 -20.18 58.56
N GLY F 203 -76.80 -19.50 58.22
CA GLY F 203 -78.13 -20.03 58.49
C GLY F 203 -78.72 -19.63 59.83
N SER F 204 -78.71 -18.33 60.13
CA SER F 204 -79.28 -17.83 61.37
C SER F 204 -79.82 -16.43 61.12
N THR F 205 -81.11 -16.24 61.39
CA THR F 205 -81.79 -14.96 61.11
C THR F 205 -81.63 -14.06 62.34
N VAL F 206 -80.64 -13.17 62.28
CA VAL F 206 -80.47 -12.14 63.30
C VAL F 206 -81.23 -10.90 62.84
N GLU F 207 -82.24 -10.51 63.59
CA GLU F 207 -83.20 -9.50 63.17
C GLU F 207 -83.17 -8.30 64.12
N LYS F 208 -83.30 -7.11 63.55
CA LYS F 208 -83.47 -5.88 64.31
C LYS F 208 -84.59 -5.08 63.66
N THR F 209 -85.62 -4.74 64.43
CA THR F 209 -86.83 -4.12 63.93
C THR F 209 -86.93 -2.67 64.41
N VAL F 210 -87.36 -1.79 63.50
CA VAL F 210 -87.61 -0.39 63.82
C VAL F 210 -88.97 0.01 63.27
N ALA F 211 -89.54 1.04 63.89
CA ALA F 211 -90.86 1.55 63.54
C ALA F 211 -90.92 3.02 63.90
N PRO F 212 -91.87 3.77 63.33
CA PRO F 212 -91.97 5.20 63.68
C PRO F 212 -92.42 5.43 65.11
N THR F 213 -91.54 5.15 66.06
CA THR F 213 -91.85 5.30 67.48
C THR F 213 -90.57 5.43 68.31
N LYS G 1 0.20 17.32 -49.25
CA LYS G 1 0.64 16.25 -48.36
C LYS G 1 -0.35 16.09 -47.21
N PRO G 2 -0.58 14.85 -46.78
CA PRO G 2 -1.56 14.60 -45.72
C PRO G 2 -1.09 15.12 -44.37
N ASN G 3 -2.04 15.22 -43.46
CA ASN G 3 -1.70 15.63 -42.10
C ASN G 3 -0.99 14.51 -41.37
N VAL G 4 -0.07 14.89 -40.47
CA VAL G 4 0.64 13.92 -39.65
C VAL G 4 -0.36 13.25 -38.70
N GLU G 5 -0.37 11.93 -38.69
CA GLU G 5 -1.32 11.17 -37.90
C GLU G 5 -0.59 10.14 -37.05
N VAL G 6 -1.26 9.72 -35.98
CA VAL G 6 -0.69 8.74 -35.06
C VAL G 6 -0.52 7.41 -35.77
N TRP G 7 0.57 6.71 -35.47
CA TRP G 7 0.75 5.38 -36.04
C TRP G 7 -0.34 4.46 -35.52
N PRO G 8 -0.96 3.64 -36.39
CA PRO G 8 -2.04 2.76 -35.95
C PRO G 8 -1.55 1.78 -34.89
N VAL G 9 -2.49 1.37 -34.03
CA VAL G 9 -2.19 0.47 -32.92
C VAL G 9 -3.07 -0.77 -33.06
N ASP G 10 -2.75 -1.79 -32.25
CA ASP G 10 -3.44 -3.06 -32.20
C ASP G 10 -4.64 -2.99 -31.24
N PRO G 11 -5.67 -3.79 -31.49
CA PRO G 11 -6.83 -3.79 -30.59
C PRO G 11 -6.43 -4.24 -29.19
N PRO G 12 -7.19 -3.84 -28.18
CA PRO G 12 -6.86 -4.23 -26.80
C PRO G 12 -6.91 -5.73 -26.62
N PRO G 13 -6.17 -6.26 -25.64
CA PRO G 13 -6.19 -7.71 -25.40
C PRO G 13 -7.54 -8.16 -24.89
N PRO G 14 -7.82 -9.46 -24.95
CA PRO G 14 -9.12 -9.98 -24.50
C PRO G 14 -9.26 -10.02 -22.99
N VAL G 15 -9.77 -8.93 -22.39
CA VAL G 15 -9.98 -8.81 -20.95
C VAL G 15 -10.65 -10.06 -20.38
N ASN G 16 -10.17 -10.53 -19.23
CA ASN G 16 -10.52 -11.86 -18.74
C ASN G 16 -12.01 -11.97 -18.45
N PHE G 17 -12.51 -11.20 -17.48
CA PHE G 17 -13.89 -11.18 -17.01
C PHE G 17 -14.29 -12.46 -16.26
N ASN G 18 -13.42 -13.46 -16.19
CA ASN G 18 -13.73 -14.74 -15.55
C ASN G 18 -12.60 -15.16 -14.64
N LYS G 19 -12.13 -14.22 -13.82
CA LYS G 19 -11.06 -14.47 -12.86
C LYS G 19 -11.56 -14.08 -11.47
N THR G 20 -11.40 -14.99 -10.51
CA THR G 20 -11.99 -14.81 -9.19
C THR G 20 -10.98 -14.14 -8.25
N ALA G 21 -11.32 -14.08 -6.96
CA ALA G 21 -10.52 -13.32 -6.01
C ALA G 21 -9.18 -13.99 -5.76
N GLU G 22 -9.19 -15.29 -5.45
CA GLU G 22 -7.94 -15.95 -5.08
C GLU G 22 -6.95 -15.97 -6.23
N GLN G 23 -7.44 -15.98 -7.47
CA GLN G 23 -6.55 -15.95 -8.63
C GLN G 23 -5.96 -14.57 -8.86
N GLU G 24 -6.62 -13.52 -8.38
CA GLU G 24 -6.15 -12.16 -8.58
C GLU G 24 -5.27 -11.68 -7.42
N TYR G 25 -5.76 -11.82 -6.18
CA TYR G 25 -5.05 -11.28 -5.02
C TYR G 25 -4.11 -12.30 -4.39
N GLY G 26 -4.64 -13.42 -3.92
CA GLY G 26 -3.78 -14.43 -3.33
C GLY G 26 -4.35 -15.12 -2.11
N ASP G 27 -3.52 -15.28 -1.08
CA ASP G 27 -3.90 -16.08 0.07
C ASP G 27 -4.78 -15.33 1.06
N LYS G 28 -4.85 -14.00 0.98
CA LYS G 28 -5.72 -13.17 1.80
C LYS G 28 -5.23 -13.11 3.25
N GLU G 29 -4.22 -13.91 3.58
CA GLU G 29 -3.63 -13.93 4.92
C GLU G 29 -2.17 -13.53 4.78
N VAL G 30 -1.89 -12.25 4.99
CA VAL G 30 -0.56 -11.69 4.77
C VAL G 30 0.06 -11.31 6.11
N LYS G 31 1.39 -11.32 6.14
CA LYS G 31 2.16 -10.84 7.28
C LYS G 31 2.84 -9.53 6.89
N LEU G 32 2.65 -8.51 7.71
CA LEU G 32 3.25 -7.21 7.43
C LEU G 32 4.73 -7.24 7.77
N PRO G 33 5.62 -6.86 6.83
CA PRO G 33 7.07 -6.88 7.05
C PRO G 33 7.53 -5.84 8.05
#